data_7P0N
#
_entry.id   7P0N
#
_cell.length_a   81.360
_cell.length_b   114.570
_cell.length_c   220.980
_cell.angle_alpha   90.000
_cell.angle_beta   90.000
_cell.angle_gamma   90.000
#
_symmetry.space_group_name_H-M   'P 21 21 2'
#
loop_
_entity.id
_entity.type
_entity.pdbx_description
1 polymer 'Indoleamine 2,3-dioxygenase 1'
2 non-polymer 'PROTOPORPHYRIN IX CONTAINING FE'
3 non-polymer "N'-Formylkynurenine"
4 non-polymer 'PHOSPHATE ION'
5 non-polymer GLYCEROL
6 non-polymer 'OXYGEN MOLECULE'
7 non-polymer TRYPTOPHAN
8 non-polymer 'CHLORIDE ION'
9 water water
#
_entity_poly.entity_id   1
_entity_poly.type   'polypeptide(L)'
_entity_poly.pdbx_seq_one_letter_code
;MGSSHHHHHHSSGSAAYHIDEEVGFALPNPQENLPDFYNDWMFIAKHLPDLIESGQLRERVEKLNMLSIDHLTDHKSQRL
ARLVLGCITMAYVWGKGHGDVRKVLPRNIAVPYCQLSAALELPPILVYADCVLANWKKKDPNKPLTYENMDVLFSFRDGD
CSKGFFLVSLLVEIAAASAIKVIPTVFKAMQMQERDTLLKALLEIASCLEKALQVFHQIHDHVNPKAFFSVLRIYLSGWK
GNPQLSDGLVYEGFWEDPKEFAGGSAGQSSVFQCFDVLLGIQQTAGGGHAAQFLQDMRRYMPPAHRNFLCSLESNPSVRE
FVLSKGDAGLREAYDACVKALVSLRSYHLQIVTKYILIPASQQPKENKTSEDPSKLEAKGTGGTDLMNFLKTVRSTTEKS
LLKEG
;
_entity_poly.pdbx_strand_id   A,B,C,D
#
loop_
_chem_comp.id
_chem_comp.type
_chem_comp.name
_chem_comp.formula
CL non-polymer 'CHLORIDE ION' 'Cl -1'
GOL non-polymer GLYCEROL 'C3 H8 O3'
HEM non-polymer 'PROTOPORPHYRIN IX CONTAINING FE' 'C34 H32 Fe N4 O4'
NFK non-polymer N'-Formylkynurenine 'C11 H12 N2 O4'
OXY non-polymer 'OXYGEN MOLECULE' O2
PO4 non-polymer 'PHOSPHATE ION' 'O4 P -3'
#
# COMPACT_ATOMS: atom_id res chain seq x y z
N ALA A 16 13.78 33.28 -16.67
CA ALA A 16 12.60 33.31 -17.54
C ALA A 16 11.31 33.46 -16.69
N TYR A 17 11.28 32.75 -15.55
CA TYR A 17 10.25 32.91 -14.53
C TYR A 17 10.87 33.25 -13.17
N HIS A 18 12.00 33.98 -13.17
CA HIS A 18 12.76 34.28 -11.96
C HIS A 18 13.06 33.00 -11.19
N ILE A 19 13.48 31.97 -11.91
CA ILE A 19 14.02 30.75 -11.33
C ILE A 19 15.50 30.67 -11.69
N ASP A 20 16.33 30.33 -10.70
CA ASP A 20 17.77 30.28 -10.88
C ASP A 20 18.23 28.83 -11.05
N GLU A 21 19.31 28.66 -11.81
CA GLU A 21 19.86 27.33 -12.03
C GLU A 21 20.45 26.77 -10.76
N GLU A 22 21.15 27.60 -10.00
CA GLU A 22 21.85 27.14 -8.81
C GLU A 22 20.98 27.23 -7.57
N VAL A 23 20.15 28.26 -7.44
CA VAL A 23 19.39 28.46 -6.21
C VAL A 23 17.88 28.42 -6.43
N GLY A 24 17.42 28.19 -7.66
CA GLY A 24 16.03 27.89 -7.90
C GLY A 24 15.04 29.01 -7.62
N PHE A 25 14.10 28.76 -6.69
CA PHE A 25 13.18 29.81 -6.26
C PHE A 25 13.85 30.85 -5.38
N ALA A 26 15.11 30.66 -4.99
CA ALA A 26 15.77 31.59 -4.09
C ALA A 26 16.28 32.78 -4.89
N LEU A 27 16.49 33.90 -4.18
CA LEU A 27 16.99 35.10 -4.81
C LEU A 27 18.51 35.03 -4.88
N PRO A 28 19.11 35.08 -6.07
CA PRO A 28 20.57 35.00 -6.18
C PRO A 28 21.25 36.25 -5.64
N ASN A 29 22.30 36.03 -4.83
CA ASN A 29 23.07 37.03 -4.08
C ASN A 29 22.23 38.25 -3.70
N PRO A 30 21.50 38.18 -2.59
CA PRO A 30 20.69 39.33 -2.17
C PRO A 30 21.53 40.56 -1.89
N GLN A 31 20.92 41.72 -2.06
CA GLN A 31 21.53 42.94 -1.62
C GLN A 31 21.64 42.92 -0.09
N GLU A 32 22.78 43.36 0.43
CA GLU A 32 22.87 43.48 1.89
C GLU A 32 22.69 44.90 2.37
N ASN A 33 22.86 45.90 1.51
CA ASN A 33 22.82 47.29 1.95
C ASN A 33 21.65 47.99 1.30
N LEU A 34 21.01 48.88 2.06
CA LEU A 34 20.08 49.85 1.51
C LEU A 34 20.75 51.19 1.38
N PRO A 35 20.27 52.05 0.48
CA PRO A 35 20.83 53.40 0.37
C PRO A 35 20.83 54.13 1.72
N ASP A 36 21.81 55.04 1.88
CA ASP A 36 21.95 55.78 3.13
C ASP A 36 20.65 56.46 3.56
N PHE A 37 19.78 56.79 2.60
CA PHE A 37 18.48 57.36 2.92
C PHE A 37 17.70 56.55 3.96
N TYR A 38 17.83 55.22 3.97
CA TYR A 38 16.98 54.35 4.78
C TYR A 38 17.69 53.83 6.03
N ASN A 39 18.79 54.45 6.43
CA ASN A 39 19.56 53.92 7.56
C ASN A 39 18.70 53.72 8.80
N ASP A 40 17.72 54.59 9.04
CA ASP A 40 16.90 54.44 10.24
C ASP A 40 16.15 53.10 10.26
N TRP A 41 15.71 52.61 9.09
CA TRP A 41 15.09 51.30 9.04
C TRP A 41 16.14 50.22 9.28
N MET A 42 17.23 50.27 8.51
CA MET A 42 18.28 49.27 8.64
C MET A 42 18.76 49.16 10.08
N PHE A 43 18.99 50.30 10.74
CA PHE A 43 19.48 50.23 12.11
C PHE A 43 18.52 49.44 13.01
N ILE A 44 17.23 49.73 12.94
CA ILE A 44 16.28 49.05 13.82
C ILE A 44 16.22 47.57 13.47
N ALA A 45 16.21 47.25 12.18
CA ALA A 45 16.08 45.86 11.75
C ALA A 45 17.30 45.03 12.21
N LYS A 46 18.51 45.60 12.13
CA LYS A 46 19.73 44.91 12.54
C LYS A 46 19.88 44.78 14.06
N HIS A 47 19.03 45.46 14.85
CA HIS A 47 19.17 45.43 16.29
C HIS A 47 17.88 45.02 16.99
N LEU A 48 17.01 44.28 16.30
CA LEU A 48 15.80 43.76 16.92
C LEU A 48 16.06 43.03 18.23
N PRO A 49 17.04 42.11 18.33
CA PRO A 49 17.24 41.41 19.62
C PRO A 49 17.51 42.35 20.79
N ASP A 50 18.37 43.36 20.63
CA ASP A 50 18.53 44.38 21.67
C ASP A 50 17.22 45.12 21.93
N LEU A 51 16.68 45.77 20.87
CA LEU A 51 15.54 46.66 21.03
C LEU A 51 14.31 45.96 21.60
N ILE A 52 14.06 44.72 21.19
CA ILE A 52 12.95 43.97 21.75
C ILE A 52 13.22 43.67 23.23
N GLU A 53 14.36 43.04 23.52
CA GLU A 53 14.70 42.71 24.91
C GLU A 53 14.62 43.94 25.81
N SER A 54 15.26 45.03 25.40
CA SER A 54 15.16 46.19 26.29
C SER A 54 13.77 46.86 26.30
N GLY A 55 12.70 46.38 25.66
CA GLY A 55 11.44 47.12 25.66
C GLY A 55 11.50 48.50 25.06
N GLN A 56 12.29 48.68 24.01
CA GLN A 56 12.35 49.96 23.33
C GLN A 56 11.90 49.90 21.88
N LEU A 57 11.67 48.70 21.34
CA LEU A 57 11.46 48.61 19.90
C LEU A 57 10.28 49.47 19.45
N ARG A 58 9.14 49.37 20.14
CA ARG A 58 7.95 50.09 19.73
C ARG A 58 8.16 51.60 19.78
N GLU A 59 8.83 52.08 20.84
CA GLU A 59 9.12 53.51 20.93
C GLU A 59 9.96 53.98 19.76
N ARG A 60 10.94 53.17 19.34
CA ARG A 60 11.75 53.57 18.18
C ARG A 60 10.91 53.59 16.90
N VAL A 61 10.01 52.62 16.73
CA VAL A 61 9.21 52.58 15.50
C VAL A 61 8.34 53.82 15.39
N GLU A 62 7.65 54.16 16.49
CA GLU A 62 6.78 55.33 16.52
C GLU A 62 7.55 56.63 16.28
N LYS A 63 8.81 56.71 16.70
CA LYS A 63 9.57 57.94 16.46
C LYS A 63 10.10 58.06 15.03
N LEU A 64 9.90 57.07 14.17
CA LEU A 64 10.40 57.15 12.81
C LEU A 64 9.65 58.24 12.02
N ASN A 65 10.30 58.72 10.96
CA ASN A 65 9.66 59.57 9.97
C ASN A 65 9.26 58.75 8.75
N MET A 66 8.21 59.21 8.07
CA MET A 66 7.83 58.68 6.77
C MET A 66 8.96 58.82 5.76
N LEU A 67 9.45 57.68 5.25
CA LEU A 67 10.50 57.65 4.25
C LEU A 67 9.93 57.12 2.93
N SER A 68 9.91 57.98 1.91
CA SER A 68 9.44 57.60 0.58
C SER A 68 10.20 56.39 0.05
N ILE A 69 9.51 55.57 -0.74
CA ILE A 69 10.09 54.38 -1.32
C ILE A 69 10.75 54.71 -2.65
N ASP A 70 10.80 55.99 -3.01
CA ASP A 70 11.18 56.35 -4.37
C ASP A 70 12.63 56.00 -4.68
N HIS A 71 13.49 55.89 -3.67
CA HIS A 71 14.90 55.61 -3.91
C HIS A 71 15.24 54.13 -3.84
N LEU A 72 14.24 53.27 -3.87
CA LEU A 72 14.47 51.85 -4.07
C LEU A 72 14.14 51.57 -5.53
N THR A 73 15.16 51.57 -6.39
CA THR A 73 14.94 51.55 -7.84
C THR A 73 15.34 50.24 -8.51
N ASP A 74 15.89 49.26 -7.80
CA ASP A 74 16.11 47.94 -8.36
C ASP A 74 15.49 46.88 -7.47
N HIS A 75 15.20 45.74 -8.10
CA HIS A 75 14.42 44.67 -7.49
C HIS A 75 15.07 44.11 -6.22
N LYS A 76 16.38 43.85 -6.26
CA LYS A 76 17.03 43.27 -5.08
C LYS A 76 17.02 44.24 -3.89
N SER A 77 17.03 45.55 -4.15
CA SER A 77 16.97 46.51 -3.07
C SER A 77 15.55 46.68 -2.55
N GLN A 78 14.55 46.44 -3.40
CA GLN A 78 13.16 46.40 -2.91
C GLN A 78 12.90 45.13 -2.13
N ARG A 79 13.48 44.01 -2.60
CA ARG A 79 13.45 42.78 -1.82
C ARG A 79 14.04 43.01 -0.44
N LEU A 80 15.21 43.65 -0.38
CA LEU A 80 15.82 43.83 0.92
C LEU A 80 14.96 44.74 1.79
N ALA A 81 14.39 45.79 1.19
CA ALA A 81 13.60 46.75 1.95
C ALA A 81 12.33 46.10 2.50
N ARG A 82 11.82 45.06 1.82
CA ARG A 82 10.64 44.38 2.32
C ARG A 82 10.98 43.44 3.48
N LEU A 83 12.14 42.80 3.41
CA LEU A 83 12.65 42.00 4.52
C LEU A 83 12.84 42.86 5.77
N VAL A 84 13.43 44.05 5.61
CA VAL A 84 13.61 44.97 6.74
C VAL A 84 12.25 45.36 7.31
N LEU A 85 11.37 45.86 6.44
CA LEU A 85 10.07 46.36 6.90
C LEU A 85 9.23 45.21 7.44
N GLY A 86 9.31 44.03 6.81
CA GLY A 86 8.60 42.87 7.34
C GLY A 86 9.07 42.48 8.74
N CYS A 87 10.39 42.50 8.97
CA CYS A 87 10.89 42.10 10.28
C CYS A 87 10.52 43.14 11.34
N ILE A 88 10.66 44.43 11.02
CA ILE A 88 10.19 45.46 11.96
C ILE A 88 8.70 45.28 12.26
N THR A 89 7.90 44.93 11.24
CA THR A 89 6.46 44.82 11.45
C THR A 89 6.15 43.68 12.42
N MET A 90 6.74 42.50 12.20
CA MET A 90 6.57 41.36 13.12
C MET A 90 6.96 41.75 14.54
N ALA A 91 8.13 42.38 14.71
CA ALA A 91 8.60 42.70 16.05
C ALA A 91 7.66 43.69 16.73
N TYR A 92 7.23 44.72 15.99
CA TYR A 92 6.37 45.75 16.55
C TYR A 92 5.04 45.16 16.99
N VAL A 93 4.43 44.33 16.15
CA VAL A 93 3.10 43.81 16.46
C VAL A 93 3.14 42.95 17.72
N TRP A 94 4.08 42.00 17.77
CA TRP A 94 4.14 40.98 18.81
C TRP A 94 4.98 41.39 20.03
N GLY A 95 5.92 42.31 19.87
CA GLY A 95 6.74 42.70 21.02
C GLY A 95 7.56 41.55 21.56
N LYS A 96 7.53 41.38 22.88
CA LYS A 96 8.25 40.26 23.49
C LYS A 96 7.51 38.94 23.34
N GLY A 97 6.35 38.93 22.69
CA GLY A 97 5.59 37.71 22.65
C GLY A 97 4.81 37.41 23.91
N HIS A 98 4.77 38.34 24.86
CA HIS A 98 4.11 38.10 26.15
C HIS A 98 2.63 38.43 26.11
N GLY A 99 1.96 38.21 24.97
CA GLY A 99 0.56 38.52 24.82
C GLY A 99 0.22 40.00 24.72
N ASP A 100 1.20 40.89 24.85
CA ASP A 100 0.98 42.34 24.77
C ASP A 100 1.16 42.76 23.31
N VAL A 101 0.05 42.80 22.56
CA VAL A 101 0.09 43.01 21.11
C VAL A 101 -0.22 44.47 20.77
N ARG A 102 0.25 44.92 19.61
CA ARG A 102 -0.17 46.17 19.01
C ARG A 102 -1.07 45.85 17.83
N LYS A 103 -2.27 46.43 17.83
CA LYS A 103 -3.25 46.18 16.78
C LYS A 103 -3.19 47.20 15.65
N VAL A 104 -2.31 48.19 15.72
CA VAL A 104 -2.22 49.20 14.67
C VAL A 104 -0.77 49.41 14.29
N LEU A 105 -0.46 49.18 13.02
CA LEU A 105 0.87 49.46 12.48
C LEU A 105 1.00 50.96 12.20
N PRO A 106 1.94 51.66 12.82
CA PRO A 106 2.00 53.13 12.67
C PRO A 106 2.14 53.57 11.23
N ARG A 107 1.58 54.74 10.94
CA ARG A 107 1.44 55.23 9.57
C ARG A 107 2.78 55.30 8.86
N ASN A 108 3.80 55.81 9.55
CA ASN A 108 5.11 56.01 8.95
C ASN A 108 5.82 54.72 8.55
N ILE A 109 5.38 53.56 9.02
CA ILE A 109 5.86 52.29 8.49
C ILE A 109 4.86 51.65 7.56
N ALA A 110 3.57 51.71 7.91
CA ALA A 110 2.56 50.97 7.16
C ALA A 110 2.42 51.46 5.72
N VAL A 111 2.54 52.77 5.48
CA VAL A 111 2.31 53.29 4.13
C VAL A 111 3.41 52.81 3.19
N PRO A 112 4.70 53.11 3.43
CA PRO A 112 5.71 52.67 2.46
C PRO A 112 5.81 51.16 2.35
N TYR A 113 5.49 50.44 3.43
CA TYR A 113 5.47 48.99 3.37
C TYR A 113 4.37 48.49 2.43
N CYS A 114 3.15 49.01 2.59
CA CYS A 114 2.05 48.63 1.70
C CYS A 114 2.34 49.04 0.25
N GLN A 115 2.99 50.20 0.06
CA GLN A 115 3.29 50.67 -1.28
C GLN A 115 4.33 49.79 -1.97
N LEU A 116 5.38 49.42 -1.23
CA LEU A 116 6.42 48.54 -1.76
C LEU A 116 5.85 47.14 -2.04
N SER A 117 5.02 46.64 -1.13
CA SER A 117 4.36 45.36 -1.30
C SER A 117 3.46 45.32 -2.54
N ALA A 118 2.78 46.44 -2.84
CA ALA A 118 1.96 46.50 -4.05
C ALA A 118 2.82 46.47 -5.31
N ALA A 119 3.93 47.19 -5.30
CA ALA A 119 4.89 47.13 -6.41
C ALA A 119 5.49 45.72 -6.59
N LEU A 120 5.71 44.96 -5.50
CA LEU A 120 6.25 43.62 -5.61
C LEU A 120 5.17 42.53 -5.68
N GLU A 121 3.90 42.93 -5.62
CA GLU A 121 2.75 42.03 -5.73
C GLU A 121 2.73 40.98 -4.62
N LEU A 122 3.09 41.41 -3.41
CA LEU A 122 3.08 40.55 -2.24
C LEU A 122 2.27 41.18 -1.12
N PRO A 123 1.67 40.36 -0.25
CA PRO A 123 0.92 40.91 0.88
C PRO A 123 1.86 41.68 1.81
N PRO A 124 1.33 42.72 2.52
CA PRO A 124 2.16 43.41 3.55
C PRO A 124 2.40 42.60 4.83
N ILE A 125 2.94 41.40 4.70
CA ILE A 125 3.36 40.62 5.86
C ILE A 125 4.65 39.89 5.48
N LEU A 126 5.44 39.55 6.50
CA LEU A 126 6.66 38.79 6.25
C LEU A 126 6.34 37.42 5.66
N VAL A 127 6.90 37.12 4.50
CA VAL A 127 6.66 35.84 3.86
C VAL A 127 7.97 35.07 3.71
N TYR A 128 7.83 33.80 3.32
CA TYR A 128 8.97 32.90 3.08
C TYR A 128 9.94 33.48 2.06
N ALA A 129 9.43 34.19 1.06
CA ALA A 129 10.31 34.80 0.08
C ALA A 129 11.11 35.93 0.69
N ASP A 130 10.65 36.49 1.82
CA ASP A 130 11.43 37.48 2.55
C ASP A 130 12.49 36.81 3.43
N CYS A 131 12.05 35.97 4.37
CA CYS A 131 12.90 35.63 5.49
C CYS A 131 13.73 34.38 5.26
N VAL A 132 13.50 33.66 4.13
CA VAL A 132 14.33 32.56 3.67
C VAL A 132 14.95 32.88 2.31
N LEU A 133 14.14 33.16 1.29
CA LEU A 133 14.67 33.22 -0.08
C LEU A 133 15.56 34.43 -0.32
N ALA A 134 15.41 35.50 0.46
CA ALA A 134 16.18 36.74 0.31
C ALA A 134 17.02 37.12 1.52
N ASN A 135 17.08 36.29 2.56
CA ASN A 135 17.66 36.64 3.85
C ASN A 135 18.96 35.84 4.09
N TRP A 136 19.90 35.91 3.15
CA TRP A 136 21.09 35.09 3.27
C TRP A 136 22.26 35.71 2.54
N LYS A 137 23.46 35.32 2.96
CA LYS A 137 24.71 35.71 2.29
C LYS A 137 25.72 34.57 2.38
N LYS A 138 26.60 34.52 1.39
CA LYS A 138 27.79 33.69 1.46
C LYS A 138 28.84 34.36 2.36
N LYS A 139 29.36 33.63 3.34
CA LYS A 139 30.45 34.17 4.14
C LYS A 139 31.67 34.46 3.29
N ASP A 140 32.07 33.50 2.47
CA ASP A 140 33.13 33.65 1.48
C ASP A 140 32.55 33.32 0.13
N PRO A 141 32.55 34.24 -0.84
CA PRO A 141 31.87 33.96 -2.11
C PRO A 141 32.58 32.93 -2.95
N ASN A 142 33.87 32.73 -2.73
CA ASN A 142 34.64 31.81 -3.56
C ASN A 142 34.44 30.35 -3.18
N LYS A 143 33.83 30.07 -2.02
CA LYS A 143 33.44 28.79 -1.44
C LYS A 143 31.94 28.58 -1.59
N PRO A 144 31.51 27.34 -1.87
CA PRO A 144 30.13 27.12 -2.34
C PRO A 144 29.07 27.19 -1.25
N LEU A 145 27.83 26.85 -1.63
CA LEU A 145 26.65 27.05 -0.77
C LEU A 145 26.49 25.87 0.17
N THR A 146 27.13 25.97 1.33
CA THR A 146 26.90 25.07 2.45
C THR A 146 26.74 25.89 3.71
N TYR A 147 25.92 25.36 4.62
CA TYR A 147 25.62 26.00 5.89
C TYR A 147 26.81 26.70 6.51
N GLU A 148 27.95 25.98 6.59
CA GLU A 148 29.13 26.51 7.27
C GLU A 148 29.70 27.75 6.59
N ASN A 149 29.33 28.01 5.34
CA ASN A 149 29.79 29.18 4.61
C ASN A 149 28.68 30.22 4.38
N MET A 150 27.60 30.19 5.16
CA MET A 150 26.49 31.13 4.95
C MET A 150 26.02 31.76 6.26
N ASP A 151 25.32 32.89 6.15
CA ASP A 151 24.69 33.52 7.31
C ASP A 151 23.36 34.14 6.89
N VAL A 152 22.44 34.28 7.85
CA VAL A 152 21.22 35.05 7.61
C VAL A 152 21.53 36.53 7.79
N LEU A 153 20.62 37.38 7.30
CA LEU A 153 20.81 38.82 7.42
C LEU A 153 20.04 39.44 8.59
N PHE A 154 18.91 38.86 9.03
CA PHE A 154 18.23 39.40 10.20
C PHE A 154 17.76 38.29 11.12
N SER A 155 17.61 38.64 12.40
CA SER A 155 17.12 37.77 13.46
C SER A 155 16.22 38.56 14.41
N PHE A 156 15.51 37.84 15.27
CA PHE A 156 14.53 38.46 16.15
C PHE A 156 14.99 38.51 17.60
N ARG A 157 15.24 37.36 18.22
CA ARG A 157 15.70 37.29 19.60
C ARG A 157 16.99 36.49 19.67
N ASP A 158 17.81 36.78 20.67
CA ASP A 158 19.00 35.97 20.89
C ASP A 158 18.60 34.52 21.16
N GLY A 159 19.35 33.60 20.57
CA GLY A 159 19.03 32.19 20.69
C GLY A 159 17.66 31.83 20.18
N ASP A 160 17.23 32.47 19.09
CA ASP A 160 15.95 32.14 18.47
C ASP A 160 16.09 31.10 17.37
N CYS A 161 17.32 30.75 17.01
CA CYS A 161 17.61 29.72 16.02
C CYS A 161 17.16 30.12 14.62
N SER A 162 16.93 31.42 14.39
CA SER A 162 16.58 31.88 13.05
C SER A 162 17.63 31.47 12.03
N LYS A 163 18.92 31.48 12.41
CA LYS A 163 19.95 31.12 11.45
C LYS A 163 19.78 29.69 11.00
N GLY A 164 19.54 28.78 11.94
CA GLY A 164 19.36 27.38 11.58
C GLY A 164 18.09 27.18 10.78
N PHE A 165 16.96 27.67 11.28
CA PHE A 165 15.71 27.47 10.57
C PHE A 165 15.78 28.02 9.15
N PHE A 166 16.18 29.29 9.01
CA PHE A 166 16.16 29.91 7.70
C PHE A 166 17.15 29.23 6.75
N LEU A 167 18.39 29.04 7.19
CA LEU A 167 19.41 28.55 6.26
C LEU A 167 19.15 27.10 5.84
N VAL A 168 18.59 26.28 6.71
CA VAL A 168 18.37 24.91 6.29
C VAL A 168 17.20 24.86 5.31
N SER A 169 16.12 25.59 5.60
CA SER A 169 15.08 25.83 4.60
C SER A 169 15.64 26.24 3.25
N LEU A 170 16.50 27.25 3.25
CA LEU A 170 17.12 27.67 2.01
C LEU A 170 17.92 26.54 1.36
N LEU A 171 18.69 25.79 2.15
CA LEU A 171 19.50 24.72 1.59
C LEU A 171 18.64 23.57 1.04
N VAL A 172 17.49 23.30 1.66
CA VAL A 172 16.51 22.38 1.09
C VAL A 172 15.94 22.94 -0.22
N GLU A 173 15.67 24.25 -0.22
CA GLU A 173 15.24 24.99 -1.42
C GLU A 173 16.28 24.88 -2.55
N ILE A 174 17.56 25.07 -2.23
CA ILE A 174 18.63 24.97 -3.23
C ILE A 174 18.78 23.55 -3.74
N ALA A 175 18.58 22.55 -2.89
CA ALA A 175 18.69 21.16 -3.37
C ALA A 175 17.56 20.85 -4.35
N ALA A 176 16.33 21.27 -4.04
CA ALA A 176 15.24 21.08 -5.01
C ALA A 176 15.51 21.82 -6.32
N ALA A 177 16.36 22.85 -6.31
CA ALA A 177 16.62 23.62 -7.52
C ALA A 177 17.16 22.74 -8.64
N SER A 178 18.05 21.82 -8.29
CA SER A 178 18.69 20.95 -9.27
C SER A 178 17.73 19.98 -9.93
N ALA A 179 16.47 19.91 -9.48
CA ALA A 179 15.40 19.15 -10.13
C ALA A 179 14.58 20.02 -11.06
N ILE A 180 14.37 21.28 -10.68
CA ILE A 180 13.53 22.19 -11.45
C ILE A 180 14.16 22.47 -12.80
N LYS A 181 15.49 22.38 -12.91
CA LYS A 181 16.12 22.60 -14.22
C LYS A 181 15.94 21.42 -15.18
N VAL A 182 15.48 20.28 -14.69
CA VAL A 182 15.16 19.16 -15.58
C VAL A 182 13.77 19.31 -16.17
N ILE A 183 12.90 20.04 -15.46
CA ILE A 183 11.48 20.14 -15.83
C ILE A 183 11.29 20.50 -17.31
N PRO A 184 11.98 21.50 -17.87
CA PRO A 184 11.92 21.66 -19.34
C PRO A 184 12.16 20.38 -20.12
N THR A 185 13.17 19.57 -19.73
CA THR A 185 13.52 18.40 -20.51
C THR A 185 12.45 17.33 -20.46
N VAL A 186 11.76 17.21 -19.34
CA VAL A 186 10.59 16.32 -19.27
C VAL A 186 9.60 16.66 -20.38
N PHE A 187 9.36 17.96 -20.61
CA PHE A 187 8.31 18.36 -21.55
C PHE A 187 8.78 18.29 -23.00
N LYS A 188 10.02 18.71 -23.28
CA LYS A 188 10.57 18.48 -24.62
C LYS A 188 10.53 17.00 -24.97
N ALA A 189 10.85 16.14 -24.01
CA ALA A 189 10.92 14.70 -24.29
C ALA A 189 9.53 14.14 -24.61
N MET A 190 8.54 14.45 -23.77
CA MET A 190 7.18 14.02 -24.06
C MET A 190 6.80 14.43 -25.47
N GLN A 191 6.93 15.72 -25.76
CA GLN A 191 6.58 16.23 -27.09
C GLN A 191 7.18 15.35 -28.18
N MET A 192 8.49 15.22 -28.17
CA MET A 192 9.22 14.60 -29.26
C MET A 192 9.26 13.09 -29.17
N GLN A 193 8.36 12.48 -28.40
CA GLN A 193 8.28 11.03 -28.24
C GLN A 193 9.69 10.46 -28.05
N GLU A 194 10.28 10.75 -26.90
CA GLU A 194 11.70 10.56 -26.67
C GLU A 194 11.83 9.76 -25.38
N ARG A 195 11.63 8.44 -25.50
CA ARG A 195 11.32 7.57 -24.36
C ARG A 195 12.46 7.49 -23.37
N ASP A 196 13.68 7.27 -23.85
CA ASP A 196 14.81 7.13 -22.93
C ASP A 196 15.08 8.42 -22.19
N THR A 197 15.03 9.56 -22.90
CA THR A 197 15.21 10.87 -22.27
C THR A 197 14.21 11.09 -21.15
N LEU A 198 12.91 10.87 -21.43
CA LEU A 198 11.91 11.09 -20.39
C LEU A 198 12.18 10.22 -19.17
N LEU A 199 12.59 8.96 -19.41
CA LEU A 199 12.82 8.06 -18.29
C LEU A 199 14.06 8.49 -17.50
N LYS A 200 15.12 8.90 -18.19
CA LYS A 200 16.29 9.44 -17.50
C LYS A 200 15.95 10.71 -16.74
N ALA A 201 15.12 11.56 -17.33
CA ALA A 201 14.79 12.85 -16.72
C ALA A 201 14.02 12.66 -15.42
N LEU A 202 12.97 11.84 -15.46
CA LEU A 202 12.22 11.55 -14.24
C LEU A 202 13.10 10.90 -13.17
N LEU A 203 14.07 10.10 -13.58
CA LEU A 203 14.99 9.54 -12.61
C LEU A 203 15.82 10.64 -11.96
N GLU A 204 16.29 11.60 -12.77
CA GLU A 204 17.09 12.70 -12.23
C GLU A 204 16.29 13.50 -11.21
N ILE A 205 15.02 13.75 -11.50
CA ILE A 205 14.18 14.48 -10.57
C ILE A 205 14.07 13.72 -9.25
N ALA A 206 13.75 12.43 -9.34
CA ALA A 206 13.60 11.62 -8.12
C ALA A 206 14.87 11.64 -7.28
N SER A 207 16.04 11.54 -7.93
CA SER A 207 17.31 11.62 -7.20
C SER A 207 17.55 13.00 -6.61
N CYS A 208 17.10 14.06 -7.30
CA CYS A 208 17.26 15.40 -6.74
C CYS A 208 16.29 15.63 -5.58
N LEU A 209 15.03 15.18 -5.70
CA LEU A 209 14.16 15.21 -4.53
C LEU A 209 14.74 14.37 -3.40
N GLU A 210 15.50 13.32 -3.72
CA GLU A 210 16.11 12.50 -2.68
C GLU A 210 17.21 13.26 -1.95
N LYS A 211 17.98 14.08 -2.66
CA LYS A 211 19.04 14.84 -2.00
C LYS A 211 18.45 15.95 -1.11
N ALA A 212 17.36 16.58 -1.55
CA ALA A 212 16.63 17.50 -0.68
C ALA A 212 16.24 16.83 0.65
N LEU A 213 15.85 15.55 0.62
CA LEU A 213 15.45 14.91 1.86
C LEU A 213 16.65 14.71 2.78
N GLN A 214 17.81 14.42 2.20
CA GLN A 214 19.02 14.34 3.00
C GLN A 214 19.27 15.68 3.69
N VAL A 215 19.19 16.78 2.92
CA VAL A 215 19.49 18.12 3.41
C VAL A 215 18.54 18.51 4.52
N PHE A 216 17.28 18.10 4.42
CA PHE A 216 16.31 18.36 5.47
C PHE A 216 16.70 17.71 6.79
N HIS A 217 17.59 16.73 6.79
CA HIS A 217 18.03 16.12 8.04
C HIS A 217 18.83 17.08 8.90
N GLN A 218 19.46 18.11 8.30
CA GLN A 218 20.29 19.06 9.02
C GLN A 218 19.51 19.93 9.98
N ILE A 219 18.18 19.82 10.01
CA ILE A 219 17.39 20.68 10.86
C ILE A 219 17.78 20.47 12.34
N HIS A 220 17.95 19.19 12.75
CA HIS A 220 17.98 18.83 14.16
C HIS A 220 19.24 19.31 14.88
N ASP A 221 20.34 19.55 14.17
CA ASP A 221 21.53 20.05 14.82
C ASP A 221 21.75 21.55 14.64
N HIS A 222 20.76 22.28 14.11
CA HIS A 222 20.81 23.74 14.07
C HIS A 222 19.58 24.42 14.66
N VAL A 223 18.51 23.68 14.94
CA VAL A 223 17.30 24.24 15.52
C VAL A 223 16.94 23.39 16.72
N ASN A 224 16.72 24.04 17.86
CA ASN A 224 16.20 23.13 18.86
C ASN A 224 14.72 23.42 19.15
N PRO A 225 13.98 22.38 19.56
CA PRO A 225 12.52 22.49 19.58
C PRO A 225 11.97 23.63 20.42
N LYS A 226 12.61 23.95 21.55
CA LYS A 226 12.05 24.97 22.44
C LYS A 226 12.29 26.37 21.92
N ALA A 227 13.50 26.65 21.41
CA ALA A 227 13.78 27.93 20.76
C ALA A 227 12.76 28.21 19.65
N PHE A 228 12.58 27.25 18.74
CA PHE A 228 11.66 27.46 17.64
C PHE A 228 10.25 27.68 18.15
N PHE A 229 9.73 26.73 18.92
CA PHE A 229 8.31 26.73 19.23
C PHE A 229 7.93 27.90 20.13
N SER A 230 8.84 28.38 20.95
CA SER A 230 8.46 29.37 21.93
C SER A 230 9.12 30.73 21.71
N VAL A 231 10.09 30.85 20.80
CA VAL A 231 10.63 32.17 20.45
C VAL A 231 10.40 32.46 18.96
N LEU A 232 11.08 31.72 18.08
CA LEU A 232 11.04 32.05 16.64
C LEU A 232 9.63 32.02 16.09
N ARG A 233 8.81 31.08 16.55
CA ARG A 233 7.46 30.92 16.01
C ARG A 233 6.60 32.14 16.27
N ILE A 234 6.86 32.88 17.35
CA ILE A 234 6.06 34.05 17.68
C ILE A 234 6.11 35.06 16.53
N TYR A 235 7.31 35.32 16.03
CA TYR A 235 7.53 36.36 15.04
C TYR A 235 7.22 35.88 13.63
N LEU A 236 6.93 34.60 13.46
CA LEU A 236 6.45 34.12 12.17
C LEU A 236 4.93 34.03 12.11
N SER A 237 4.23 34.41 13.17
CA SER A 237 2.79 34.31 13.24
C SER A 237 2.12 35.54 12.64
N GLY A 238 1.05 35.31 11.88
CA GLY A 238 0.30 36.37 11.24
C GLY A 238 -1.02 36.66 11.93
N TRP A 239 -1.94 37.25 11.17
CA TRP A 239 -3.22 37.69 11.68
C TRP A 239 -4.36 37.33 10.73
N LYS A 240 -4.36 36.08 10.25
CA LYS A 240 -5.49 35.54 9.48
C LYS A 240 -6.14 34.47 10.35
N GLY A 241 -7.17 34.87 11.09
CA GLY A 241 -7.83 33.91 11.96
C GLY A 241 -7.04 33.59 13.21
N ASN A 242 -6.43 34.60 13.82
CA ASN A 242 -5.61 34.48 15.02
C ASN A 242 -6.32 35.17 16.18
N PRO A 243 -6.76 34.43 17.20
CA PRO A 243 -7.43 35.04 18.37
C PRO A 243 -6.85 36.35 18.87
N GLN A 244 -5.53 36.53 18.76
CA GLN A 244 -4.89 37.74 19.30
C GLN A 244 -5.27 38.99 18.49
N LEU A 245 -5.30 38.88 17.17
CA LEU A 245 -5.88 39.90 16.29
C LEU A 245 -7.06 39.24 15.59
N SER A 246 -8.18 39.14 16.33
CA SER A 246 -9.39 38.50 15.83
C SER A 246 -9.87 39.09 14.51
N ASP A 247 -9.55 40.35 14.25
CA ASP A 247 -10.08 41.02 13.07
C ASP A 247 -9.01 41.42 12.05
N GLY A 248 -7.75 41.07 12.25
CA GLY A 248 -6.68 41.53 11.38
C GLY A 248 -5.96 42.74 11.94
N LEU A 249 -5.09 43.31 11.11
CA LEU A 249 -4.20 44.41 11.50
C LEU A 249 -4.58 45.70 10.79
N VAL A 250 -4.55 46.81 11.52
CA VAL A 250 -4.82 48.12 10.93
C VAL A 250 -3.53 48.69 10.37
N TYR A 251 -3.45 48.80 9.04
CA TYR A 251 -2.33 49.42 8.35
C TYR A 251 -2.59 50.93 8.24
N GLU A 252 -2.29 51.63 9.33
CA GLU A 252 -2.68 53.02 9.52
C GLU A 252 -2.34 53.91 8.32
N GLY A 253 -3.32 54.67 7.86
CA GLY A 253 -3.14 55.63 6.79
C GLY A 253 -3.08 55.02 5.42
N PHE A 254 -3.29 53.71 5.30
CA PHE A 254 -3.34 53.03 4.01
C PHE A 254 -4.67 52.37 3.77
N TRP A 255 -5.16 51.58 4.71
CA TRP A 255 -6.51 51.06 4.66
C TRP A 255 -7.21 51.50 5.92
N GLU A 256 -8.55 51.60 5.84
CA GLU A 256 -9.34 52.05 6.98
C GLU A 256 -9.76 50.89 7.88
N ASP A 257 -10.01 49.71 7.31
CA ASP A 257 -10.39 48.60 8.17
C ASP A 257 -9.25 47.59 8.30
N PRO A 258 -9.16 46.88 9.43
CA PRO A 258 -8.12 45.85 9.60
C PRO A 258 -8.08 44.87 8.44
N LYS A 259 -6.97 44.16 8.27
CA LYS A 259 -6.87 43.14 7.24
C LYS A 259 -6.16 41.92 7.81
N GLU A 260 -6.54 40.76 7.29
CA GLU A 260 -6.06 39.47 7.73
C GLU A 260 -5.12 38.91 6.67
N PHE A 261 -3.90 38.58 7.07
CA PHE A 261 -2.96 37.87 6.22
C PHE A 261 -2.37 36.73 7.02
N ALA A 262 -2.04 35.64 6.33
CA ALA A 262 -1.52 34.45 6.99
C ALA A 262 -0.07 34.65 7.43
N GLY A 263 0.25 34.06 8.59
CA GLY A 263 1.64 34.00 9.01
C GLY A 263 2.49 33.14 8.09
N GLY A 264 3.78 33.47 8.03
CA GLY A 264 4.67 32.97 6.99
C GLY A 264 5.14 31.53 7.06
N SER A 265 4.20 30.57 7.00
CA SER A 265 4.59 29.17 6.97
C SER A 265 5.60 28.89 5.87
N ALA A 266 6.50 27.94 6.13
CA ALA A 266 7.20 27.31 5.01
C ALA A 266 6.22 26.67 4.04
N GLY A 267 4.93 26.58 4.41
CA GLY A 267 3.91 26.19 3.46
C GLY A 267 3.80 27.11 2.27
N GLN A 268 4.42 28.31 2.37
CA GLN A 268 4.51 29.24 1.24
C GLN A 268 5.58 28.86 0.24
N SER A 269 6.34 27.79 0.46
CA SER A 269 7.31 27.37 -0.52
C SER A 269 6.61 26.86 -1.78
N SER A 270 7.20 27.16 -2.93
CA SER A 270 6.67 26.69 -4.20
C SER A 270 7.18 25.31 -4.58
N VAL A 271 8.09 24.72 -3.79
CA VAL A 271 8.79 23.51 -4.22
C VAL A 271 7.83 22.33 -4.30
N PHE A 272 7.14 22.03 -3.20
CA PHE A 272 6.22 20.88 -3.20
C PHE A 272 5.10 21.03 -4.22
N GLN A 273 4.59 22.26 -4.40
CA GLN A 273 3.50 22.46 -5.35
C GLN A 273 4.01 22.29 -6.78
N CYS A 274 5.18 22.87 -7.07
CA CYS A 274 5.82 22.67 -8.36
C CYS A 274 5.83 21.20 -8.78
N PHE A 275 6.15 20.29 -7.85
CA PHE A 275 6.21 18.87 -8.20
C PHE A 275 4.87 18.16 -8.07
N ASP A 276 3.95 18.68 -7.27
CA ASP A 276 2.56 18.25 -7.39
C ASP A 276 2.04 18.49 -8.80
N VAL A 277 2.16 19.73 -9.29
CA VAL A 277 1.56 20.08 -10.58
C VAL A 277 2.21 19.28 -11.69
N LEU A 278 3.54 19.12 -11.64
CA LEU A 278 4.25 18.41 -12.69
C LEU A 278 3.85 16.94 -12.75
N LEU A 279 3.58 16.34 -11.61
CA LEU A 279 3.30 14.90 -11.54
C LEU A 279 1.81 14.57 -11.68
N GLY A 280 0.96 15.54 -11.97
CA GLY A 280 -0.46 15.29 -12.03
C GLY A 280 -1.14 15.09 -10.69
N ILE A 281 -0.45 15.36 -9.59
CA ILE A 281 -1.04 15.09 -8.27
C ILE A 281 -2.07 16.17 -7.98
N GLN A 282 -3.30 15.75 -7.69
CA GLN A 282 -4.42 16.69 -7.54
C GLN A 282 -4.57 17.14 -6.08
N GLN A 283 -3.48 17.72 -5.57
CA GLN A 283 -3.56 18.67 -4.47
C GLN A 283 -3.96 20.03 -5.02
N THR A 284 -3.32 20.40 -6.13
CA THR A 284 -3.62 21.58 -6.94
C THR A 284 -5.11 21.87 -6.98
N ALA A 285 -5.94 20.83 -7.06
CA ALA A 285 -7.40 20.95 -7.10
C ALA A 285 -8.03 19.99 -6.09
N GLY A 286 -9.32 20.21 -5.81
CA GLY A 286 -10.04 19.34 -4.90
C GLY A 286 -11.03 20.02 -3.97
N GLY A 287 -11.07 19.56 -2.73
CA GLY A 287 -12.01 20.05 -1.74
C GLY A 287 -11.34 20.92 -0.69
N GLY A 288 -12.13 21.81 -0.08
CA GLY A 288 -11.63 22.83 0.84
C GLY A 288 -10.90 22.32 2.07
N HIS A 289 -10.49 23.23 2.94
CA HIS A 289 -9.64 22.97 4.09
C HIS A 289 -8.33 22.30 3.69
N ALA A 290 -8.06 22.16 2.39
CA ALA A 290 -6.89 21.43 1.92
C ALA A 290 -6.42 21.99 0.58
N ALA A 291 -7.14 21.67 -0.49
CA ALA A 291 -6.76 22.16 -1.81
C ALA A 291 -6.80 23.68 -1.86
N GLN A 292 -7.68 24.30 -1.08
CA GLN A 292 -7.75 25.75 -1.13
C GLN A 292 -6.77 26.42 -0.20
N PHE A 293 -6.41 25.79 0.93
CA PHE A 293 -5.29 26.35 1.68
C PHE A 293 -4.02 26.35 0.84
N LEU A 294 -3.83 25.33 0.01
CA LEU A 294 -2.67 25.36 -0.87
C LEU A 294 -2.81 26.41 -1.95
N GLN A 295 -4.05 26.70 -2.36
CA GLN A 295 -4.30 27.79 -3.31
C GLN A 295 -4.15 29.15 -2.64
N ASP A 296 -4.70 29.30 -1.45
CA ASP A 296 -4.50 30.54 -0.71
C ASP A 296 -3.03 30.82 -0.54
N MET A 297 -2.26 29.80 -0.12
CA MET A 297 -0.82 29.95 0.11
C MET A 297 -0.08 30.40 -1.13
N ARG A 298 -0.64 30.17 -2.33
CA ARG A 298 0.03 30.68 -3.50
C ARG A 298 0.06 32.22 -3.52
N ARG A 299 -0.86 32.88 -2.82
CA ARG A 299 -0.88 34.35 -2.89
C ARG A 299 0.30 34.98 -2.15
N TYR A 300 0.98 34.23 -1.28
CA TYR A 300 2.13 34.70 -0.55
C TYR A 300 3.44 34.42 -1.27
N MET A 301 3.40 33.96 -2.56
CA MET A 301 4.64 33.67 -3.29
C MET A 301 4.89 34.73 -4.34
N PRO A 302 6.16 35.01 -4.67
CA PRO A 302 6.48 36.04 -5.67
C PRO A 302 5.69 35.83 -6.97
N PRO A 303 5.39 36.92 -7.70
CA PRO A 303 4.47 36.78 -8.83
C PRO A 303 5.02 35.96 -9.98
N ALA A 304 6.32 36.09 -10.28
CA ALA A 304 6.95 35.21 -11.26
C ALA A 304 6.80 33.75 -10.87
N HIS A 305 6.75 33.44 -9.57
CA HIS A 305 6.66 32.04 -9.17
C HIS A 305 5.22 31.54 -9.23
N ARG A 306 4.27 32.41 -8.89
CA ARG A 306 2.87 32.12 -9.14
C ARG A 306 2.66 31.77 -10.61
N ASN A 307 3.33 32.49 -11.51
CA ASN A 307 3.12 32.25 -12.93
C ASN A 307 3.74 30.92 -13.38
N PHE A 308 4.94 30.59 -12.90
CA PHE A 308 5.52 29.28 -13.16
C PHE A 308 4.54 28.15 -12.86
N LEU A 309 3.95 28.18 -11.65
CA LEU A 309 3.00 27.14 -11.26
C LEU A 309 1.80 27.11 -12.21
N CYS A 310 1.31 28.28 -12.62
CA CYS A 310 0.16 28.31 -13.51
C CYS A 310 0.54 27.81 -14.91
N SER A 311 1.68 28.27 -15.44
CA SER A 311 2.12 27.75 -16.73
C SER A 311 2.25 26.22 -16.70
N LEU A 312 2.77 25.68 -15.60
CA LEU A 312 2.96 24.23 -15.47
C LEU A 312 1.64 23.49 -15.68
N GLU A 313 0.56 23.98 -15.05
CA GLU A 313 -0.73 23.35 -15.22
C GLU A 313 -1.19 23.38 -16.67
N SER A 314 -0.87 24.45 -17.40
CA SER A 314 -1.35 24.55 -18.77
C SER A 314 -0.75 23.45 -19.65
N ASN A 315 0.41 22.91 -19.25
CA ASN A 315 1.10 21.88 -20.00
C ASN A 315 0.30 20.57 -20.04
N PRO A 316 0.59 19.71 -21.02
CA PRO A 316 0.02 18.35 -21.03
C PRO A 316 0.44 17.52 -19.81
N SER A 317 -0.46 16.65 -19.37
CA SER A 317 -0.20 15.86 -18.17
C SER A 317 0.93 14.85 -18.40
N VAL A 318 1.89 14.83 -17.48
CA VAL A 318 2.92 13.78 -17.54
C VAL A 318 2.37 12.45 -17.08
N ARG A 319 1.49 12.48 -16.08
CA ARG A 319 0.90 11.26 -15.54
C ARG A 319 0.05 10.53 -16.57
N GLU A 320 -0.62 11.28 -17.45
CA GLU A 320 -1.40 10.64 -18.50
C GLU A 320 -0.49 10.08 -19.59
N PHE A 321 0.49 10.86 -20.02
CA PHE A 321 1.50 10.36 -20.94
C PHE A 321 2.09 9.04 -20.45
N VAL A 322 2.58 9.02 -19.20
CA VAL A 322 3.21 7.81 -18.68
C VAL A 322 2.19 6.68 -18.56
N LEU A 323 0.94 7.01 -18.30
CA LEU A 323 -0.06 5.98 -18.11
C LEU A 323 -0.44 5.29 -19.43
N SER A 324 -0.36 6.00 -20.55
CA SER A 324 -0.88 5.49 -21.81
C SER A 324 0.14 4.73 -22.63
N LYS A 325 1.29 4.37 -22.07
CA LYS A 325 2.38 3.84 -22.88
C LYS A 325 2.73 2.38 -22.62
N GLY A 326 2.03 1.70 -21.70
CA GLY A 326 2.31 0.31 -21.42
C GLY A 326 3.76 0.04 -21.06
N ASP A 327 4.43 1.05 -20.50
CA ASP A 327 5.88 1.04 -20.34
C ASP A 327 6.25 0.94 -18.86
N ALA A 328 6.54 -0.28 -18.39
CA ALA A 328 6.91 -0.46 -17.00
C ALA A 328 8.17 0.31 -16.63
N GLY A 329 8.96 0.74 -17.62
CA GLY A 329 10.04 1.66 -17.35
C GLY A 329 9.56 3.04 -16.95
N LEU A 330 8.70 3.65 -17.79
CA LEU A 330 8.18 4.98 -17.48
C LEU A 330 7.35 4.97 -16.21
N ARG A 331 6.59 3.90 -15.97
CA ARG A 331 5.79 3.84 -14.75
C ARG A 331 6.69 3.79 -13.52
N GLU A 332 7.84 3.11 -13.62
CA GLU A 332 8.75 2.96 -12.49
C GLU A 332 9.42 4.28 -12.15
N ALA A 333 9.90 5.02 -13.15
CA ALA A 333 10.56 6.29 -12.91
C ALA A 333 9.58 7.33 -12.38
N TYR A 334 8.37 7.37 -12.94
CA TYR A 334 7.35 8.30 -12.45
C TYR A 334 7.02 8.01 -10.99
N ASP A 335 6.89 6.72 -10.65
CA ASP A 335 6.61 6.33 -9.27
C ASP A 335 7.77 6.71 -8.35
N ALA A 336 9.01 6.65 -8.85
CA ALA A 336 10.14 7.07 -8.05
C ALA A 336 9.98 8.53 -7.62
N CYS A 337 9.55 9.41 -8.54
CA CYS A 337 9.30 10.80 -8.20
C CYS A 337 8.16 10.93 -7.20
N VAL A 338 7.05 10.22 -7.45
CA VAL A 338 5.95 10.18 -6.48
C VAL A 338 6.46 9.69 -5.12
N LYS A 339 7.36 8.71 -5.11
CA LYS A 339 7.80 8.14 -3.83
C LYS A 339 8.74 9.10 -3.09
N ALA A 340 9.62 9.81 -3.81
CA ALA A 340 10.44 10.84 -3.19
C ALA A 340 9.56 11.90 -2.53
N LEU A 341 8.55 12.40 -3.25
CA LEU A 341 7.61 13.35 -2.68
C LEU A 341 6.94 12.81 -1.41
N VAL A 342 6.51 11.54 -1.42
CA VAL A 342 5.87 11.00 -0.22
C VAL A 342 6.85 10.98 0.96
N SER A 343 8.12 10.62 0.72
CA SER A 343 9.11 10.64 1.79
C SER A 343 9.30 12.05 2.37
N LEU A 344 9.41 13.07 1.50
CA LEU A 344 9.55 14.45 1.95
C LEU A 344 8.44 14.85 2.91
N ARG A 345 7.19 14.61 2.53
CA ARG A 345 6.09 15.01 3.41
C ARG A 345 6.06 14.16 4.69
N SER A 346 6.40 12.86 4.59
CA SER A 346 6.48 12.02 5.79
C SER A 346 7.56 12.50 6.76
N TYR A 347 8.80 12.70 6.26
CA TYR A 347 9.82 13.33 7.09
C TYR A 347 9.37 14.67 7.63
N HIS A 348 8.67 15.45 6.80
CA HIS A 348 8.17 16.74 7.22
C HIS A 348 7.13 16.60 8.33
N LEU A 349 6.37 15.50 8.33
CA LEU A 349 5.46 15.22 9.44
C LEU A 349 6.23 14.94 10.73
N GLN A 350 7.34 14.21 10.64
CA GLN A 350 8.22 14.05 11.80
C GLN A 350 8.67 15.41 12.33
N ILE A 351 9.20 16.26 11.45
CA ILE A 351 9.73 17.56 11.84
C ILE A 351 8.69 18.38 12.61
N VAL A 352 7.45 18.38 12.13
CA VAL A 352 6.38 19.15 12.77
C VAL A 352 6.06 18.60 14.16
N THR A 353 6.16 17.27 14.33
CA THR A 353 5.91 16.65 15.62
C THR A 353 6.91 17.10 16.68
N LYS A 354 8.20 17.09 16.32
CA LYS A 354 9.24 17.47 17.27
C LYS A 354 9.21 18.98 17.55
N TYR A 355 9.00 19.78 16.51
CA TYR A 355 9.16 21.23 16.67
C TYR A 355 7.87 21.95 17.00
N ILE A 356 6.71 21.29 16.84
CA ILE A 356 5.43 21.89 17.18
C ILE A 356 4.66 21.09 18.23
N LEU A 357 4.46 19.79 17.98
CA LEU A 357 3.51 19.02 18.80
C LEU A 357 4.03 18.76 20.20
N ILE A 358 5.18 18.08 20.35
CA ILE A 358 5.70 17.82 21.70
C ILE A 358 5.91 19.11 22.48
N PRO A 359 6.42 20.22 21.93
CA PRO A 359 6.55 21.42 22.77
C PRO A 359 5.23 22.00 23.18
N ALA A 360 4.26 22.09 22.25
CA ALA A 360 2.90 22.47 22.65
C ALA A 360 2.35 21.49 23.68
N SER A 361 2.71 20.21 23.56
CA SER A 361 2.23 19.21 24.51
C SER A 361 2.82 19.42 25.91
N GLN A 362 4.08 19.87 26.00
CA GLN A 362 4.71 20.18 27.29
C GLN A 362 4.34 21.56 27.84
N GLN A 363 3.05 21.89 27.84
CA GLN A 363 2.53 23.14 28.38
C GLN A 363 3.11 24.33 27.63
N GLY A 382 -2.85 14.62 18.59
CA GLY A 382 -2.17 15.80 19.07
C GLY A 382 -3.08 16.81 19.75
N GLY A 383 -4.03 17.36 18.99
CA GLY A 383 -4.98 18.31 19.52
C GLY A 383 -5.37 19.40 18.53
N THR A 384 -4.68 19.44 17.38
CA THR A 384 -4.96 20.41 16.31
C THR A 384 -5.03 19.66 14.99
N ASP A 385 -6.02 20.03 14.15
CA ASP A 385 -6.24 19.42 12.84
C ASP A 385 -5.10 19.68 11.87
N LEU A 386 -4.16 20.57 12.23
CA LEU A 386 -2.90 20.76 11.50
C LEU A 386 -2.33 19.45 10.97
N MET A 387 -2.31 18.41 11.81
CA MET A 387 -1.80 17.11 11.39
C MET A 387 -2.71 16.44 10.37
N ASN A 388 -4.02 16.65 10.46
CA ASN A 388 -4.91 16.09 9.45
C ASN A 388 -4.70 16.75 8.10
N PHE A 389 -4.42 18.06 8.09
CA PHE A 389 -4.04 18.73 6.85
C PHE A 389 -2.80 18.09 6.24
N LEU A 390 -1.69 18.05 6.99
CA LEU A 390 -0.45 17.47 6.48
C LEU A 390 -0.64 16.02 6.08
N LYS A 391 -1.40 15.25 6.87
CA LYS A 391 -1.61 13.85 6.56
C LYS A 391 -2.45 13.68 5.30
N THR A 392 -3.53 14.45 5.18
CA THR A 392 -4.34 14.44 3.97
C THR A 392 -3.47 14.67 2.73
N VAL A 393 -2.65 15.71 2.77
CA VAL A 393 -1.78 16.03 1.64
C VAL A 393 -0.87 14.84 1.30
N ARG A 394 -0.35 14.13 2.32
CA ARG A 394 0.53 13.01 2.01
C ARG A 394 -0.26 11.85 1.38
N SER A 395 -1.45 11.57 1.92
CA SER A 395 -2.25 10.45 1.41
C SER A 395 -2.62 10.65 -0.06
N THR A 396 -3.01 11.87 -0.44
CA THR A 396 -3.16 12.19 -1.86
C THR A 396 -1.89 11.84 -2.65
N THR A 397 -0.73 12.29 -2.17
CA THR A 397 0.51 11.95 -2.85
C THR A 397 0.69 10.43 -2.92
N GLU A 398 0.31 9.72 -1.86
CA GLU A 398 0.48 8.27 -1.84
C GLU A 398 -0.43 7.59 -2.85
N LYS A 399 -1.65 8.10 -3.04
CA LYS A 399 -2.65 7.54 -3.95
C LYS A 399 -2.38 7.86 -5.42
N SER A 400 -1.40 8.69 -5.73
CA SER A 400 -1.04 8.91 -7.11
C SER A 400 -0.03 7.90 -7.64
N LEU A 401 0.37 6.91 -6.83
CA LEU A 401 1.31 5.91 -7.30
C LEU A 401 0.67 5.02 -8.35
N LEU A 402 1.43 4.74 -9.42
CA LEU A 402 0.86 4.12 -10.62
C LEU A 402 0.84 2.60 -10.61
N LYS A 403 1.79 1.97 -9.91
CA LYS A 403 2.04 0.56 -10.17
C LYS A 403 2.72 -0.12 -8.98
N ALA B 15 7.34 -34.51 -17.33
CA ALA B 15 7.15 -35.59 -18.28
C ALA B 15 7.37 -36.92 -17.57
N ALA B 16 8.42 -36.96 -16.77
CA ALA B 16 8.65 -38.02 -15.79
C ALA B 16 8.52 -37.50 -14.35
N TYR B 17 8.11 -36.24 -14.18
CA TYR B 17 7.65 -35.72 -12.89
C TYR B 17 6.14 -35.53 -12.89
N HIS B 18 5.44 -36.26 -13.77
CA HIS B 18 3.99 -36.14 -13.96
C HIS B 18 3.62 -34.68 -14.20
N ILE B 19 4.39 -34.05 -15.07
CA ILE B 19 4.16 -32.67 -15.51
C ILE B 19 3.79 -32.70 -16.99
N ASP B 20 2.64 -32.13 -17.32
CA ASP B 20 2.20 -32.01 -18.70
C ASP B 20 2.60 -30.65 -19.27
N GLU B 21 2.88 -30.62 -20.58
CA GLU B 21 3.25 -29.36 -21.23
C GLU B 21 2.07 -28.44 -21.42
N GLU B 22 0.89 -29.01 -21.68
CA GLU B 22 -0.32 -28.22 -21.83
C GLU B 22 -0.93 -27.85 -20.49
N VAL B 23 -1.01 -28.79 -19.56
CA VAL B 23 -1.79 -28.56 -18.34
C VAL B 23 -0.96 -28.56 -17.08
N GLY B 24 0.34 -28.84 -17.16
CA GLY B 24 1.25 -28.67 -16.04
C GLY B 24 1.07 -29.67 -14.93
N PHE B 25 0.77 -29.18 -13.73
CA PHE B 25 0.50 -30.02 -12.56
C PHE B 25 -0.86 -30.70 -12.63
N ALA B 26 -1.73 -30.24 -13.52
CA ALA B 26 -3.06 -30.82 -13.67
C ALA B 26 -2.96 -32.21 -14.29
N LEU B 27 -3.93 -33.05 -13.99
CA LEU B 27 -3.98 -34.35 -14.64
C LEU B 27 -4.57 -34.18 -16.03
N PRO B 28 -3.91 -34.64 -17.08
CA PRO B 28 -4.49 -34.56 -18.43
C PRO B 28 -5.57 -35.61 -18.58
N ASN B 29 -6.65 -35.24 -19.29
CA ASN B 29 -7.84 -36.07 -19.55
C ASN B 29 -8.20 -36.99 -18.38
N PRO B 30 -8.70 -36.46 -17.27
CA PRO B 30 -9.04 -37.32 -16.14
C PRO B 30 -10.09 -38.33 -16.54
N GLN B 31 -10.02 -39.52 -15.95
CA GLN B 31 -11.09 -40.46 -16.18
C GLN B 31 -12.37 -39.97 -15.54
N GLU B 32 -13.48 -40.34 -16.18
CA GLU B 32 -14.79 -39.94 -15.74
C GLU B 32 -15.63 -41.11 -15.22
N ASN B 33 -15.34 -42.34 -15.64
CA ASN B 33 -16.11 -43.51 -15.23
C ASN B 33 -15.24 -44.50 -14.47
N LEU B 34 -15.75 -45.04 -13.38
CA LEU B 34 -15.16 -46.23 -12.78
C LEU B 34 -15.71 -47.49 -13.43
N PRO B 35 -15.11 -48.65 -13.18
CA PRO B 35 -15.73 -49.91 -13.60
C PRO B 35 -17.05 -50.14 -12.88
N ASP B 36 -17.97 -50.84 -13.56
CA ASP B 36 -19.32 -51.07 -13.00
C ASP B 36 -19.26 -51.53 -11.55
N PHE B 37 -18.22 -52.31 -11.21
CA PHE B 37 -18.02 -52.83 -9.87
C PHE B 37 -18.16 -51.79 -8.77
N TYR B 38 -17.88 -50.50 -9.06
CA TYR B 38 -17.89 -49.45 -8.05
C TYR B 38 -19.12 -48.54 -8.18
N ASN B 39 -20.15 -48.99 -8.89
CA ASN B 39 -21.33 -48.19 -9.10
C ASN B 39 -21.86 -47.60 -7.81
N ASP B 40 -21.80 -48.36 -6.72
CA ASP B 40 -22.32 -47.88 -5.45
C ASP B 40 -21.56 -46.66 -4.98
N TRP B 41 -20.25 -46.65 -5.19
CA TRP B 41 -19.48 -45.44 -4.89
C TRP B 41 -19.88 -44.30 -5.81
N MET B 42 -19.93 -44.56 -7.12
CA MET B 42 -20.15 -43.49 -8.08
C MET B 42 -21.48 -42.81 -7.84
N PHE B 43 -22.53 -43.60 -7.57
CA PHE B 43 -23.83 -43.02 -7.31
C PHE B 43 -23.76 -42.03 -6.15
N ILE B 44 -23.16 -42.43 -5.02
CA ILE B 44 -23.13 -41.53 -3.87
C ILE B 44 -22.41 -40.22 -4.21
N ALA B 45 -21.27 -40.32 -4.89
CA ALA B 45 -20.48 -39.11 -5.15
C ALA B 45 -21.22 -38.16 -6.07
N LYS B 46 -21.95 -38.73 -7.03
CA LYS B 46 -22.63 -37.94 -8.05
C LYS B 46 -23.90 -37.25 -7.55
N HIS B 47 -24.42 -37.63 -6.39
CA HIS B 47 -25.70 -37.11 -5.92
C HIS B 47 -25.59 -36.48 -4.53
N LEU B 48 -24.40 -35.98 -4.22
CA LEU B 48 -24.17 -35.46 -2.87
C LEU B 48 -25.09 -34.30 -2.51
N PRO B 49 -25.39 -33.34 -3.40
CA PRO B 49 -26.36 -32.29 -3.03
C PRO B 49 -27.73 -32.83 -2.66
N ASP B 50 -28.29 -33.72 -3.49
CA ASP B 50 -29.55 -34.37 -3.13
C ASP B 50 -29.42 -35.15 -1.82
N LEU B 51 -28.39 -35.99 -1.69
CA LEU B 51 -28.31 -36.87 -0.52
C LEU B 51 -28.05 -36.09 0.75
N ILE B 52 -27.24 -35.02 0.68
CA ILE B 52 -27.05 -34.17 1.85
C ILE B 52 -28.35 -33.43 2.17
N GLU B 53 -28.91 -32.73 1.18
CA GLU B 53 -30.12 -31.94 1.40
C GLU B 53 -31.22 -32.75 2.07
N SER B 54 -31.49 -33.96 1.56
CA SER B 54 -32.49 -34.87 2.13
C SER B 54 -31.98 -35.68 3.33
N GLY B 55 -30.74 -35.52 3.75
CA GLY B 55 -30.30 -36.18 4.97
C GLY B 55 -30.16 -37.68 4.89
N GLN B 56 -30.08 -38.25 3.69
CA GLN B 56 -29.90 -39.68 3.50
C GLN B 56 -28.45 -40.06 3.27
N LEU B 57 -27.53 -39.10 3.27
CA LEU B 57 -26.18 -39.42 2.82
C LEU B 57 -25.47 -40.36 3.80
N ARG B 58 -25.59 -40.11 5.10
CA ARG B 58 -24.92 -40.96 6.07
C ARG B 58 -25.48 -42.39 6.08
N GLU B 59 -26.79 -42.57 5.80
CA GLU B 59 -27.30 -43.93 5.71
C GLU B 59 -26.74 -44.65 4.49
N ARG B 60 -26.68 -43.99 3.33
CA ARG B 60 -26.13 -44.65 2.15
C ARG B 60 -24.68 -45.09 2.38
N VAL B 61 -23.92 -44.32 3.15
CA VAL B 61 -22.53 -44.67 3.33
C VAL B 61 -22.42 -45.81 4.32
N GLU B 62 -23.22 -45.77 5.38
CA GLU B 62 -23.17 -46.81 6.39
C GLU B 62 -23.71 -48.13 5.88
N LYS B 63 -24.47 -48.12 4.78
CA LYS B 63 -25.01 -49.33 4.18
C LYS B 63 -24.13 -49.90 3.08
N LEU B 64 -23.00 -49.25 2.78
CA LEU B 64 -22.10 -49.79 1.77
C LEU B 64 -21.51 -51.13 2.19
N ASN B 65 -21.36 -52.01 1.23
CA ASN B 65 -20.46 -53.15 1.38
C ASN B 65 -19.02 -52.73 1.12
N MET B 66 -18.09 -53.62 1.47
CA MET B 66 -16.67 -53.43 1.22
C MET B 66 -16.37 -53.74 -0.24
N LEU B 67 -15.86 -52.74 -0.97
CA LEU B 67 -15.54 -52.91 -2.38
C LEU B 67 -14.02 -52.93 -2.54
N SER B 68 -13.50 -54.00 -3.11
CA SER B 68 -12.06 -54.14 -3.24
C SER B 68 -11.51 -53.11 -4.22
N ILE B 69 -10.26 -52.72 -4.01
CA ILE B 69 -9.61 -51.77 -4.90
C ILE B 69 -8.78 -52.50 -5.96
N ASP B 70 -9.00 -53.81 -6.13
CA ASP B 70 -8.19 -54.59 -7.03
C ASP B 70 -8.51 -54.38 -8.49
N HIS B 71 -9.72 -53.96 -8.80
CA HIS B 71 -10.12 -53.76 -10.18
C HIS B 71 -9.76 -52.37 -10.70
N LEU B 72 -9.23 -51.48 -9.87
CA LEU B 72 -8.61 -50.25 -10.35
C LEU B 72 -7.14 -50.53 -10.67
N THR B 73 -6.75 -50.44 -11.94
CA THR B 73 -5.41 -50.86 -12.36
C THR B 73 -4.65 -49.84 -13.20
N ASP B 74 -5.11 -48.61 -13.33
CA ASP B 74 -4.31 -47.57 -13.97
C ASP B 74 -4.36 -46.33 -13.09
N HIS B 75 -3.32 -45.51 -13.23
CA HIS B 75 -3.22 -44.28 -12.44
C HIS B 75 -4.50 -43.45 -12.54
N LYS B 76 -5.07 -43.31 -13.73
CA LYS B 76 -6.22 -42.42 -13.87
C LYS B 76 -7.45 -42.98 -13.17
N SER B 77 -7.63 -44.30 -13.17
CA SER B 77 -8.75 -44.87 -12.42
C SER B 77 -8.57 -44.68 -10.91
N GLN B 78 -7.33 -44.77 -10.43
CA GLN B 78 -7.06 -44.55 -9.01
C GLN B 78 -7.33 -43.12 -8.59
N ARG B 79 -6.81 -42.15 -9.35
CA ARG B 79 -7.10 -40.74 -9.07
C ARG B 79 -8.60 -40.48 -9.03
N LEU B 80 -9.35 -40.98 -10.02
CA LEU B 80 -10.80 -40.81 -9.99
C LEU B 80 -11.43 -41.47 -8.75
N ALA B 81 -10.93 -42.65 -8.36
CA ALA B 81 -11.47 -43.33 -7.18
C ALA B 81 -11.11 -42.57 -5.91
N ARG B 82 -9.89 -42.05 -5.82
CA ARG B 82 -9.51 -41.23 -4.67
C ARG B 82 -10.41 -40.00 -4.56
N LEU B 83 -10.74 -39.37 -5.69
CA LEU B 83 -11.61 -38.19 -5.69
C LEU B 83 -13.04 -38.54 -5.25
N VAL B 84 -13.61 -39.61 -5.85
CA VAL B 84 -14.89 -40.15 -5.37
C VAL B 84 -14.87 -40.37 -3.86
N LEU B 85 -13.87 -41.13 -3.37
CA LEU B 85 -13.86 -41.48 -1.94
C LEU B 85 -13.60 -40.26 -1.06
N GLY B 86 -12.81 -39.29 -1.52
CA GLY B 86 -12.59 -38.09 -0.72
C GLY B 86 -13.84 -37.20 -0.62
N CYS B 87 -14.63 -37.11 -1.70
CA CYS B 87 -15.87 -36.34 -1.61
C CYS B 87 -16.88 -37.01 -0.68
N ILE B 88 -17.02 -38.33 -0.75
CA ILE B 88 -17.91 -39.02 0.19
C ILE B 88 -17.45 -38.81 1.63
N THR B 89 -16.14 -38.86 1.87
CA THR B 89 -15.62 -38.71 3.23
C THR B 89 -15.90 -37.30 3.77
N MET B 90 -15.58 -36.27 2.97
CA MET B 90 -15.91 -34.88 3.35
C MET B 90 -17.41 -34.73 3.62
N ALA B 91 -18.24 -35.36 2.79
CA ALA B 91 -19.67 -35.17 2.98
C ALA B 91 -20.16 -35.97 4.17
N TYR B 92 -19.50 -37.08 4.48
CA TYR B 92 -19.93 -37.87 5.64
C TYR B 92 -19.56 -37.18 6.94
N VAL B 93 -18.35 -36.61 7.04
CA VAL B 93 -17.91 -36.00 8.29
C VAL B 93 -18.72 -34.75 8.58
N TRP B 94 -18.90 -33.88 7.59
CA TRP B 94 -19.50 -32.58 7.86
C TRP B 94 -21.01 -32.55 7.71
N GLY B 95 -21.60 -33.50 6.99
CA GLY B 95 -23.05 -33.53 6.85
C GLY B 95 -23.62 -32.27 6.21
N LYS B 96 -24.82 -31.90 6.64
CA LYS B 96 -25.41 -30.65 6.17
C LYS B 96 -24.57 -29.44 6.55
N GLY B 97 -23.58 -29.61 7.42
CA GLY B 97 -22.63 -28.55 7.64
C GLY B 97 -23.10 -27.48 8.59
N HIS B 98 -23.48 -27.88 9.79
CA HIS B 98 -23.73 -26.89 10.83
C HIS B 98 -23.41 -27.40 12.24
N GLY B 99 -22.66 -28.48 12.41
CA GLY B 99 -22.28 -28.94 13.73
C GLY B 99 -22.60 -30.38 14.07
N ASP B 100 -23.32 -31.10 13.21
CA ASP B 100 -23.60 -32.51 13.47
C ASP B 100 -22.53 -33.36 12.79
N VAL B 101 -21.31 -33.28 13.32
CA VAL B 101 -20.17 -33.94 12.68
C VAL B 101 -20.10 -35.41 13.12
N ARG B 102 -19.53 -36.25 12.25
CA ARG B 102 -19.23 -37.64 12.54
C ARG B 102 -17.73 -37.77 12.77
N LYS B 103 -17.35 -38.46 13.84
CA LYS B 103 -15.94 -38.62 14.17
C LYS B 103 -15.34 -39.94 13.68
N VAL B 104 -16.14 -40.85 13.13
CA VAL B 104 -15.66 -42.18 12.75
C VAL B 104 -16.08 -42.48 11.32
N LEU B 105 -15.11 -42.54 10.42
CA LEU B 105 -15.38 -42.92 9.04
C LEU B 105 -15.55 -44.43 8.97
N PRO B 106 -16.68 -44.94 8.49
CA PRO B 106 -16.96 -46.39 8.61
C PRO B 106 -16.00 -47.26 7.84
N ARG B 107 -15.79 -48.47 8.36
CA ARG B 107 -14.82 -49.43 7.87
C ARG B 107 -14.82 -49.54 6.35
N ASN B 108 -16.01 -49.62 5.78
CA ASN B 108 -16.13 -50.00 4.38
C ASN B 108 -15.79 -48.87 3.41
N ILE B 109 -15.67 -47.63 3.88
CA ILE B 109 -15.05 -46.57 3.10
C ILE B 109 -13.62 -46.34 3.54
N ALA B 110 -13.40 -46.37 4.86
CA ALA B 110 -12.09 -46.00 5.41
C ALA B 110 -10.99 -46.93 4.93
N VAL B 111 -11.27 -48.23 4.91
CA VAL B 111 -10.20 -49.19 4.61
C VAL B 111 -9.76 -49.04 3.15
N PRO B 112 -10.65 -49.13 2.13
CA PRO B 112 -10.17 -49.00 0.74
C PRO B 112 -9.66 -47.60 0.42
N TYR B 113 -10.17 -46.57 1.08
CA TYR B 113 -9.63 -45.23 0.90
C TYR B 113 -8.19 -45.16 1.41
N CYS B 114 -7.95 -45.64 2.64
CA CYS B 114 -6.59 -45.64 3.19
C CYS B 114 -5.64 -46.50 2.35
N GLN B 115 -6.11 -47.64 1.85
CA GLN B 115 -5.25 -48.46 1.00
C GLN B 115 -4.87 -47.72 -0.27
N LEU B 116 -5.85 -47.09 -0.91
CA LEU B 116 -5.62 -46.33 -2.12
C LEU B 116 -4.70 -45.13 -1.88
N SER B 117 -4.96 -44.37 -0.82
CA SER B 117 -4.11 -43.23 -0.50
C SER B 117 -2.66 -43.65 -0.30
N ALA B 118 -2.43 -44.81 0.35
CA ALA B 118 -1.05 -45.24 0.54
C ALA B 118 -0.38 -45.53 -0.79
N ALA B 119 -1.09 -46.21 -1.70
CA ALA B 119 -0.50 -46.53 -2.99
C ALA B 119 -0.30 -45.30 -3.86
N LEU B 120 -1.11 -44.26 -3.70
CA LEU B 120 -0.83 -42.98 -4.36
C LEU B 120 0.08 -42.07 -3.55
N GLU B 121 0.48 -42.48 -2.35
CA GLU B 121 1.34 -41.67 -1.49
C GLU B 121 0.69 -40.32 -1.19
N LEU B 122 -0.61 -40.34 -0.87
CA LEU B 122 -1.33 -39.16 -0.45
C LEU B 122 -2.05 -39.43 0.86
N PRO B 123 -2.24 -38.42 1.68
CA PRO B 123 -2.98 -38.62 2.92
C PRO B 123 -4.44 -38.86 2.62
N PRO B 124 -5.12 -39.67 3.44
CA PRO B 124 -6.53 -40.00 3.16
C PRO B 124 -7.49 -38.87 3.53
N ILE B 125 -7.34 -37.73 2.82
CA ILE B 125 -8.27 -36.60 2.88
C ILE B 125 -8.29 -35.94 1.52
N LEU B 126 -9.37 -35.18 1.25
CA LEU B 126 -9.51 -34.47 -0.03
C LEU B 126 -8.51 -33.31 -0.13
N VAL B 127 -7.68 -33.34 -1.17
CA VAL B 127 -6.62 -32.35 -1.37
C VAL B 127 -6.78 -31.77 -2.77
N TYR B 128 -6.16 -30.61 -2.98
CA TYR B 128 -6.07 -29.89 -4.25
C TYR B 128 -5.99 -30.84 -5.46
N ALA B 129 -5.14 -31.86 -5.37
CA ALA B 129 -4.95 -32.71 -6.55
C ALA B 129 -6.15 -33.60 -6.82
N ASP B 130 -7.07 -33.78 -5.87
CA ASP B 130 -8.34 -34.44 -6.21
C ASP B 130 -9.37 -33.47 -6.80
N CYS B 131 -9.72 -32.42 -6.04
CA CYS B 131 -10.90 -31.63 -6.37
C CYS B 131 -10.64 -30.52 -7.38
N VAL B 132 -9.40 -30.32 -7.81
CA VAL B 132 -9.07 -29.39 -8.88
C VAL B 132 -8.36 -30.09 -10.04
N LEU B 133 -7.25 -30.79 -9.75
CA LEU B 133 -6.40 -31.29 -10.83
C LEU B 133 -6.96 -32.51 -11.56
N ALA B 134 -7.82 -33.33 -10.93
CA ALA B 134 -8.45 -34.48 -11.59
C ALA B 134 -9.97 -34.35 -11.69
N ASN B 135 -10.52 -33.19 -11.33
CA ASN B 135 -11.97 -33.01 -11.17
C ASN B 135 -12.59 -32.31 -12.38
N TRP B 136 -12.33 -32.75 -13.61
CA TRP B 136 -12.69 -31.89 -14.73
C TRP B 136 -12.75 -32.70 -16.02
N LYS B 137 -13.62 -32.25 -16.93
CA LYS B 137 -13.78 -32.80 -18.28
C LYS B 137 -13.96 -31.67 -19.28
N LYS B 138 -13.58 -31.95 -20.54
CA LYS B 138 -13.97 -31.09 -21.65
C LYS B 138 -15.41 -31.37 -22.06
N LYS B 139 -16.18 -30.31 -22.29
CA LYS B 139 -17.53 -30.50 -22.82
C LYS B 139 -17.47 -31.06 -24.25
N ASP B 140 -16.66 -30.43 -25.10
CA ASP B 140 -16.37 -30.89 -26.45
C ASP B 140 -14.91 -31.29 -26.54
N PRO B 141 -14.57 -32.55 -26.81
CA PRO B 141 -13.16 -32.92 -26.91
C PRO B 141 -12.41 -32.18 -28.00
N ASN B 142 -13.11 -31.59 -28.96
CA ASN B 142 -12.46 -30.93 -30.09
C ASN B 142 -12.26 -29.44 -29.87
N LYS B 143 -12.68 -28.90 -28.74
CA LYS B 143 -12.64 -27.47 -28.50
C LYS B 143 -11.65 -27.15 -27.38
N PRO B 144 -11.14 -25.90 -27.31
CA PRO B 144 -10.03 -25.61 -26.40
C PRO B 144 -10.37 -25.64 -24.92
N LEU B 145 -9.35 -25.40 -24.07
CA LEU B 145 -9.51 -25.44 -22.62
C LEU B 145 -9.91 -24.05 -22.13
N THR B 146 -11.20 -23.76 -22.27
CA THR B 146 -11.79 -22.55 -21.77
C THR B 146 -12.97 -22.90 -20.86
N TYR B 147 -13.19 -22.05 -19.86
CA TYR B 147 -14.31 -22.19 -18.94
C TYR B 147 -15.62 -22.59 -19.64
N GLU B 148 -15.97 -21.88 -20.72
CA GLU B 148 -17.19 -22.20 -21.47
C GLU B 148 -17.23 -23.64 -21.99
N ASN B 149 -16.08 -24.33 -22.01
CA ASN B 149 -16.00 -25.70 -22.54
C ASN B 149 -15.62 -26.75 -21.48
N MET B 150 -15.81 -26.48 -20.19
CA MET B 150 -15.39 -27.45 -19.19
C MET B 150 -16.46 -27.62 -18.11
N ASP B 151 -16.31 -28.69 -17.33
CA ASP B 151 -17.14 -28.85 -16.15
C ASP B 151 -16.34 -29.61 -15.11
N VAL B 152 -16.79 -29.50 -13.88
CA VAL B 152 -16.27 -30.35 -12.83
C VAL B 152 -17.06 -31.64 -12.85
N LEU B 153 -16.47 -32.70 -12.29
CA LEU B 153 -17.23 -33.94 -12.21
C LEU B 153 -18.00 -34.08 -10.91
N PHE B 154 -17.67 -33.30 -9.87
CA PHE B 154 -18.39 -33.45 -8.60
C PHE B 154 -18.52 -32.11 -7.87
N SER B 155 -19.65 -31.96 -7.18
CA SER B 155 -19.89 -30.87 -6.24
C SER B 155 -20.47 -31.42 -4.94
N PHE B 156 -20.65 -30.54 -3.97
CA PHE B 156 -21.23 -30.88 -2.68
C PHE B 156 -22.65 -30.38 -2.49
N ARG B 157 -22.95 -29.12 -2.76
CA ARG B 157 -24.29 -28.60 -2.51
C ARG B 157 -24.72 -27.70 -3.65
N ASP B 158 -26.01 -27.73 -3.94
CA ASP B 158 -26.59 -26.74 -4.84
C ASP B 158 -26.20 -25.34 -4.36
N GLY B 159 -25.67 -24.53 -5.27
CA GLY B 159 -25.29 -23.19 -4.93
C GLY B 159 -23.94 -23.04 -4.26
N ASP B 160 -23.13 -24.10 -4.18
CA ASP B 160 -21.84 -24.02 -3.50
C ASP B 160 -20.75 -23.37 -4.36
N CYS B 161 -21.00 -23.17 -5.65
CA CYS B 161 -20.07 -22.54 -6.57
C CYS B 161 -18.81 -23.38 -6.79
N SER B 162 -18.90 -24.69 -6.63
CA SER B 162 -17.70 -25.50 -6.84
C SER B 162 -17.29 -25.56 -8.32
N LYS B 163 -18.24 -25.42 -9.25
CA LYS B 163 -17.83 -25.32 -10.65
C LYS B 163 -16.86 -24.16 -10.84
N GLY B 164 -17.20 -23.00 -10.26
CA GLY B 164 -16.44 -21.79 -10.49
C GLY B 164 -15.10 -21.75 -9.79
N PHE B 165 -15.06 -22.20 -8.53
CA PHE B 165 -13.82 -22.18 -7.76
C PHE B 165 -12.82 -23.23 -8.26
N PHE B 166 -13.29 -24.44 -8.61
CA PHE B 166 -12.39 -25.48 -9.07
C PHE B 166 -11.91 -25.25 -10.49
N LEU B 167 -12.81 -24.86 -11.41
CA LEU B 167 -12.38 -24.65 -12.79
C LEU B 167 -11.48 -23.42 -12.93
N VAL B 168 -11.70 -22.38 -12.14
CA VAL B 168 -10.82 -21.21 -12.24
C VAL B 168 -9.44 -21.54 -11.64
N SER B 169 -9.42 -22.22 -10.47
CA SER B 169 -8.18 -22.78 -9.96
C SER B 169 -7.45 -23.56 -11.04
N LEU B 170 -8.18 -24.47 -11.69
CA LEU B 170 -7.61 -25.29 -12.76
C LEU B 170 -7.06 -24.43 -13.88
N LEU B 171 -7.76 -23.33 -14.20
CA LEU B 171 -7.34 -22.50 -15.32
C LEU B 171 -6.13 -21.65 -14.97
N VAL B 172 -6.00 -21.21 -13.73
CA VAL B 172 -4.76 -20.58 -13.30
C VAL B 172 -3.61 -21.58 -13.38
N GLU B 173 -3.89 -22.83 -13.03
CA GLU B 173 -2.91 -23.90 -13.17
C GLU B 173 -2.46 -24.05 -14.62
N ILE B 174 -3.40 -24.10 -15.55
CA ILE B 174 -3.05 -24.36 -16.94
C ILE B 174 -2.27 -23.19 -17.53
N ALA B 175 -2.62 -21.97 -17.11
CA ALA B 175 -1.86 -20.79 -17.51
C ALA B 175 -0.43 -20.89 -17.02
N ALA B 176 -0.24 -21.24 -15.75
CA ALA B 176 1.11 -21.39 -15.20
C ALA B 176 1.90 -22.46 -15.95
N ALA B 177 1.21 -23.45 -16.52
CA ALA B 177 1.90 -24.53 -17.21
C ALA B 177 2.73 -24.03 -18.37
N SER B 178 2.37 -22.90 -18.98
CA SER B 178 3.19 -22.40 -20.07
C SER B 178 4.49 -21.77 -19.57
N ALA B 179 4.60 -21.51 -18.27
CA ALA B 179 5.86 -21.08 -17.67
C ALA B 179 6.73 -22.25 -17.24
N ILE B 180 6.12 -23.36 -16.81
CA ILE B 180 6.90 -24.49 -16.28
C ILE B 180 7.68 -25.19 -17.38
N LYS B 181 7.15 -25.24 -18.60
CA LYS B 181 7.90 -25.92 -19.66
C LYS B 181 9.11 -25.13 -20.11
N VAL B 182 9.23 -23.86 -19.70
CA VAL B 182 10.42 -23.07 -20.03
C VAL B 182 11.57 -23.40 -19.08
N ILE B 183 11.24 -23.74 -17.83
CA ILE B 183 12.20 -24.09 -16.78
C ILE B 183 13.40 -24.88 -17.31
N PRO B 184 13.24 -25.94 -18.10
CA PRO B 184 14.45 -26.65 -18.57
C PRO B 184 15.28 -25.86 -19.57
N THR B 185 14.68 -24.93 -20.32
CA THR B 185 15.47 -24.01 -21.14
C THR B 185 16.38 -23.15 -20.26
N VAL B 186 15.85 -22.66 -19.14
CA VAL B 186 16.65 -21.84 -18.23
C VAL B 186 17.88 -22.59 -17.80
N PHE B 187 17.71 -23.81 -17.28
CA PHE B 187 18.82 -24.52 -16.66
C PHE B 187 19.84 -24.99 -17.69
N LYS B 188 19.40 -25.31 -18.91
CA LYS B 188 20.35 -25.62 -19.97
C LYS B 188 21.12 -24.38 -20.41
N ALA B 189 20.45 -23.22 -20.48
CA ALA B 189 21.12 -21.98 -20.87
C ALA B 189 22.23 -21.59 -19.90
N MET B 190 21.99 -21.72 -18.58
CA MET B 190 23.08 -21.60 -17.61
C MET B 190 24.14 -22.67 -17.84
N GLN B 191 23.70 -23.90 -18.09
CA GLN B 191 24.60 -25.02 -18.29
C GLN B 191 25.47 -24.87 -19.53
N MET B 192 25.15 -23.96 -20.46
CA MET B 192 25.93 -23.77 -21.67
C MET B 192 26.37 -22.32 -21.89
N GLN B 193 26.09 -21.41 -20.96
CA GLN B 193 26.29 -19.97 -21.11
C GLN B 193 25.63 -19.46 -22.41
N GLU B 194 24.30 -19.41 -22.38
CA GLU B 194 23.53 -18.81 -23.47
C GLU B 194 22.83 -17.61 -22.87
N ARG B 195 23.59 -16.52 -22.71
CA ARG B 195 23.07 -15.30 -22.10
C ARG B 195 21.79 -14.85 -22.78
N ASP B 196 21.76 -14.86 -24.11
CA ASP B 196 20.57 -14.44 -24.81
C ASP B 196 19.41 -15.39 -24.57
N THR B 197 19.70 -16.70 -24.59
CA THR B 197 18.63 -17.68 -24.38
C THR B 197 18.04 -17.56 -22.98
N LEU B 198 18.90 -17.40 -21.97
CA LEU B 198 18.40 -17.26 -20.61
C LEU B 198 17.49 -16.03 -20.47
N LEU B 199 17.93 -14.88 -20.99
CA LEU B 199 17.17 -13.65 -20.85
C LEU B 199 15.78 -13.76 -21.47
N LYS B 200 15.68 -14.37 -22.65
CA LYS B 200 14.39 -14.61 -23.28
C LYS B 200 13.58 -15.62 -22.47
N ALA B 201 14.26 -16.67 -21.99
CA ALA B 201 13.64 -17.67 -21.12
C ALA B 201 13.00 -17.03 -19.89
N LEU B 202 13.75 -16.18 -19.19
CA LEU B 202 13.16 -15.47 -18.06
C LEU B 202 12.05 -14.51 -18.49
N LEU B 203 12.17 -13.90 -19.67
CA LEU B 203 11.07 -13.04 -20.13
C LEU B 203 9.82 -13.86 -20.40
N GLU B 204 9.97 -15.01 -21.08
CA GLU B 204 8.77 -15.79 -21.38
C GLU B 204 8.08 -16.27 -20.11
N ILE B 205 8.86 -16.67 -19.10
CA ILE B 205 8.27 -17.08 -17.82
C ILE B 205 7.49 -15.94 -17.20
N ALA B 206 8.08 -14.75 -17.11
CA ALA B 206 7.40 -13.61 -16.50
C ALA B 206 6.12 -13.26 -17.27
N SER B 207 6.17 -13.33 -18.61
CA SER B 207 4.99 -13.10 -19.42
C SER B 207 3.90 -14.12 -19.11
N CYS B 208 4.27 -15.40 -19.03
CA CYS B 208 3.30 -16.46 -18.73
C CYS B 208 2.74 -16.31 -17.32
N LEU B 209 3.54 -15.85 -16.36
CA LEU B 209 2.98 -15.59 -15.05
C LEU B 209 2.02 -14.40 -15.08
N GLU B 210 2.24 -13.45 -16.00
CA GLU B 210 1.34 -12.30 -16.11
C GLU B 210 -0.06 -12.72 -16.59
N LYS B 211 -0.13 -13.58 -17.62
CA LYS B 211 -1.46 -13.99 -18.08
C LYS B 211 -2.16 -14.87 -17.05
N ALA B 212 -1.39 -15.64 -16.26
CA ALA B 212 -1.96 -16.35 -15.12
C ALA B 212 -2.67 -15.40 -14.17
N LEU B 213 -2.08 -14.22 -13.94
CA LEU B 213 -2.76 -13.20 -13.13
C LEU B 213 -4.05 -12.75 -13.81
N GLN B 214 -4.01 -12.51 -15.13
CA GLN B 214 -5.23 -12.15 -15.84
C GLN B 214 -6.31 -13.22 -15.67
N VAL B 215 -5.94 -14.51 -15.83
CA VAL B 215 -6.91 -15.60 -15.69
C VAL B 215 -7.50 -15.63 -14.27
N PHE B 216 -6.65 -15.35 -13.27
CA PHE B 216 -7.10 -15.26 -11.88
C PHE B 216 -8.32 -14.33 -11.67
N HIS B 217 -8.55 -13.37 -12.57
CA HIS B 217 -9.68 -12.44 -12.35
C HIS B 217 -11.03 -13.10 -12.53
N GLN B 218 -11.12 -14.15 -13.36
CA GLN B 218 -12.40 -14.81 -13.58
C GLN B 218 -13.03 -15.32 -12.29
N ILE B 219 -12.27 -15.37 -11.19
CA ILE B 219 -12.83 -15.81 -9.91
C ILE B 219 -14.09 -15.01 -9.56
N HIS B 220 -14.08 -13.70 -9.85
CA HIS B 220 -15.20 -12.83 -9.48
C HIS B 220 -16.45 -13.15 -10.29
N ASP B 221 -16.27 -13.62 -11.51
CA ASP B 221 -17.36 -13.96 -12.43
C ASP B 221 -18.06 -15.28 -12.12
N HIS B 222 -17.50 -16.11 -11.24
CA HIS B 222 -18.02 -17.45 -11.05
C HIS B 222 -18.08 -17.89 -9.59
N VAL B 223 -17.63 -17.06 -8.64
CA VAL B 223 -17.72 -17.41 -7.23
C VAL B 223 -18.33 -16.23 -6.49
N ASN B 224 -19.33 -16.50 -5.70
CA ASN B 224 -20.05 -15.67 -4.76
C ASN B 224 -19.44 -15.80 -3.36
N PRO B 225 -19.06 -14.71 -2.70
CA PRO B 225 -18.38 -14.85 -1.40
C PRO B 225 -19.19 -15.58 -0.37
N LYS B 226 -20.50 -15.32 -0.31
CA LYS B 226 -21.34 -16.06 0.63
C LYS B 226 -21.27 -17.56 0.34
N ALA B 227 -21.35 -17.94 -0.95
CA ALA B 227 -21.39 -19.35 -1.31
C ALA B 227 -20.10 -20.07 -0.90
N PHE B 228 -18.95 -19.43 -1.13
CA PHE B 228 -17.68 -20.05 -0.79
C PHE B 228 -17.51 -20.19 0.72
N PHE B 229 -17.61 -19.06 1.43
CA PHE B 229 -17.31 -19.03 2.85
C PHE B 229 -18.24 -19.93 3.64
N SER B 230 -19.53 -19.85 3.40
CA SER B 230 -20.48 -20.53 4.26
C SER B 230 -20.98 -21.87 3.72
N VAL B 231 -20.70 -22.20 2.45
CA VAL B 231 -21.09 -23.53 1.96
C VAL B 231 -19.87 -24.35 1.56
N LEU B 232 -19.17 -23.91 0.51
CA LEU B 232 -18.10 -24.72 -0.05
C LEU B 232 -16.98 -24.98 0.96
N ARG B 233 -16.63 -23.96 1.74
CA ARG B 233 -15.47 -24.08 2.61
C ARG B 233 -15.68 -25.12 3.70
N ILE B 234 -16.93 -25.45 3.99
CA ILE B 234 -17.26 -26.55 4.89
C ILE B 234 -16.64 -27.85 4.42
N TYR B 235 -16.86 -28.19 3.15
CA TYR B 235 -16.44 -29.50 2.66
C TYR B 235 -14.98 -29.54 2.23
N LEU B 236 -14.25 -28.42 2.29
CA LEU B 236 -12.79 -28.42 2.19
C LEU B 236 -12.11 -28.27 3.55
N SER B 237 -12.87 -28.13 4.62
CA SER B 237 -12.31 -28.03 5.96
C SER B 237 -11.95 -29.41 6.46
N GLY B 238 -10.72 -29.55 6.96
CA GLY B 238 -10.21 -30.80 7.47
C GLY B 238 -10.22 -30.89 8.99
N TRP B 239 -9.41 -31.81 9.52
CA TRP B 239 -9.39 -32.12 10.94
C TRP B 239 -7.94 -32.15 11.45
N LYS B 240 -7.22 -31.06 11.24
CA LYS B 240 -5.97 -30.79 11.94
C LYS B 240 -6.18 -29.51 12.73
N GLY B 241 -6.01 -29.58 14.04
CA GLY B 241 -6.33 -28.45 14.87
C GLY B 241 -7.75 -27.93 14.70
N ASN B 242 -8.72 -28.80 14.39
CA ASN B 242 -10.10 -28.35 14.29
C ASN B 242 -10.83 -28.64 15.58
N PRO B 243 -11.24 -27.62 16.33
CA PRO B 243 -11.97 -27.86 17.58
C PRO B 243 -13.15 -28.80 17.44
N GLN B 244 -13.76 -28.88 16.25
CA GLN B 244 -14.85 -29.83 16.05
C GLN B 244 -14.37 -31.27 16.15
N LEU B 245 -13.17 -31.54 15.63
CA LEU B 245 -12.58 -32.87 15.64
C LEU B 245 -11.22 -32.78 16.34
N SER B 246 -11.24 -32.51 17.64
CA SER B 246 -10.04 -32.08 18.37
C SER B 246 -8.90 -33.09 18.26
N ASP B 247 -9.23 -34.39 18.26
CA ASP B 247 -8.23 -35.43 18.22
C ASP B 247 -8.02 -36.00 16.82
N GLY B 248 -8.85 -35.63 15.86
CA GLY B 248 -8.70 -36.14 14.52
C GLY B 248 -9.88 -36.99 14.09
N LEU B 249 -9.70 -37.75 13.03
CA LEU B 249 -10.74 -38.64 12.53
C LEU B 249 -10.31 -40.08 12.74
N VAL B 250 -11.25 -40.94 13.08
CA VAL B 250 -11.00 -42.36 13.20
C VAL B 250 -11.29 -43.01 11.85
N TYR B 251 -10.26 -43.55 11.21
CA TYR B 251 -10.42 -44.34 9.99
C TYR B 251 -10.62 -45.79 10.40
N GLU B 252 -11.90 -46.15 10.59
CA GLU B 252 -12.26 -47.39 11.26
C GLU B 252 -11.74 -48.60 10.50
N GLY B 253 -11.10 -49.51 11.23
CA GLY B 253 -10.55 -50.71 10.63
C GLY B 253 -9.19 -50.56 10.01
N PHE B 254 -8.58 -49.37 10.09
CA PHE B 254 -7.27 -49.14 9.51
C PHE B 254 -6.24 -48.66 10.52
N TRP B 255 -6.59 -47.69 11.35
CA TRP B 255 -5.76 -47.24 12.44
C TRP B 255 -6.65 -47.15 13.68
N GLU B 256 -6.08 -47.46 14.86
CA GLU B 256 -6.96 -47.43 16.03
C GLU B 256 -7.12 -46.05 16.64
N ASP B 257 -6.22 -45.19 16.40
CA ASP B 257 -6.31 -43.85 16.94
C ASP B 257 -6.72 -42.83 15.88
N PRO B 258 -7.40 -41.76 16.29
CA PRO B 258 -7.75 -40.70 15.33
C PRO B 258 -6.50 -40.02 14.82
N LYS B 259 -6.57 -39.54 13.57
CA LYS B 259 -5.44 -38.88 12.95
C LYS B 259 -5.90 -37.54 12.42
N GLU B 260 -4.94 -36.63 12.27
CA GLU B 260 -5.18 -35.23 11.90
C GLU B 260 -4.54 -34.97 10.55
N PHE B 261 -5.34 -34.38 9.64
CA PHE B 261 -4.87 -34.00 8.30
C PHE B 261 -5.45 -32.65 7.95
N ALA B 262 -4.63 -31.81 7.33
CA ALA B 262 -5.07 -30.46 7.02
C ALA B 262 -6.07 -30.49 5.88
N GLY B 263 -7.00 -29.53 5.93
CA GLY B 263 -8.11 -29.54 5.00
C GLY B 263 -7.76 -29.07 3.61
N GLY B 264 -8.51 -29.62 2.63
CA GLY B 264 -8.43 -29.26 1.22
C GLY B 264 -8.31 -27.77 0.98
N SER B 265 -7.29 -27.34 0.27
CA SER B 265 -7.16 -25.91 0.09
C SER B 265 -6.67 -25.55 -1.29
N ALA B 266 -7.05 -24.35 -1.71
CA ALA B 266 -6.36 -23.68 -2.81
C ALA B 266 -4.89 -23.55 -2.53
N GLY B 267 -4.51 -23.58 -1.24
CA GLY B 267 -3.14 -23.41 -0.78
C GLY B 267 -2.21 -24.55 -1.10
N GLN B 268 -2.73 -25.68 -1.59
CA GLN B 268 -1.87 -26.83 -1.83
C GLN B 268 -1.30 -26.88 -3.24
N SER B 269 -1.45 -25.81 -4.01
CA SER B 269 -0.94 -25.80 -5.36
C SER B 269 0.58 -25.79 -5.33
N SER B 270 1.19 -26.48 -6.27
CA SER B 270 2.65 -26.43 -6.43
C SER B 270 3.13 -25.17 -7.14
N VAL B 271 2.23 -24.30 -7.57
CA VAL B 271 2.57 -23.29 -8.57
C VAL B 271 3.48 -22.22 -7.97
N PHE B 272 3.06 -21.59 -6.86
CA PHE B 272 3.90 -20.52 -6.31
C PHE B 272 5.24 -21.06 -5.83
N GLN B 273 5.26 -22.23 -5.18
CA GLN B 273 6.50 -22.81 -4.70
C GLN B 273 7.42 -23.19 -5.85
N CYS B 274 6.86 -23.65 -6.97
CA CYS B 274 7.69 -23.95 -8.12
C CYS B 274 8.56 -22.75 -8.51
N PHE B 275 7.98 -21.55 -8.52
CA PHE B 275 8.74 -20.39 -8.96
C PHE B 275 9.55 -19.75 -7.83
N ASP B 276 9.08 -19.83 -6.60
CA ASP B 276 9.92 -19.54 -5.45
C ASP B 276 11.26 -20.27 -5.51
N VAL B 277 11.21 -21.60 -5.65
CA VAL B 277 12.44 -22.40 -5.68
C VAL B 277 13.25 -22.10 -6.95
N LEU B 278 12.57 -21.84 -8.06
CA LEU B 278 13.26 -21.48 -9.30
C LEU B 278 14.06 -20.19 -9.11
N LEU B 279 13.45 -19.16 -8.54
CA LEU B 279 14.07 -17.85 -8.40
C LEU B 279 14.89 -17.71 -7.13
N GLY B 280 15.04 -18.79 -6.36
CA GLY B 280 15.75 -18.67 -5.11
C GLY B 280 15.14 -17.71 -4.11
N ILE B 281 13.82 -17.63 -4.05
CA ILE B 281 13.23 -16.98 -2.88
C ILE B 281 13.25 -17.96 -1.73
N GLN B 282 13.62 -17.46 -0.54
CA GLN B 282 13.73 -18.30 0.65
C GLN B 282 12.43 -18.17 1.44
N GLN B 283 11.42 -18.89 0.98
CA GLN B 283 10.15 -19.03 1.71
C GLN B 283 10.17 -20.27 2.58
N THR B 284 10.33 -21.45 1.96
CA THR B 284 10.43 -22.66 2.76
C THR B 284 11.71 -22.70 3.60
N ALA B 285 12.51 -21.63 3.56
CA ALA B 285 13.65 -21.45 4.46
C ALA B 285 13.57 -20.05 5.04
N GLY B 286 13.53 -19.96 6.37
CA GLY B 286 13.40 -18.68 7.05
C GLY B 286 12.83 -18.90 8.45
N GLY B 287 12.21 -17.85 8.98
CA GLY B 287 11.52 -17.96 10.24
C GLY B 287 10.49 -19.09 10.24
N GLY B 288 10.12 -19.53 11.44
CA GLY B 288 9.17 -20.62 11.57
C GLY B 288 7.74 -20.20 11.28
N HIS B 289 6.88 -21.23 11.21
CA HIS B 289 5.44 -21.12 10.98
C HIS B 289 5.13 -20.78 9.52
N ALA B 290 5.76 -19.75 8.96
CA ALA B 290 5.59 -19.46 7.54
C ALA B 290 6.34 -20.48 6.69
N ALA B 291 7.62 -20.66 6.97
CA ALA B 291 8.37 -21.72 6.31
C ALA B 291 7.76 -23.10 6.59
N GLN B 292 7.41 -23.36 7.85
CA GLN B 292 6.92 -24.68 8.20
C GLN B 292 5.59 -24.98 7.49
N PHE B 293 4.67 -24.02 7.50
CA PHE B 293 3.42 -24.25 6.79
C PHE B 293 3.66 -24.54 5.31
N LEU B 294 4.56 -23.77 4.69
CA LEU B 294 4.76 -23.91 3.26
C LEU B 294 5.32 -25.29 2.92
N GLN B 295 6.15 -25.85 3.77
CA GLN B 295 6.76 -27.13 3.47
C GLN B 295 5.93 -28.31 3.96
N ASP B 296 5.10 -28.12 5.00
CA ASP B 296 4.11 -29.12 5.35
C ASP B 296 3.10 -29.33 4.22
N MET B 297 2.77 -28.28 3.48
CA MET B 297 1.83 -28.44 2.38
C MET B 297 2.37 -29.35 1.29
N ARG B 298 3.69 -29.61 1.24
CA ARG B 298 4.15 -30.58 0.27
C ARG B 298 3.75 -32.01 0.63
N ARG B 299 3.36 -32.24 1.89
CA ARG B 299 2.86 -33.54 2.27
C ARG B 299 1.56 -33.87 1.54
N TYR B 300 0.83 -32.86 1.11
CA TYR B 300 -0.50 -33.00 0.54
C TYR B 300 -0.52 -32.91 -0.98
N MET B 301 0.65 -32.88 -1.63
CA MET B 301 0.91 -32.79 -3.06
C MET B 301 1.19 -34.16 -3.65
N PRO B 302 0.91 -34.39 -4.92
CA PRO B 302 1.29 -35.67 -5.55
C PRO B 302 2.77 -35.96 -5.38
N PRO B 303 3.15 -37.22 -5.19
CA PRO B 303 4.57 -37.52 -4.95
C PRO B 303 5.48 -37.03 -6.06
N ALA B 304 5.09 -37.22 -7.32
CA ALA B 304 5.91 -36.76 -8.43
C ALA B 304 6.13 -35.25 -8.38
N HIS B 305 5.15 -34.52 -7.84
CA HIS B 305 5.29 -33.08 -7.72
C HIS B 305 6.18 -32.71 -6.55
N ARG B 306 6.02 -33.39 -5.41
CA ARG B 306 7.05 -33.34 -4.36
C ARG B 306 8.44 -33.51 -4.98
N ASN B 307 8.59 -34.50 -5.85
CA ASN B 307 9.89 -34.77 -6.46
C ASN B 307 10.34 -33.63 -7.35
N PHE B 308 9.42 -33.05 -8.11
CA PHE B 308 9.78 -31.94 -8.98
C PHE B 308 10.34 -30.78 -8.18
N LEU B 309 9.73 -30.46 -7.03
CA LEU B 309 10.19 -29.31 -6.25
C LEU B 309 11.54 -29.58 -5.61
N CYS B 310 11.76 -30.79 -5.09
CA CYS B 310 13.02 -31.08 -4.41
C CYS B 310 14.18 -31.09 -5.40
N SER B 311 13.98 -31.70 -6.57
CA SER B 311 15.02 -31.74 -7.58
C SER B 311 15.33 -30.35 -8.12
N LEU B 312 14.36 -29.44 -8.07
CA LEU B 312 14.61 -28.06 -8.46
C LEU B 312 15.62 -27.40 -7.51
N GLU B 313 15.54 -27.74 -6.22
CA GLU B 313 16.51 -27.22 -5.26
C GLU B 313 17.91 -27.79 -5.48
N SER B 314 18.02 -29.04 -5.91
CA SER B 314 19.33 -29.61 -6.21
C SER B 314 20.01 -28.95 -7.41
N ASN B 315 19.34 -28.07 -8.11
CA ASN B 315 19.96 -27.42 -9.26
C ASN B 315 20.69 -26.15 -8.85
N PRO B 316 21.68 -25.73 -9.65
CA PRO B 316 22.40 -24.50 -9.34
C PRO B 316 21.46 -23.30 -9.33
N SER B 317 21.70 -22.37 -8.39
CA SER B 317 20.78 -21.28 -8.14
C SER B 317 20.78 -20.25 -9.28
N VAL B 318 19.60 -20.01 -9.85
CA VAL B 318 19.42 -19.06 -10.94
C VAL B 318 19.67 -17.63 -10.46
N ARG B 319 19.38 -17.36 -9.20
CA ARG B 319 19.58 -16.01 -8.68
C ARG B 319 21.06 -15.71 -8.46
N GLU B 320 21.81 -16.70 -7.96
CA GLU B 320 23.25 -16.50 -7.80
C GLU B 320 23.93 -16.36 -9.15
N PHE B 321 23.41 -17.03 -10.16
CA PHE B 321 23.93 -16.88 -11.52
C PHE B 321 23.79 -15.43 -12.00
N VAL B 322 22.55 -14.95 -12.12
CA VAL B 322 22.31 -13.57 -12.57
C VAL B 322 23.10 -12.58 -11.72
N LEU B 323 23.21 -12.84 -10.42
CA LEU B 323 23.94 -11.92 -9.55
C LEU B 323 25.43 -11.89 -9.88
N SER B 324 25.97 -13.00 -10.37
CA SER B 324 27.40 -13.12 -10.59
C SER B 324 27.85 -12.69 -11.98
N LYS B 325 26.95 -12.16 -12.83
CA LYS B 325 27.30 -11.91 -14.22
C LYS B 325 27.35 -10.43 -14.59
N GLY B 326 27.16 -9.52 -13.64
CA GLY B 326 27.14 -8.10 -13.94
C GLY B 326 26.39 -7.73 -15.22
N ASP B 327 25.19 -8.29 -15.40
CA ASP B 327 24.39 -8.16 -16.62
C ASP B 327 23.06 -7.51 -16.26
N ALA B 328 22.90 -6.25 -16.64
CA ALA B 328 21.71 -5.52 -16.22
C ALA B 328 20.47 -5.99 -16.98
N GLY B 329 20.65 -6.51 -18.19
CA GLY B 329 19.56 -7.14 -18.90
C GLY B 329 19.09 -8.37 -18.16
N LEU B 330 20.00 -9.34 -17.94
CA LEU B 330 19.68 -10.52 -17.14
C LEU B 330 19.00 -10.14 -15.83
N ARG B 331 19.43 -9.04 -15.21
CA ARG B 331 18.88 -8.69 -13.92
C ARG B 331 17.46 -8.16 -14.04
N GLU B 332 17.14 -7.48 -15.15
CA GLU B 332 15.79 -6.97 -15.33
C GLU B 332 14.80 -8.08 -15.71
N ALA B 333 15.24 -9.04 -16.53
CA ALA B 333 14.42 -10.21 -16.82
C ALA B 333 14.11 -10.98 -15.53
N TYR B 334 15.15 -11.25 -14.73
CA TYR B 334 14.93 -11.92 -13.45
C TYR B 334 13.96 -11.12 -12.58
N ASP B 335 14.05 -9.78 -12.64
CA ASP B 335 13.20 -8.98 -11.78
C ASP B 335 11.76 -8.98 -12.26
N ALA B 336 11.54 -9.20 -13.57
CA ALA B 336 10.18 -9.26 -14.08
C ALA B 336 9.47 -10.54 -13.68
N CYS B 337 10.22 -11.64 -13.46
CA CYS B 337 9.63 -12.82 -12.87
C CYS B 337 9.26 -12.58 -11.41
N VAL B 338 10.13 -11.91 -10.65
CA VAL B 338 9.82 -11.70 -9.24
C VAL B 338 8.66 -10.73 -9.10
N LYS B 339 8.48 -9.85 -10.07
CA LYS B 339 7.35 -8.93 -9.99
C LYS B 339 6.03 -9.63 -10.34
N ALA B 340 6.02 -10.50 -11.36
CA ALA B 340 4.79 -11.23 -11.63
C ALA B 340 4.39 -12.05 -10.41
N LEU B 341 5.37 -12.63 -9.73
CA LEU B 341 5.12 -13.40 -8.51
C LEU B 341 4.56 -12.54 -7.39
N VAL B 342 5.08 -11.33 -7.20
CA VAL B 342 4.58 -10.48 -6.14
C VAL B 342 3.14 -10.07 -6.44
N SER B 343 2.85 -9.70 -7.70
CA SER B 343 1.49 -9.37 -8.09
C SER B 343 0.54 -10.52 -7.79
N LEU B 344 0.95 -11.75 -8.13
CA LEU B 344 0.04 -12.88 -7.96
C LEU B 344 -0.38 -12.99 -6.50
N ARG B 345 0.60 -12.99 -5.60
CA ARG B 345 0.26 -13.10 -4.19
C ARG B 345 -0.53 -11.89 -3.70
N SER B 346 -0.23 -10.70 -4.22
CA SER B 346 -0.98 -9.51 -3.84
C SER B 346 -2.44 -9.64 -4.27
N TYR B 347 -2.67 -9.98 -5.53
CA TYR B 347 -4.04 -10.21 -5.96
C TYR B 347 -4.69 -11.33 -5.17
N HIS B 348 -3.90 -12.31 -4.75
CA HIS B 348 -4.43 -13.41 -3.95
C HIS B 348 -4.82 -12.92 -2.56
N LEU B 349 -4.05 -11.99 -2.02
CA LEU B 349 -4.41 -11.37 -0.75
C LEU B 349 -5.75 -10.66 -0.88
N GLN B 350 -5.97 -9.98 -2.00
CA GLN B 350 -7.27 -9.36 -2.27
C GLN B 350 -8.39 -10.38 -2.21
N ILE B 351 -8.17 -11.54 -2.85
CA ILE B 351 -9.20 -12.57 -2.93
C ILE B 351 -9.53 -13.12 -1.55
N VAL B 352 -8.50 -13.39 -0.74
CA VAL B 352 -8.73 -13.96 0.60
C VAL B 352 -9.44 -12.96 1.48
N THR B 353 -9.24 -11.66 1.23
CA THR B 353 -10.04 -10.64 1.88
C THR B 353 -11.50 -10.73 1.46
N LYS B 354 -11.76 -10.76 0.15
CA LYS B 354 -13.13 -10.80 -0.33
C LYS B 354 -13.85 -12.06 0.16
N TYR B 355 -13.19 -13.22 0.11
CA TYR B 355 -13.90 -14.49 0.22
C TYR B 355 -13.79 -15.16 1.58
N ILE B 356 -12.85 -14.73 2.44
CA ILE B 356 -12.69 -15.27 3.78
C ILE B 356 -12.84 -14.19 4.84
N LEU B 357 -12.08 -13.09 4.73
CA LEU B 357 -11.96 -12.14 5.83
C LEU B 357 -13.25 -11.34 6.05
N ILE B 358 -13.86 -10.85 4.98
CA ILE B 358 -15.06 -10.02 5.09
C ILE B 358 -16.26 -10.86 5.51
N PRO B 359 -16.58 -11.98 4.85
CA PRO B 359 -17.70 -12.79 5.33
C PRO B 359 -17.51 -13.35 6.73
N ALA B 360 -16.25 -13.59 7.14
CA ALA B 360 -16.00 -14.05 8.51
C ALA B 360 -16.40 -13.00 9.53
N SER B 361 -16.43 -11.73 9.14
CA SER B 361 -16.89 -10.66 10.04
C SER B 361 -18.40 -10.45 9.95
N GLN B 362 -18.96 -10.47 8.75
CA GLN B 362 -20.42 -10.36 8.62
C GLN B 362 -21.15 -11.60 9.12
N GLN B 363 -20.84 -12.08 10.33
CA GLN B 363 -21.53 -13.25 10.87
C GLN B 363 -22.96 -12.93 11.29
N GLY B 380 -11.84 -17.22 14.71
CA GLY B 380 -12.42 -15.89 14.61
C GLY B 380 -11.40 -14.87 14.15
N THR B 381 -10.94 -14.03 15.09
CA THR B 381 -9.88 -13.07 14.80
C THR B 381 -8.55 -13.73 14.50
N GLY B 382 -8.48 -15.06 14.51
CA GLY B 382 -7.35 -15.80 13.98
C GLY B 382 -7.28 -15.75 12.47
N GLY B 383 -8.08 -14.86 11.86
CA GLY B 383 -7.80 -14.43 10.51
C GLY B 383 -6.70 -13.39 10.45
N THR B 384 -6.39 -12.76 11.58
CA THR B 384 -5.33 -11.75 11.61
C THR B 384 -3.97 -12.34 11.26
N ASP B 385 -3.71 -13.60 11.63
CA ASP B 385 -2.41 -14.18 11.30
C ASP B 385 -2.44 -15.01 10.02
N LEU B 386 -3.63 -15.45 9.57
CA LEU B 386 -3.78 -15.84 8.17
C LEU B 386 -3.39 -14.68 7.26
N MET B 387 -3.94 -13.50 7.53
CA MET B 387 -3.47 -12.28 6.88
C MET B 387 -1.95 -12.17 6.96
N ASN B 388 -1.40 -12.25 8.17
CA ASN B 388 0.05 -12.08 8.36
C ASN B 388 0.84 -13.19 7.68
N PHE B 389 0.30 -14.39 7.56
CA PHE B 389 1.00 -15.44 6.83
C PHE B 389 1.19 -15.04 5.37
N LEU B 390 0.09 -14.73 4.67
CA LEU B 390 0.17 -14.35 3.27
C LEU B 390 1.04 -13.11 3.09
N LYS B 391 0.90 -12.12 3.98
CA LYS B 391 1.70 -10.91 3.90
C LYS B 391 3.18 -11.19 4.04
N THR B 392 3.54 -12.07 4.98
CA THR B 392 4.94 -12.43 5.15
C THR B 392 5.51 -13.01 3.87
N VAL B 393 4.76 -13.91 3.23
CA VAL B 393 5.29 -14.59 2.05
C VAL B 393 5.42 -13.62 0.88
N ARG B 394 4.48 -12.67 0.75
CA ARG B 394 4.56 -11.68 -0.34
C ARG B 394 5.77 -10.76 -0.17
N SER B 395 6.00 -10.23 1.03
CA SER B 395 7.12 -9.31 1.20
C SER B 395 8.46 -10.03 1.00
N THR B 396 8.62 -11.21 1.59
CA THR B 396 9.79 -12.03 1.30
C THR B 396 10.03 -12.16 -0.19
N THR B 397 8.96 -12.34 -0.97
CA THR B 397 9.10 -12.30 -2.42
C THR B 397 9.59 -10.95 -2.88
N GLU B 398 8.97 -9.88 -2.36
CA GLU B 398 9.31 -8.55 -2.84
C GLU B 398 10.74 -8.18 -2.50
N LYS B 399 11.18 -8.52 -1.28
CA LYS B 399 12.53 -8.24 -0.79
C LYS B 399 13.58 -8.95 -1.63
N SER B 400 13.14 -9.73 -2.59
CA SER B 400 14.04 -10.54 -3.37
C SER B 400 14.48 -9.87 -4.67
N LEU B 401 13.87 -8.74 -5.04
CA LEU B 401 14.20 -8.07 -6.29
C LEU B 401 15.64 -7.57 -6.31
N LEU B 402 16.31 -7.75 -7.46
CA LEU B 402 17.69 -7.29 -7.66
C LEU B 402 17.74 -5.83 -8.10
N LYS B 403 17.21 -4.96 -7.23
CA LYS B 403 17.28 -3.53 -7.50
C LYS B 403 18.73 -3.08 -7.57
N GLU B 404 19.00 -2.15 -8.49
CA GLU B 404 20.39 -1.73 -8.73
C GLU B 404 20.40 -0.22 -8.96
N GLY B 405 20.59 0.53 -7.86
CA GLY B 405 20.72 1.96 -7.93
C GLY B 405 21.91 2.45 -7.15
N ALA C 15 -48.70 1.44 -8.63
CA ALA C 15 -48.73 1.24 -10.07
C ALA C 15 -49.50 2.35 -10.77
N ALA C 16 -49.35 3.58 -10.28
CA ALA C 16 -49.98 4.74 -10.92
C ALA C 16 -49.36 5.01 -12.29
N TYR C 17 -48.07 4.71 -12.45
CA TYR C 17 -47.37 4.81 -13.73
C TYR C 17 -47.01 3.43 -14.29
N HIS C 18 -47.82 2.41 -14.00
CA HIS C 18 -47.55 1.02 -14.38
C HIS C 18 -46.19 0.59 -13.82
N ILE C 19 -46.03 0.75 -12.51
CA ILE C 19 -44.81 0.33 -11.82
C ILE C 19 -45.19 -0.57 -10.67
N ASP C 20 -44.78 -1.84 -10.74
CA ASP C 20 -45.15 -2.85 -9.76
C ASP C 20 -44.17 -2.80 -8.59
N GLU C 21 -44.70 -2.80 -7.37
CA GLU C 21 -43.86 -2.77 -6.17
C GLU C 21 -42.93 -3.98 -6.09
N GLU C 22 -43.28 -5.09 -6.74
CA GLU C 22 -42.48 -6.30 -6.64
C GLU C 22 -41.63 -6.59 -7.87
N VAL C 23 -42.05 -6.18 -9.07
CA VAL C 23 -41.23 -6.38 -10.27
C VAL C 23 -40.88 -5.07 -10.96
N GLY C 24 -41.35 -3.94 -10.47
CA GLY C 24 -40.88 -2.67 -11.01
C GLY C 24 -41.47 -2.37 -12.39
N PHE C 25 -40.59 -2.00 -13.32
CA PHE C 25 -40.99 -1.76 -14.69
C PHE C 25 -41.40 -3.02 -15.42
N ALA C 26 -41.23 -4.20 -14.81
CA ALA C 26 -41.59 -5.46 -15.44
C ALA C 26 -43.10 -5.65 -15.44
N LEU C 27 -43.60 -6.45 -16.39
CA LEU C 27 -45.03 -6.72 -16.43
C LEU C 27 -45.34 -7.86 -15.48
N PRO C 28 -46.18 -7.64 -14.47
CA PRO C 28 -46.47 -8.71 -13.49
C PRO C 28 -47.31 -9.82 -14.11
N ASN C 29 -46.91 -11.08 -13.82
CA ASN C 29 -47.51 -12.30 -14.35
C ASN C 29 -47.99 -12.16 -15.79
N PRO C 30 -47.10 -12.22 -16.77
CA PRO C 30 -47.50 -12.12 -18.17
C PRO C 30 -48.46 -13.23 -18.58
N GLN C 31 -48.98 -13.12 -19.81
CA GLN C 31 -50.19 -13.84 -20.17
C GLN C 31 -49.94 -15.30 -20.55
N GLU C 32 -48.97 -15.57 -21.42
CA GLU C 32 -48.67 -16.94 -21.88
C GLU C 32 -49.61 -17.50 -22.96
N ASN C 33 -50.93 -17.22 -22.93
CA ASN C 33 -51.83 -17.81 -23.93
C ASN C 33 -52.57 -16.74 -24.72
N LEU C 34 -52.69 -16.93 -26.02
CA LEU C 34 -53.54 -16.03 -26.80
C LEU C 34 -54.85 -16.72 -27.12
N PRO C 35 -55.88 -15.96 -27.47
CA PRO C 35 -57.13 -16.60 -27.95
C PRO C 35 -56.85 -17.58 -29.09
N ASP C 36 -57.72 -18.60 -29.21
CA ASP C 36 -57.49 -19.63 -30.21
C ASP C 36 -57.45 -19.05 -31.61
N PHE C 37 -58.20 -17.97 -31.86
CA PHE C 37 -58.10 -17.20 -33.09
C PHE C 37 -56.66 -17.04 -33.60
N TYR C 38 -55.72 -16.71 -32.72
CA TYR C 38 -54.35 -16.38 -33.13
C TYR C 38 -53.41 -17.57 -33.09
N ASN C 39 -53.92 -18.80 -33.01
CA ASN C 39 -53.04 -19.96 -32.80
C ASN C 39 -51.93 -20.05 -33.84
N ASP C 40 -52.20 -19.65 -35.07
CA ASP C 40 -51.19 -19.74 -36.12
C ASP C 40 -49.99 -18.84 -35.87
N TRP C 41 -50.19 -17.67 -35.24
CA TRP C 41 -49.05 -16.88 -34.79
C TRP C 41 -48.32 -17.61 -33.67
N MET C 42 -49.08 -18.10 -32.70
CA MET C 42 -48.45 -18.73 -31.53
C MET C 42 -47.62 -19.91 -31.97
N PHE C 43 -48.13 -20.70 -32.92
CA PHE C 43 -47.40 -21.86 -33.40
C PHE C 43 -46.06 -21.45 -34.00
N ILE C 44 -46.04 -20.45 -34.88
CA ILE C 44 -44.79 -20.08 -35.51
C ILE C 44 -43.80 -19.55 -34.47
N ALA C 45 -44.27 -18.65 -33.59
CA ALA C 45 -43.38 -18.04 -32.61
C ALA C 45 -42.76 -19.07 -31.66
N LYS C 46 -43.48 -20.16 -31.34
CA LYS C 46 -42.99 -21.16 -30.40
C LYS C 46 -42.02 -22.16 -31.03
N HIS C 47 -41.94 -22.21 -32.37
CA HIS C 47 -41.08 -23.13 -33.10
C HIS C 47 -40.09 -22.39 -33.99
N LEU C 48 -39.69 -21.18 -33.56
CA LEU C 48 -38.67 -20.43 -34.30
C LEU C 48 -37.38 -21.20 -34.48
N PRO C 49 -36.82 -21.88 -33.45
CA PRO C 49 -35.54 -22.59 -33.67
C PRO C 49 -35.66 -23.68 -34.71
N ASP C 50 -36.74 -24.47 -34.67
CA ASP C 50 -37.06 -25.44 -35.72
C ASP C 50 -37.17 -24.77 -37.08
N LEU C 51 -38.13 -23.85 -37.21
CA LEU C 51 -38.50 -23.33 -38.51
C LEU C 51 -37.38 -22.54 -39.13
N ILE C 52 -36.60 -21.82 -38.33
CA ILE C 52 -35.43 -21.15 -38.88
C ILE C 52 -34.45 -22.21 -39.39
N GLU C 53 -34.01 -23.08 -38.49
CA GLU C 53 -33.00 -24.09 -38.85
C GLU C 53 -33.36 -24.81 -40.14
N SER C 54 -34.60 -25.27 -40.23
CA SER C 54 -35.02 -26.00 -41.42
C SER C 54 -35.32 -25.12 -42.62
N GLY C 55 -35.14 -23.81 -42.54
CA GLY C 55 -35.38 -22.97 -43.72
C GLY C 55 -36.83 -22.83 -44.14
N GLN C 56 -37.77 -22.95 -43.21
CA GLN C 56 -39.19 -22.88 -43.55
C GLN C 56 -39.88 -21.64 -43.01
N LEU C 57 -39.22 -20.88 -42.12
CA LEU C 57 -39.91 -19.79 -41.42
C LEU C 57 -40.52 -18.78 -42.39
N ARG C 58 -39.71 -18.24 -43.31
CA ARG C 58 -40.21 -17.25 -44.26
C ARG C 58 -41.35 -17.79 -45.12
N GLU C 59 -41.29 -19.07 -45.49
CA GLU C 59 -42.40 -19.68 -46.21
C GLU C 59 -43.65 -19.73 -45.34
N ARG C 60 -43.51 -20.10 -44.06
CA ARG C 60 -44.68 -20.15 -43.18
C ARG C 60 -45.28 -18.76 -42.98
N VAL C 61 -44.44 -17.73 -42.91
CA VAL C 61 -44.97 -16.39 -42.62
C VAL C 61 -45.72 -15.87 -43.82
N GLU C 62 -45.20 -16.11 -45.02
CA GLU C 62 -45.87 -15.66 -46.22
C GLU C 62 -47.23 -16.36 -46.41
N LYS C 63 -47.45 -17.54 -45.81
CA LYS C 63 -48.72 -18.24 -45.97
C LYS C 63 -49.75 -17.87 -44.90
N LEU C 64 -49.38 -17.10 -43.87
CA LEU C 64 -50.37 -16.61 -42.92
C LEU C 64 -51.44 -15.78 -43.61
N ASN C 65 -52.68 -15.88 -43.13
CA ASN C 65 -53.72 -14.93 -43.49
C ASN C 65 -53.71 -13.75 -42.51
N MET C 66 -54.39 -12.68 -42.88
CA MET C 66 -54.47 -11.55 -41.97
C MET C 66 -55.46 -11.85 -40.85
N LEU C 67 -55.00 -11.65 -39.63
CA LEU C 67 -55.79 -11.88 -38.44
C LEU C 67 -56.03 -10.53 -37.79
N SER C 68 -57.27 -10.07 -37.83
CA SER C 68 -57.63 -8.83 -37.17
C SER C 68 -57.20 -8.84 -35.71
N ILE C 69 -56.81 -7.69 -35.21
CA ILE C 69 -56.43 -7.58 -33.79
C ILE C 69 -57.62 -7.30 -32.91
N ASP C 70 -58.84 -7.28 -33.45
CA ASP C 70 -59.99 -6.85 -32.67
C ASP C 70 -60.26 -7.78 -31.49
N HIS C 71 -59.79 -9.03 -31.57
CA HIS C 71 -60.02 -10.00 -30.51
C HIS C 71 -58.92 -10.00 -29.45
N LEU C 72 -58.20 -8.90 -29.30
CA LEU C 72 -57.26 -8.71 -28.20
C LEU C 72 -57.75 -7.54 -27.35
N THR C 73 -58.39 -7.82 -26.21
CA THR C 73 -59.17 -6.81 -25.53
C THR C 73 -58.69 -6.48 -24.12
N ASP C 74 -57.55 -7.04 -23.67
CA ASP C 74 -56.91 -6.65 -22.42
C ASP C 74 -55.43 -6.41 -22.63
N HIS C 75 -54.85 -5.57 -21.77
CA HIS C 75 -53.47 -5.14 -21.93
C HIS C 75 -52.51 -6.31 -22.02
N LYS C 76 -52.62 -7.26 -21.07
CA LYS C 76 -51.68 -8.38 -21.02
C LYS C 76 -51.73 -9.22 -22.29
N SER C 77 -52.89 -9.36 -22.90
CA SER C 77 -52.95 -10.12 -24.15
C SER C 77 -52.33 -9.30 -25.28
N GLN C 78 -52.55 -7.99 -25.29
CA GLN C 78 -51.89 -7.16 -26.29
C GLN C 78 -50.38 -7.21 -26.12
N ARG C 79 -49.91 -7.20 -24.87
CA ARG C 79 -48.48 -7.32 -24.62
C ARG C 79 -47.95 -8.65 -25.16
N LEU C 80 -48.65 -9.75 -24.87
CA LEU C 80 -48.18 -11.03 -25.37
C LEU C 80 -48.17 -11.05 -26.88
N ALA C 81 -49.15 -10.41 -27.52
CA ALA C 81 -49.20 -10.45 -28.97
C ALA C 81 -48.06 -9.64 -29.58
N ARG C 82 -47.72 -8.52 -28.95
CA ARG C 82 -46.59 -7.75 -29.45
C ARG C 82 -45.32 -8.57 -29.41
N LEU C 83 -45.11 -9.34 -28.33
CA LEU C 83 -43.93 -10.19 -28.18
C LEU C 83 -43.88 -11.27 -29.27
N VAL C 84 -45.01 -11.95 -29.49
CA VAL C 84 -45.14 -12.96 -30.55
C VAL C 84 -44.80 -12.34 -31.90
N LEU C 85 -45.52 -11.28 -32.27
CA LEU C 85 -45.34 -10.68 -33.59
C LEU C 85 -43.93 -10.14 -33.74
N GLY C 86 -43.36 -9.58 -32.67
CA GLY C 86 -41.99 -9.09 -32.75
C GLY C 86 -40.96 -10.20 -32.95
N CYS C 87 -41.13 -11.32 -32.26
CA CYS C 87 -40.20 -12.43 -32.47
C CYS C 87 -40.29 -12.94 -33.91
N ILE C 88 -41.52 -13.08 -34.43
CA ILE C 88 -41.71 -13.51 -35.81
C ILE C 88 -41.08 -12.51 -36.78
N THR C 89 -41.24 -11.21 -36.50
CA THR C 89 -40.67 -10.18 -37.35
C THR C 89 -39.15 -10.27 -37.40
N MET C 90 -38.49 -10.34 -36.23
CA MET C 90 -37.03 -10.50 -36.22
C MET C 90 -36.60 -11.76 -36.96
N ALA C 91 -37.33 -12.87 -36.78
CA ALA C 91 -36.94 -14.11 -37.42
C ALA C 91 -37.04 -13.99 -38.92
N TYR C 92 -38.11 -13.32 -39.39
CA TYR C 92 -38.38 -13.18 -40.81
C TYR C 92 -37.35 -12.29 -41.50
N VAL C 93 -36.99 -11.17 -40.87
CA VAL C 93 -36.08 -10.22 -41.49
C VAL C 93 -34.68 -10.83 -41.61
N TRP C 94 -34.17 -11.40 -40.52
CA TRP C 94 -32.79 -11.87 -40.48
C TRP C 94 -32.62 -13.32 -40.94
N GLY C 95 -33.66 -14.16 -40.89
CA GLY C 95 -33.48 -15.56 -41.23
C GLY C 95 -32.41 -16.27 -40.40
N LYS C 96 -31.54 -17.02 -41.08
CA LYS C 96 -30.48 -17.71 -40.36
C LYS C 96 -29.36 -16.79 -39.91
N GLY C 97 -29.39 -15.51 -40.28
CA GLY C 97 -28.28 -14.63 -39.91
C GLY C 97 -27.08 -14.84 -40.80
N HIS C 98 -27.29 -14.89 -42.11
CA HIS C 98 -26.26 -15.16 -43.09
C HIS C 98 -26.25 -14.10 -44.19
N GLY C 99 -26.82 -12.92 -43.92
CA GLY C 99 -26.89 -11.87 -44.89
C GLY C 99 -28.00 -11.99 -45.90
N ASP C 100 -28.64 -13.16 -46.00
CA ASP C 100 -29.90 -13.31 -46.73
C ASP C 100 -31.00 -12.59 -45.95
N VAL C 101 -31.20 -11.32 -46.22
CA VAL C 101 -32.13 -10.46 -45.47
C VAL C 101 -33.43 -10.34 -46.27
N ARG C 102 -34.56 -10.14 -45.58
CA ARG C 102 -35.78 -9.71 -46.23
C ARG C 102 -35.99 -8.22 -45.94
N LYS C 103 -36.31 -7.46 -46.99
CA LYS C 103 -36.50 -6.02 -46.87
C LYS C 103 -37.97 -5.63 -46.73
N VAL C 104 -38.90 -6.57 -46.87
CA VAL C 104 -40.32 -6.26 -46.79
C VAL C 104 -40.98 -7.20 -45.80
N LEU C 105 -41.59 -6.62 -44.76
CA LEU C 105 -42.44 -7.40 -43.87
C LEU C 105 -43.78 -7.64 -44.55
N PRO C 106 -44.17 -8.90 -44.78
CA PRO C 106 -45.43 -9.14 -45.50
C PRO C 106 -46.62 -8.48 -44.82
N ARG C 107 -47.57 -8.05 -45.67
CA ARG C 107 -48.74 -7.29 -45.24
C ARG C 107 -49.52 -8.00 -44.14
N ASN C 108 -49.74 -9.32 -44.29
CA ASN C 108 -50.56 -10.03 -43.32
C ASN C 108 -49.97 -10.05 -41.92
N ILE C 109 -48.68 -9.79 -41.78
CA ILE C 109 -48.10 -9.58 -40.47
C ILE C 109 -47.85 -8.10 -40.18
N ALA C 110 -47.44 -7.32 -41.19
CA ALA C 110 -47.06 -5.92 -40.92
C ALA C 110 -48.25 -5.08 -40.47
N VAL C 111 -49.43 -5.27 -41.06
CA VAL C 111 -50.58 -4.41 -40.74
C VAL C 111 -50.99 -4.60 -39.28
N PRO C 112 -51.34 -5.80 -38.81
CA PRO C 112 -51.80 -5.89 -37.41
C PRO C 112 -50.70 -5.55 -36.41
N TYR C 113 -49.44 -5.87 -36.73
CA TYR C 113 -48.33 -5.50 -35.86
C TYR C 113 -48.20 -3.99 -35.74
N CYS C 114 -48.33 -3.28 -36.85
CA CYS C 114 -48.32 -1.82 -36.78
C CYS C 114 -49.56 -1.30 -36.08
N GLN C 115 -50.72 -1.88 -36.37
CA GLN C 115 -51.97 -1.45 -35.72
C GLN C 115 -51.89 -1.66 -34.22
N LEU C 116 -51.42 -2.84 -33.80
CA LEU C 116 -51.27 -3.14 -32.38
C LEU C 116 -50.19 -2.28 -31.74
N SER C 117 -49.08 -2.06 -32.44
CA SER C 117 -48.04 -1.18 -31.93
C SER C 117 -48.55 0.24 -31.66
N ALA C 118 -49.49 0.72 -32.48
CA ALA C 118 -50.00 2.08 -32.27
C ALA C 118 -50.94 2.14 -31.08
N ALA C 119 -51.76 1.13 -30.87
CA ALA C 119 -52.56 1.05 -29.66
C ALA C 119 -51.69 1.04 -28.38
N LEU C 120 -50.51 0.41 -28.42
CA LEU C 120 -49.60 0.39 -27.27
C LEU C 120 -48.56 1.51 -27.30
N GLU C 121 -48.58 2.37 -28.32
CA GLU C 121 -47.63 3.49 -28.48
C GLU C 121 -46.17 3.05 -28.42
N LEU C 122 -45.83 1.96 -29.09
CA LEU C 122 -44.46 1.50 -29.24
C LEU C 122 -44.14 1.28 -30.71
N PRO C 123 -42.87 1.37 -31.09
CA PRO C 123 -42.53 1.19 -32.50
C PRO C 123 -42.67 -0.26 -32.92
N PRO C 124 -43.04 -0.53 -34.19
CA PRO C 124 -43.13 -1.91 -34.69
C PRO C 124 -41.79 -2.66 -34.82
N ILE C 125 -41.04 -2.70 -33.73
CA ILE C 125 -39.87 -3.55 -33.63
C ILE C 125 -39.89 -4.21 -32.25
N LEU C 126 -39.12 -5.28 -32.10
CA LEU C 126 -39.03 -5.94 -30.81
C LEU C 126 -38.22 -5.07 -29.84
N VAL C 127 -38.75 -4.83 -28.64
CA VAL C 127 -38.10 -3.96 -27.69
C VAL C 127 -37.88 -4.69 -26.36
N TYR C 128 -37.08 -4.04 -25.50
CA TYR C 128 -36.80 -4.54 -24.15
C TYR C 128 -38.07 -4.88 -23.38
N ALA C 129 -39.10 -4.06 -23.53
CA ALA C 129 -40.35 -4.37 -22.86
C ALA C 129 -41.04 -5.58 -23.47
N ASP C 130 -40.68 -5.96 -24.70
CA ASP C 130 -41.18 -7.22 -25.26
C ASP C 130 -40.37 -8.40 -24.73
N CYS C 131 -39.09 -8.48 -25.11
CA CYS C 131 -38.37 -9.72 -24.98
C CYS C 131 -37.80 -9.96 -23.58
N VAL C 132 -37.79 -8.96 -22.71
CA VAL C 132 -37.43 -9.12 -21.29
C VAL C 132 -38.66 -8.92 -20.39
N LEU C 133 -39.26 -7.73 -20.40
CA LEU C 133 -40.26 -7.37 -19.37
C LEU C 133 -41.57 -8.16 -19.44
N ALA C 134 -41.86 -8.82 -20.56
CA ALA C 134 -43.10 -9.57 -20.71
C ALA C 134 -42.89 -11.03 -21.09
N ASN C 135 -41.65 -11.47 -21.22
CA ASN C 135 -41.33 -12.78 -21.78
C ASN C 135 -40.90 -13.76 -20.68
N TRP C 136 -41.73 -13.93 -19.66
CA TRP C 136 -41.34 -14.75 -18.53
C TRP C 136 -42.55 -15.32 -17.82
N LYS C 137 -42.31 -16.41 -17.08
CA LYS C 137 -43.31 -17.08 -16.26
C LYS C 137 -42.62 -17.66 -15.04
N LYS C 138 -43.39 -17.88 -13.98
CA LYS C 138 -42.88 -18.65 -12.85
C LYS C 138 -43.03 -20.14 -13.13
N LYS C 139 -41.97 -20.92 -12.89
CA LYS C 139 -42.08 -22.38 -13.02
C LYS C 139 -43.12 -22.94 -12.05
N ASP C 140 -43.07 -22.50 -10.79
CA ASP C 140 -44.03 -22.88 -9.76
C ASP C 140 -44.48 -21.57 -9.12
N PRO C 141 -45.77 -21.22 -9.22
CA PRO C 141 -46.20 -19.86 -8.79
C PRO C 141 -46.04 -19.59 -7.31
N ASN C 142 -45.70 -20.58 -6.48
CA ASN C 142 -45.67 -20.35 -5.05
C ASN C 142 -44.25 -20.30 -4.48
N LYS C 143 -43.24 -20.73 -5.23
CA LYS C 143 -41.86 -20.43 -4.90
C LYS C 143 -41.49 -19.03 -5.43
N PRO C 144 -40.45 -18.40 -4.91
CA PRO C 144 -40.21 -16.98 -5.20
C PRO C 144 -39.54 -16.76 -6.57
N LEU C 145 -39.25 -15.48 -6.85
CA LEU C 145 -38.71 -15.04 -8.15
C LEU C 145 -37.19 -15.20 -8.16
N THR C 146 -36.73 -16.40 -8.47
CA THR C 146 -35.31 -16.66 -8.68
C THR C 146 -35.14 -17.35 -10.03
N TYR C 147 -33.93 -17.28 -10.57
CA TYR C 147 -33.63 -17.87 -11.87
C TYR C 147 -34.15 -19.32 -11.98
N GLU C 148 -33.91 -20.12 -10.95
CA GLU C 148 -34.29 -21.54 -11.00
C GLU C 148 -35.79 -21.74 -11.11
N ASN C 149 -36.59 -20.78 -10.64
CA ASN C 149 -38.04 -20.91 -10.68
C ASN C 149 -38.67 -20.16 -11.86
N MET C 150 -37.87 -19.60 -12.77
CA MET C 150 -38.44 -18.80 -13.85
C MET C 150 -38.13 -19.41 -15.22
N ASP C 151 -38.81 -18.91 -16.25
CA ASP C 151 -38.53 -19.34 -17.61
C ASP C 151 -39.00 -18.27 -18.59
N VAL C 152 -38.36 -18.23 -19.75
CA VAL C 152 -38.78 -17.33 -20.82
C VAL C 152 -39.87 -18.01 -21.62
N LEU C 153 -40.59 -17.25 -22.44
CA LEU C 153 -41.66 -17.81 -23.27
C LEU C 153 -41.26 -18.00 -24.71
N PHE C 154 -40.29 -17.24 -25.22
CA PHE C 154 -39.86 -17.41 -26.60
C PHE C 154 -38.34 -17.35 -26.69
N SER C 155 -37.82 -18.11 -27.66
CA SER C 155 -36.41 -18.17 -28.00
C SER C 155 -36.26 -18.18 -29.51
N PHE C 156 -35.06 -17.88 -29.98
CA PHE C 156 -34.81 -17.78 -31.41
C PHE C 156 -34.15 -19.04 -31.97
N ARG C 157 -32.99 -19.41 -31.43
CA ARG C 157 -32.22 -20.55 -31.91
C ARG C 157 -31.82 -21.40 -30.72
N ASP C 158 -31.63 -22.69 -30.98
CA ASP C 158 -31.15 -23.55 -29.91
C ASP C 158 -29.76 -23.13 -29.50
N GLY C 159 -29.56 -22.95 -28.20
CA GLY C 159 -28.28 -22.45 -27.72
C GLY C 159 -28.00 -20.99 -28.02
N ASP C 160 -29.03 -20.15 -28.17
CA ASP C 160 -28.82 -18.72 -28.30
C ASP C 160 -28.72 -18.02 -26.95
N CYS C 161 -28.84 -18.78 -25.85
CA CYS C 161 -28.70 -18.27 -24.49
C CYS C 161 -29.73 -17.19 -24.15
N SER C 162 -30.84 -17.14 -24.89
CA SER C 162 -31.89 -16.16 -24.62
C SER C 162 -32.45 -16.31 -23.20
N LYS C 163 -32.63 -17.55 -22.73
CA LYS C 163 -33.07 -17.72 -21.34
C LYS C 163 -32.12 -17.04 -20.38
N GLY C 164 -30.81 -17.21 -20.59
CA GLY C 164 -29.86 -16.56 -19.71
C GLY C 164 -29.94 -15.06 -19.82
N PHE C 165 -29.84 -14.54 -21.05
CA PHE C 165 -29.80 -13.10 -21.21
C PHE C 165 -31.11 -12.46 -20.76
N PHE C 166 -32.27 -13.02 -21.14
CA PHE C 166 -33.52 -12.34 -20.82
C PHE C 166 -33.82 -12.42 -19.33
N LEU C 167 -33.62 -13.59 -18.73
CA LEU C 167 -34.00 -13.75 -17.33
C LEU C 167 -33.07 -13.02 -16.38
N VAL C 168 -31.77 -12.93 -16.69
CA VAL C 168 -30.89 -12.22 -15.77
C VAL C 168 -31.19 -10.72 -15.86
N SER C 169 -31.28 -10.19 -17.08
CA SER C 169 -31.80 -8.83 -17.32
C SER C 169 -33.06 -8.59 -16.49
N LEU C 170 -33.99 -9.52 -16.59
CA LEU C 170 -35.23 -9.41 -15.83
C LEU C 170 -34.93 -9.30 -14.33
N LEU C 171 -34.02 -10.15 -13.83
CA LEU C 171 -33.75 -10.19 -12.41
C LEU C 171 -33.02 -8.95 -11.92
N VAL C 172 -32.24 -8.32 -12.79
CA VAL C 172 -31.68 -7.01 -12.47
C VAL C 172 -32.78 -5.94 -12.38
N GLU C 173 -33.77 -5.98 -13.29
CA GLU C 173 -34.95 -5.11 -13.17
C GLU C 173 -35.64 -5.29 -11.82
N ILE C 174 -35.95 -6.53 -11.47
CA ILE C 174 -36.69 -6.81 -10.23
C ILE C 174 -35.91 -6.33 -9.00
N ALA C 175 -34.58 -6.45 -9.02
CA ALA C 175 -33.79 -5.96 -7.88
C ALA C 175 -33.91 -4.45 -7.75
N ALA C 176 -33.73 -3.72 -8.85
CA ALA C 176 -33.91 -2.27 -8.82
C ALA C 176 -35.34 -1.88 -8.48
N ALA C 177 -36.31 -2.78 -8.62
CA ALA C 177 -37.66 -2.46 -8.17
C ALA C 177 -37.69 -2.13 -6.69
N SER C 178 -36.74 -2.68 -5.93
CA SER C 178 -36.71 -2.45 -4.49
C SER C 178 -36.39 -1.00 -4.16
N ALA C 179 -35.67 -0.32 -5.05
CA ALA C 179 -35.30 1.08 -4.84
C ALA C 179 -36.37 2.03 -5.33
N ILE C 180 -37.19 1.61 -6.30
CA ILE C 180 -38.16 2.55 -6.85
C ILE C 180 -39.36 2.74 -5.93
N LYS C 181 -39.64 1.77 -5.05
CA LYS C 181 -40.74 1.95 -4.11
C LYS C 181 -40.35 2.87 -2.96
N VAL C 182 -39.11 3.37 -2.94
CA VAL C 182 -38.69 4.36 -1.97
C VAL C 182 -38.76 5.78 -2.55
N ILE C 183 -38.91 5.90 -3.85
CA ILE C 183 -38.80 7.21 -4.51
C ILE C 183 -39.87 8.19 -4.02
N PRO C 184 -41.16 7.83 -3.93
CA PRO C 184 -42.12 8.72 -3.24
C PRO C 184 -41.66 9.20 -1.89
N THR C 185 -40.96 8.34 -1.13
CA THR C 185 -40.56 8.67 0.22
C THR C 185 -39.48 9.75 0.23
N VAL C 186 -38.61 9.77 -0.77
CA VAL C 186 -37.60 10.81 -0.87
C VAL C 186 -38.26 12.18 -1.01
N PHE C 187 -39.34 12.25 -1.80
CA PHE C 187 -39.98 13.53 -2.08
C PHE C 187 -40.90 13.97 -0.94
N LYS C 188 -41.66 13.05 -0.36
CA LYS C 188 -42.36 13.36 0.88
C LYS C 188 -41.42 13.99 1.89
N ALA C 189 -40.22 13.41 2.06
CA ALA C 189 -39.29 13.89 3.10
C ALA C 189 -38.78 15.29 2.80
N MET C 190 -38.48 15.61 1.54
CA MET C 190 -38.10 16.98 1.24
C MET C 190 -39.28 17.93 1.43
N GLN C 191 -40.47 17.52 0.97
CA GLN C 191 -41.66 18.34 1.12
C GLN C 191 -42.09 18.51 2.58
N MET C 192 -41.56 17.71 3.49
CA MET C 192 -41.93 17.83 4.90
C MET C 192 -40.73 18.18 5.77
N GLN C 193 -39.59 18.54 5.17
CA GLN C 193 -38.37 18.76 5.90
C GLN C 193 -38.16 17.65 6.93
N GLU C 194 -37.73 16.47 6.49
CA GLU C 194 -37.55 15.30 7.35
C GLU C 194 -36.14 14.77 7.08
N ARG C 195 -35.18 15.27 7.85
CA ARG C 195 -33.77 14.98 7.62
C ARG C 195 -33.47 13.49 7.76
N ASP C 196 -33.95 12.87 8.84
CA ASP C 196 -33.59 11.49 9.12
C ASP C 196 -34.26 10.55 8.14
N THR C 197 -35.53 10.82 7.81
CA THR C 197 -36.21 10.04 6.79
C THR C 197 -35.47 10.11 5.46
N LEU C 198 -35.12 11.34 5.04
CA LEU C 198 -34.46 11.51 3.76
C LEU C 198 -33.12 10.79 3.71
N LEU C 199 -32.40 10.76 4.82
CA LEU C 199 -31.11 10.09 4.83
C LEU C 199 -31.28 8.58 4.83
N LYS C 200 -32.24 8.06 5.61
CA LYS C 200 -32.53 6.63 5.59
C LYS C 200 -32.91 6.19 4.19
N ALA C 201 -33.81 6.96 3.56
CA ALA C 201 -34.34 6.58 2.25
C ALA C 201 -33.21 6.50 1.23
N LEU C 202 -32.36 7.52 1.18
CA LEU C 202 -31.24 7.50 0.24
C LEU C 202 -30.32 6.32 0.48
N LEU C 203 -30.09 5.97 1.74
CA LEU C 203 -29.26 4.81 2.04
C LEU C 203 -29.92 3.56 1.47
N GLU C 204 -31.22 3.41 1.68
CA GLU C 204 -31.92 2.22 1.20
C GLU C 204 -31.80 2.10 -0.31
N ILE C 205 -32.02 3.20 -1.03
CA ILE C 205 -31.90 3.18 -2.48
C ILE C 205 -30.52 2.68 -2.88
N ALA C 206 -29.48 3.22 -2.24
CA ALA C 206 -28.12 2.83 -2.60
C ALA C 206 -27.87 1.35 -2.31
N SER C 207 -28.43 0.82 -1.22
CA SER C 207 -28.22 -0.59 -0.92
C SER C 207 -29.03 -1.49 -1.86
N CYS C 208 -30.24 -1.07 -2.20
CA CYS C 208 -30.99 -1.77 -3.24
C CYS C 208 -30.27 -1.70 -4.58
N LEU C 209 -29.65 -0.56 -4.90
CA LEU C 209 -28.88 -0.52 -6.14
C LEU C 209 -27.67 -1.43 -6.06
N GLU C 210 -27.10 -1.57 -4.86
N GLU C 210 -27.10 -1.59 -4.87
CA GLU C 210 -25.98 -2.50 -4.69
CA GLU C 210 -25.97 -2.50 -4.71
C GLU C 210 -26.42 -3.94 -4.94
C GLU C 210 -26.40 -3.95 -4.93
N LYS C 211 -27.62 -4.30 -4.50
CA LYS C 211 -28.10 -5.67 -4.69
C LYS C 211 -28.33 -5.97 -6.16
N ALA C 212 -28.81 -4.98 -6.93
CA ALA C 212 -28.90 -5.13 -8.37
C ALA C 212 -27.54 -5.38 -9.00
N LEU C 213 -26.48 -4.75 -8.46
CA LEU C 213 -25.14 -5.03 -8.97
C LEU C 213 -24.76 -6.48 -8.68
N GLN C 214 -25.17 -7.00 -7.53
CA GLN C 214 -24.89 -8.38 -7.22
C GLN C 214 -25.64 -9.32 -8.17
N VAL C 215 -26.92 -9.04 -8.41
CA VAL C 215 -27.74 -9.90 -9.26
C VAL C 215 -27.18 -9.94 -10.67
N PHE C 216 -26.54 -8.85 -11.08
CA PHE C 216 -26.01 -8.70 -12.42
C PHE C 216 -24.77 -9.59 -12.61
N HIS C 217 -24.17 -10.06 -11.53
CA HIS C 217 -23.02 -10.96 -11.69
C HIS C 217 -23.43 -12.25 -12.38
N GLN C 218 -24.69 -12.68 -12.23
CA GLN C 218 -25.18 -13.98 -12.68
C GLN C 218 -25.21 -14.11 -14.20
N ILE C 219 -24.81 -13.08 -14.94
CA ILE C 219 -24.79 -13.20 -16.39
C ILE C 219 -23.78 -14.28 -16.81
N HIS C 220 -22.63 -14.36 -16.12
CA HIS C 220 -21.47 -15.12 -16.60
C HIS C 220 -21.71 -16.63 -16.62
N ASP C 221 -22.56 -17.15 -15.76
CA ASP C 221 -22.77 -18.58 -15.79
C ASP C 221 -24.06 -18.99 -16.49
N HIS C 222 -24.86 -18.06 -17.02
CA HIS C 222 -26.02 -18.43 -17.81
C HIS C 222 -25.96 -17.96 -19.26
N VAL C 223 -24.95 -17.19 -19.66
CA VAL C 223 -24.85 -16.65 -21.01
C VAL C 223 -23.44 -16.90 -21.52
N ASN C 224 -23.36 -17.57 -22.61
CA ASN C 224 -22.13 -17.87 -23.32
C ASN C 224 -21.80 -16.73 -24.28
N PRO C 225 -20.60 -16.13 -24.18
CA PRO C 225 -20.30 -14.96 -25.02
C PRO C 225 -20.38 -15.23 -26.50
N LYS C 226 -19.93 -16.39 -26.99
CA LYS C 226 -20.02 -16.64 -28.43
C LYS C 226 -21.48 -16.79 -28.87
N ALA C 227 -22.31 -17.43 -28.04
CA ALA C 227 -23.73 -17.53 -28.33
C ALA C 227 -24.37 -16.15 -28.41
N PHE C 228 -24.11 -15.29 -27.42
CA PHE C 228 -24.66 -13.95 -27.46
C PHE C 228 -24.23 -13.24 -28.74
N PHE C 229 -22.92 -13.10 -28.93
CA PHE C 229 -22.45 -12.25 -30.02
C PHE C 229 -22.81 -12.84 -31.40
N SER C 230 -22.80 -14.15 -31.54
CA SER C 230 -22.89 -14.73 -32.86
C SER C 230 -24.26 -15.26 -33.22
N VAL C 231 -25.16 -15.41 -32.23
CA VAL C 231 -26.49 -15.92 -32.54
C VAL C 231 -27.58 -14.98 -32.01
N LEU C 232 -27.63 -14.74 -30.69
CA LEU C 232 -28.73 -13.99 -30.10
C LEU C 232 -28.76 -12.54 -30.60
N ARG C 233 -27.61 -11.83 -30.55
CA ARG C 233 -27.55 -10.42 -30.93
C ARG C 233 -28.00 -10.21 -32.37
N ILE C 234 -27.99 -11.26 -33.21
CA ILE C 234 -28.53 -11.16 -34.57
C ILE C 234 -30.01 -10.79 -34.51
N TYR C 235 -30.74 -11.46 -33.65
CA TYR C 235 -32.18 -11.28 -33.59
C TYR C 235 -32.59 -10.05 -32.78
N LEU C 236 -31.67 -9.45 -32.02
CA LEU C 236 -31.96 -8.16 -31.41
C LEU C 236 -31.54 -6.99 -32.28
N SER C 237 -31.02 -7.24 -33.48
CA SER C 237 -30.51 -6.17 -34.31
C SER C 237 -31.62 -5.53 -35.12
N GLY C 238 -31.71 -4.20 -35.04
CA GLY C 238 -32.73 -3.44 -35.76
C GLY C 238 -32.25 -2.90 -37.10
N TRP C 239 -32.93 -1.86 -37.57
CA TRP C 239 -32.63 -1.30 -38.88
C TRP C 239 -32.66 0.22 -38.85
N LYS C 240 -32.07 0.80 -37.84
CA LYS C 240 -31.74 2.22 -37.85
C LYS C 240 -30.24 2.31 -38.02
N GLY C 241 -29.80 2.96 -39.10
CA GLY C 241 -28.37 3.05 -39.34
C GLY C 241 -27.70 1.72 -39.60
N ASN C 242 -28.46 0.69 -39.98
CA ASN C 242 -27.90 -0.62 -40.22
C ASN C 242 -27.53 -0.76 -41.69
N PRO C 243 -26.25 -0.95 -42.01
CA PRO C 243 -25.83 -1.04 -43.43
C PRO C 243 -26.53 -2.13 -44.21
N GLN C 244 -27.01 -3.21 -43.57
CA GLN C 244 -27.67 -4.27 -44.30
C GLN C 244 -29.13 -3.98 -44.62
N LEU C 245 -29.72 -2.95 -43.96
CA LEU C 245 -31.05 -2.41 -44.25
C LEU C 245 -30.88 -0.88 -44.22
N SER C 246 -30.24 -0.34 -45.26
CA SER C 246 -29.79 1.05 -45.22
C SER C 246 -30.96 2.02 -45.08
N ASP C 247 -32.08 1.73 -45.71
CA ASP C 247 -33.19 2.66 -45.69
C ASP C 247 -34.29 2.29 -44.69
N GLY C 248 -34.11 1.23 -43.90
CA GLY C 248 -35.15 0.76 -42.99
C GLY C 248 -35.96 -0.36 -43.62
N LEU C 249 -37.08 -0.67 -42.98
CA LEU C 249 -37.90 -1.83 -43.32
C LEU C 249 -39.22 -1.40 -43.94
N VAL C 250 -39.65 -2.11 -44.99
CA VAL C 250 -40.95 -1.85 -45.58
C VAL C 250 -41.97 -2.67 -44.82
N TYR C 251 -42.88 -1.99 -44.12
CA TYR C 251 -44.04 -2.57 -43.47
C TYR C 251 -45.19 -2.57 -44.48
N GLU C 252 -45.23 -3.63 -45.29
CA GLU C 252 -46.08 -3.66 -46.48
C GLU C 252 -47.55 -3.51 -46.13
N GLY C 253 -48.24 -2.65 -46.86
CA GLY C 253 -49.63 -2.37 -46.62
C GLY C 253 -49.92 -1.40 -45.50
N PHE C 254 -48.89 -0.93 -44.78
CA PHE C 254 -49.08 0.06 -43.72
C PHE C 254 -48.46 1.40 -44.07
N TRP C 255 -47.17 1.44 -44.29
CA TRP C 255 -46.49 2.66 -44.71
C TRP C 255 -45.93 2.45 -46.11
N GLU C 256 -45.83 3.55 -46.87
CA GLU C 256 -45.35 3.43 -48.24
C GLU C 256 -43.83 3.44 -48.30
N ASP C 257 -43.16 4.17 -47.40
CA ASP C 257 -41.72 4.21 -47.43
C ASP C 257 -41.11 3.46 -46.24
N PRO C 258 -39.96 2.81 -46.44
CA PRO C 258 -39.32 2.09 -45.33
C PRO C 258 -39.12 2.99 -44.14
N LYS C 259 -39.13 2.41 -42.96
CA LYS C 259 -38.90 3.14 -41.73
C LYS C 259 -37.74 2.51 -40.96
N GLU C 260 -36.98 3.36 -40.30
CA GLU C 260 -35.83 2.94 -39.53
C GLU C 260 -36.20 2.89 -38.06
N PHE C 261 -35.76 1.84 -37.39
CA PHE C 261 -36.01 1.72 -35.96
C PHE C 261 -34.82 1.02 -35.32
N ALA C 262 -34.42 1.51 -34.15
CA ALA C 262 -33.31 0.89 -33.45
C ALA C 262 -33.71 -0.50 -32.96
N GLY C 263 -32.85 -1.48 -33.20
CA GLY C 263 -32.91 -2.68 -32.42
C GLY C 263 -31.91 -2.49 -31.32
N GLY C 264 -32.36 -2.31 -30.07
CA GLY C 264 -31.42 -1.93 -29.04
C GLY C 264 -31.76 -2.39 -27.64
N SER C 265 -32.10 -3.67 -27.49
CA SER C 265 -32.90 -4.07 -26.34
C SER C 265 -32.23 -3.83 -24.98
N ALA C 266 -30.91 -3.90 -24.84
CA ALA C 266 -30.33 -3.62 -23.52
C ALA C 266 -30.55 -2.17 -23.09
N GLY C 267 -30.12 -1.22 -23.93
CA GLY C 267 -30.15 0.18 -23.57
C GLY C 267 -31.52 0.79 -23.44
N GLN C 268 -32.59 0.01 -23.62
CA GLN C 268 -33.95 0.53 -23.51
C GLN C 268 -34.55 0.36 -22.12
N SER C 269 -33.81 -0.22 -21.17
CA SER C 269 -34.29 -0.26 -19.80
C SER C 269 -34.47 1.15 -19.26
N SER C 270 -35.37 1.28 -18.28
CA SER C 270 -35.62 2.59 -17.69
C SER C 270 -34.88 2.79 -16.38
N VAL C 271 -34.23 1.74 -15.88
CA VAL C 271 -33.66 1.75 -14.54
C VAL C 271 -32.60 2.85 -14.41
N PHE C 272 -31.57 2.79 -15.25
CA PHE C 272 -30.46 3.72 -15.10
C PHE C 272 -30.94 5.16 -15.27
N GLN C 273 -31.80 5.40 -16.27
CA GLN C 273 -32.33 6.75 -16.49
C GLN C 273 -33.18 7.19 -15.32
N CYS C 274 -33.89 6.26 -14.68
CA CYS C 274 -34.72 6.61 -13.53
C CYS C 274 -33.88 7.24 -12.43
N PHE C 275 -32.78 6.59 -12.03
CA PHE C 275 -31.95 7.13 -10.96
C PHE C 275 -31.05 8.27 -11.43
N ASP C 276 -30.70 8.30 -12.72
CA ASP C 276 -30.10 9.48 -13.31
C ASP C 276 -30.93 10.71 -13.03
N VAL C 277 -32.24 10.61 -13.30
CA VAL C 277 -33.08 11.79 -13.15
C VAL C 277 -33.33 12.08 -11.67
N LEU C 278 -33.59 11.04 -10.87
CA LEU C 278 -33.77 11.24 -9.43
C LEU C 278 -32.58 11.95 -8.80
N LEU C 279 -31.37 11.49 -9.13
CA LEU C 279 -30.19 12.07 -8.50
C LEU C 279 -29.80 13.43 -9.09
N GLY C 280 -30.55 13.93 -10.07
CA GLY C 280 -30.20 15.18 -10.71
C GLY C 280 -29.00 15.11 -11.63
N ILE C 281 -28.71 13.93 -12.20
CA ILE C 281 -27.54 13.72 -13.04
C ILE C 281 -27.92 14.13 -14.45
N GLN C 282 -27.36 15.23 -14.93
CA GLN C 282 -27.71 15.72 -16.26
C GLN C 282 -26.73 15.13 -17.26
N GLN C 283 -27.16 14.09 -17.97
CA GLN C 283 -26.30 13.47 -18.98
C GLN C 283 -25.95 14.43 -20.12
N THR C 284 -26.62 15.59 -20.17
CA THR C 284 -26.37 16.60 -21.19
C THR C 284 -24.95 17.15 -21.15
N ALA C 285 -24.25 16.99 -20.01
CA ALA C 285 -22.88 17.48 -19.86
C ALA C 285 -21.84 16.57 -20.49
N GLY C 286 -21.97 16.25 -21.78
CA GLY C 286 -21.00 15.38 -22.43
C GLY C 286 -21.09 15.25 -23.94
N GLY C 287 -20.69 16.30 -24.66
CA GLY C 287 -20.29 16.18 -26.06
C GLY C 287 -21.34 15.77 -27.07
N GLY C 288 -22.62 16.08 -26.83
CA GLY C 288 -23.62 16.03 -27.89
C GLY C 288 -24.44 14.76 -28.07
N HIS C 289 -23.76 13.65 -28.41
CA HIS C 289 -24.49 12.45 -28.80
C HIS C 289 -25.02 11.67 -27.61
N ALA C 290 -24.33 11.72 -26.47
CA ALA C 290 -24.73 10.90 -25.34
C ALA C 290 -26.14 11.25 -24.87
N ALA C 291 -26.46 12.53 -24.78
CA ALA C 291 -27.79 12.89 -24.29
C ALA C 291 -28.87 12.67 -25.33
N GLN C 292 -28.53 12.70 -26.62
CA GLN C 292 -29.53 12.43 -27.65
C GLN C 292 -29.94 10.96 -27.66
N PHE C 293 -28.97 10.04 -27.71
CA PHE C 293 -29.29 8.63 -27.72
C PHE C 293 -30.13 8.24 -26.50
N LEU C 294 -29.86 8.86 -25.35
CA LEU C 294 -30.64 8.51 -24.17
C LEU C 294 -32.06 9.05 -24.26
N GLN C 295 -32.26 10.17 -24.94
CA GLN C 295 -33.60 10.62 -25.24
C GLN C 295 -34.24 9.75 -26.33
N ASP C 296 -33.46 9.33 -27.32
CA ASP C 296 -34.02 8.46 -28.35
C ASP C 296 -34.55 7.16 -27.75
N MET C 297 -33.74 6.52 -26.91
CA MET C 297 -34.17 5.26 -26.32
C MET C 297 -35.45 5.41 -25.52
N ARG C 298 -35.76 6.61 -25.04
CA ARG C 298 -36.99 6.76 -24.32
C ARG C 298 -38.20 6.53 -25.22
N ARG C 299 -38.04 6.64 -26.54
CA ARG C 299 -39.13 6.35 -27.46
C ARG C 299 -39.45 4.85 -27.53
N TYR C 300 -38.55 3.97 -27.10
CA TYR C 300 -38.73 2.53 -27.15
C TYR C 300 -39.19 1.94 -25.81
N MET C 301 -39.50 2.80 -24.83
CA MET C 301 -40.03 2.33 -23.55
C MET C 301 -41.53 2.53 -23.51
N PRO C 302 -42.24 1.73 -22.72
CA PRO C 302 -43.70 1.84 -22.69
C PRO C 302 -44.15 3.20 -22.22
N PRO C 303 -45.26 3.71 -22.75
CA PRO C 303 -45.61 5.11 -22.53
C PRO C 303 -45.91 5.44 -21.08
N ALA C 304 -46.44 4.49 -20.30
CA ALA C 304 -46.58 4.74 -18.88
C ALA C 304 -45.23 5.01 -18.23
N HIS C 305 -44.18 4.32 -18.69
CA HIS C 305 -42.85 4.53 -18.12
C HIS C 305 -42.23 5.84 -18.60
N ARG C 306 -42.51 6.22 -19.86
CA ARG C 306 -42.11 7.54 -20.33
C ARG C 306 -42.67 8.64 -19.43
N ASN C 307 -43.96 8.57 -19.10
CA ASN C 307 -44.54 9.58 -18.22
C ASN C 307 -43.87 9.57 -16.84
N PHE C 308 -43.53 8.39 -16.33
CA PHE C 308 -42.83 8.34 -15.05
C PHE C 308 -41.55 9.16 -15.09
N LEU C 309 -40.68 8.91 -16.07
CA LEU C 309 -39.43 9.64 -16.12
C LEU C 309 -39.63 11.14 -16.31
N CYS C 310 -40.61 11.51 -17.16
CA CYS C 310 -40.89 12.92 -17.38
C CYS C 310 -41.46 13.57 -16.12
N SER C 311 -42.30 12.83 -15.38
CA SER C 311 -42.82 13.36 -14.14
C SER C 311 -41.71 13.60 -13.13
N LEU C 312 -40.75 12.65 -13.03
CA LEU C 312 -39.66 12.78 -12.07
C LEU C 312 -38.92 14.09 -12.24
N GLU C 313 -38.64 14.48 -13.48
CA GLU C 313 -38.03 15.78 -13.72
C GLU C 313 -38.95 16.93 -13.35
N SER C 314 -40.26 16.69 -13.22
CA SER C 314 -41.17 17.71 -12.71
C SER C 314 -41.26 17.71 -11.19
N ASN C 315 -40.22 17.26 -10.51
CA ASN C 315 -40.10 17.37 -9.08
C ASN C 315 -38.89 18.24 -8.74
N PRO C 316 -38.89 18.86 -7.56
CA PRO C 316 -37.69 19.57 -7.08
C PRO C 316 -36.46 18.67 -7.03
N SER C 317 -35.29 19.29 -7.25
CA SER C 317 -34.04 18.57 -7.44
C SER C 317 -33.51 18.08 -6.09
N VAL C 318 -33.50 16.75 -5.90
CA VAL C 318 -32.89 16.14 -4.72
C VAL C 318 -31.47 16.65 -4.52
N ARG C 319 -30.71 16.77 -5.61
CA ARG C 319 -29.31 17.16 -5.52
C ARG C 319 -29.14 18.59 -4.99
N GLU C 320 -29.95 19.52 -5.47
CA GLU C 320 -29.83 20.88 -4.95
C GLU C 320 -30.34 20.94 -3.51
N PHE C 321 -31.38 20.17 -3.19
CA PHE C 321 -31.85 20.09 -1.82
C PHE C 321 -30.76 19.58 -0.89
N VAL C 322 -30.01 18.55 -1.30
CA VAL C 322 -28.93 18.04 -0.47
C VAL C 322 -27.79 19.06 -0.38
N LEU C 323 -27.41 19.66 -1.51
CA LEU C 323 -26.30 20.60 -1.54
C LEU C 323 -26.54 21.86 -0.73
N SER C 324 -27.79 22.22 -0.46
CA SER C 324 -28.09 23.49 0.17
C SER C 324 -28.11 23.43 1.69
N LYS C 325 -27.99 22.24 2.27
CA LYS C 325 -28.33 22.05 3.68
C LYS C 325 -27.13 21.93 4.61
N GLY C 326 -25.90 22.04 4.11
CA GLY C 326 -24.71 21.93 4.95
C GLY C 326 -24.71 20.73 5.87
N ASP C 327 -24.88 19.53 5.31
CA ASP C 327 -25.17 18.33 6.09
C ASP C 327 -24.41 17.16 5.48
N ALA C 328 -23.16 16.97 5.90
CA ALA C 328 -22.35 15.85 5.40
C ALA C 328 -23.00 14.49 5.58
N GLY C 329 -24.00 14.35 6.44
CA GLY C 329 -24.80 13.12 6.45
C GLY C 329 -25.59 12.94 5.16
N LEU C 330 -26.30 13.98 4.73
CA LEU C 330 -27.02 13.89 3.48
C LEU C 330 -26.08 13.77 2.29
N ARG C 331 -24.92 14.41 2.35
CA ARG C 331 -23.99 14.29 1.23
C ARG C 331 -23.47 12.86 1.11
N GLU C 332 -23.30 12.17 2.24
CA GLU C 332 -22.83 10.78 2.20
C GLU C 332 -23.87 9.87 1.55
N ALA C 333 -25.13 9.97 1.98
CA ALA C 333 -26.16 9.10 1.43
C ALA C 333 -26.39 9.38 -0.05
N TYR C 334 -26.49 10.66 -0.43
CA TYR C 334 -26.61 10.99 -1.84
C TYR C 334 -25.46 10.39 -2.64
N ASP C 335 -24.23 10.59 -2.15
CA ASP C 335 -23.06 10.01 -2.82
C ASP C 335 -23.12 8.49 -2.86
N ALA C 336 -23.69 7.85 -1.85
CA ALA C 336 -23.80 6.39 -1.87
C ALA C 336 -24.63 5.92 -3.06
N CYS C 337 -25.73 6.64 -3.36
CA CYS C 337 -26.51 6.34 -4.57
C CYS C 337 -25.73 6.68 -5.84
N VAL C 338 -25.01 7.80 -5.87
CA VAL C 338 -24.16 8.09 -7.03
C VAL C 338 -23.14 6.99 -7.23
N LYS C 339 -22.45 6.58 -6.15
CA LYS C 339 -21.41 5.58 -6.30
C LYS C 339 -21.98 4.26 -6.81
N ALA C 340 -23.10 3.80 -6.24
CA ALA C 340 -23.70 2.55 -6.71
C ALA C 340 -24.01 2.62 -8.20
N LEU C 341 -24.53 3.76 -8.67
CA LEU C 341 -24.73 4.00 -10.09
C LEU C 341 -23.42 3.85 -10.87
N VAL C 342 -22.33 4.45 -10.40
CA VAL C 342 -21.06 4.33 -11.13
C VAL C 342 -20.60 2.87 -11.18
N SER C 343 -20.82 2.11 -10.10
CA SER C 343 -20.46 0.71 -10.13
C SER C 343 -21.28 -0.05 -11.17
N LEU C 344 -22.60 0.19 -11.19
CA LEU C 344 -23.48 -0.41 -12.18
C LEU C 344 -22.97 -0.18 -13.60
N ARG C 345 -22.68 1.07 -13.94
CA ARG C 345 -22.26 1.33 -15.32
C ARG C 345 -20.85 0.81 -15.57
N SER C 346 -19.98 0.86 -14.56
CA SER C 346 -18.64 0.27 -14.70
C SER C 346 -18.71 -1.24 -14.92
N TYR C 347 -19.45 -1.95 -14.06
CA TYR C 347 -19.65 -3.38 -14.28
C TYR C 347 -20.20 -3.64 -15.67
N HIS C 348 -21.20 -2.86 -16.06
CA HIS C 348 -21.85 -3.01 -17.35
C HIS C 348 -20.89 -2.75 -18.50
N LEU C 349 -19.83 -1.97 -18.24
CA LEU C 349 -18.77 -1.79 -19.22
C LEU C 349 -17.87 -3.02 -19.32
N GLN C 350 -17.72 -3.77 -18.22
CA GLN C 350 -17.03 -5.05 -18.30
C GLN C 350 -17.81 -6.02 -19.17
N ILE C 351 -19.12 -6.12 -18.92
CA ILE C 351 -19.99 -7.04 -19.64
C ILE C 351 -19.96 -6.78 -21.16
N VAL C 352 -20.01 -5.51 -21.57
CA VAL C 352 -19.98 -5.21 -23.01
C VAL C 352 -18.66 -5.68 -23.62
N THR C 353 -17.56 -5.54 -22.86
CA THR C 353 -16.26 -5.91 -23.40
C THR C 353 -16.19 -7.41 -23.64
N LYS C 354 -16.72 -8.19 -22.71
CA LYS C 354 -16.66 -9.64 -22.83
C LYS C 354 -17.69 -10.17 -23.83
N TYR C 355 -18.89 -9.59 -23.88
CA TYR C 355 -19.89 -10.17 -24.78
C TYR C 355 -19.96 -9.48 -26.15
N ILE C 356 -19.34 -8.31 -26.32
CA ILE C 356 -19.35 -7.65 -27.61
C ILE C 356 -17.92 -7.51 -28.15
N LEU C 357 -17.08 -6.73 -27.49
CA LEU C 357 -15.80 -6.32 -28.11
C LEU C 357 -14.86 -7.49 -28.32
N ILE C 358 -14.53 -8.23 -27.27
CA ILE C 358 -13.64 -9.38 -27.42
C ILE C 358 -14.13 -10.33 -28.51
N PRO C 359 -15.40 -10.77 -28.52
CA PRO C 359 -15.85 -11.63 -29.63
C PRO C 359 -15.71 -10.96 -30.98
N ALA C 360 -16.07 -9.67 -31.07
CA ALA C 360 -15.84 -8.90 -32.29
C ALA C 360 -14.36 -8.93 -32.68
N SER C 361 -13.48 -8.91 -31.68
CA SER C 361 -12.06 -8.96 -31.95
C SER C 361 -11.68 -10.26 -32.65
N GLN C 362 -12.21 -11.39 -32.16
CA GLN C 362 -11.93 -12.70 -32.76
C GLN C 362 -12.63 -12.87 -34.11
N GLN C 363 -12.86 -11.77 -34.82
CA GLN C 363 -13.50 -11.73 -36.14
C GLN C 363 -14.94 -12.22 -36.09
N THR C 381 -12.24 -0.37 -27.60
CA THR C 381 -11.15 -1.06 -28.28
C THR C 381 -11.63 -1.50 -29.68
N GLY C 382 -10.71 -2.04 -30.48
CA GLY C 382 -11.02 -2.50 -31.83
C GLY C 382 -11.08 -1.37 -32.84
N GLY C 383 -12.29 -0.84 -33.05
CA GLY C 383 -12.51 0.24 -34.00
C GLY C 383 -13.93 0.74 -33.90
N THR C 384 -14.46 0.78 -32.67
CA THR C 384 -15.87 1.06 -32.42
C THR C 384 -16.01 1.92 -31.17
N ASP C 385 -17.01 2.81 -31.18
CA ASP C 385 -17.11 3.88 -30.20
C ASP C 385 -18.29 3.73 -29.24
N LEU C 386 -18.92 2.55 -29.19
CA LEU C 386 -19.89 2.34 -28.10
C LEU C 386 -19.22 2.38 -26.76
N MET C 387 -17.89 2.19 -26.72
CA MET C 387 -17.16 2.41 -25.48
C MET C 387 -17.15 3.88 -25.11
N ASN C 388 -16.85 4.75 -26.08
CA ASN C 388 -16.89 6.19 -25.82
C ASN C 388 -18.25 6.63 -25.30
N PHE C 389 -19.34 6.10 -25.89
CA PHE C 389 -20.67 6.41 -25.37
C PHE C 389 -20.84 5.95 -23.92
N LEU C 390 -20.65 4.64 -23.68
CA LEU C 390 -20.81 4.12 -22.31
C LEU C 390 -19.81 4.75 -21.36
N LYS C 391 -18.58 4.98 -21.81
CA LYS C 391 -17.60 5.61 -20.93
C LYS C 391 -17.97 7.06 -20.62
N THR C 392 -18.62 7.77 -21.55
CA THR C 392 -19.08 9.13 -21.26
C THR C 392 -20.13 9.14 -20.16
N VAL C 393 -21.22 8.39 -20.34
CA VAL C 393 -22.30 8.35 -19.36
C VAL C 393 -21.74 8.11 -17.96
N ARG C 394 -20.84 7.13 -17.84
CA ARG C 394 -20.32 6.78 -16.53
C ARG C 394 -19.51 7.92 -15.94
N SER C 395 -18.69 8.56 -16.77
CA SER C 395 -17.88 9.68 -16.33
C SER C 395 -18.75 10.87 -15.88
N THR C 396 -19.84 11.13 -16.60
CA THR C 396 -20.76 12.16 -16.15
C THR C 396 -21.39 11.81 -14.81
N THR C 397 -21.48 10.52 -14.52
CA THR C 397 -22.04 10.08 -13.24
C THR C 397 -21.03 10.25 -12.10
N GLU C 398 -19.77 9.88 -12.31
CA GLU C 398 -18.77 10.12 -11.28
C GLU C 398 -18.63 11.61 -10.98
N LYS C 399 -18.75 12.43 -12.02
CA LYS C 399 -18.63 13.88 -11.87
C LYS C 399 -19.74 14.47 -11.01
N SER C 400 -20.83 13.74 -10.80
CA SER C 400 -21.91 14.17 -9.93
C SER C 400 -21.66 13.92 -8.44
N LEU C 401 -20.56 13.28 -8.06
CA LEU C 401 -20.28 13.04 -6.64
C LEU C 401 -20.05 14.36 -5.91
N LEU C 402 -20.89 14.66 -4.92
CA LEU C 402 -20.76 15.89 -4.16
C LEU C 402 -19.42 15.95 -3.43
N LYS C 403 -19.23 15.10 -2.42
CA LYS C 403 -17.96 14.91 -1.74
C LYS C 403 -17.30 16.20 -1.27
N GLU C 404 -17.74 16.79 -0.16
CA GLU C 404 -17.06 17.97 0.34
C GLU C 404 -16.08 17.57 1.43
N GLY C 405 -14.80 17.88 1.22
CA GLY C 405 -13.76 17.61 2.18
C GLY C 405 -12.36 17.59 1.58
N ALA D 15 25.89 -0.07 42.69
CA ALA D 15 26.57 1.19 43.00
C ALA D 15 27.90 0.90 43.68
N ALA D 16 27.99 -0.27 44.32
CA ALA D 16 29.29 -0.84 44.66
C ALA D 16 29.97 -1.47 43.45
N TYR D 17 29.26 -1.57 42.32
CA TYR D 17 29.83 -1.94 41.04
C TYR D 17 29.99 -0.73 40.12
N HIS D 18 29.96 0.47 40.69
CA HIS D 18 29.92 1.72 39.92
C HIS D 18 28.77 1.68 38.92
N ILE D 19 27.57 1.45 39.44
CA ILE D 19 26.34 1.64 38.68
C ILE D 19 25.59 2.80 39.30
N ASP D 20 25.26 3.79 38.48
CA ASP D 20 24.56 4.98 38.93
C ASP D 20 23.07 4.80 38.66
N GLU D 21 22.24 5.15 39.65
CA GLU D 21 20.80 4.93 39.49
C GLU D 21 20.27 5.70 38.30
N GLU D 22 20.80 6.89 38.07
CA GLU D 22 20.33 7.77 37.01
C GLU D 22 21.03 7.55 35.67
N VAL D 23 22.33 7.26 35.64
CA VAL D 23 23.04 7.10 34.38
C VAL D 23 23.57 5.69 34.17
N GLY D 24 23.50 4.81 35.16
CA GLY D 24 23.82 3.40 34.95
C GLY D 24 25.32 3.17 34.76
N PHE D 25 25.66 2.50 33.65
CA PHE D 25 27.05 2.26 33.29
C PHE D 25 27.82 3.54 33.01
N ALA D 26 27.13 4.63 32.69
CA ALA D 26 27.82 5.86 32.32
C ALA D 26 28.49 6.47 33.54
N LEU D 27 29.50 7.28 33.30
CA LEU D 27 30.19 7.94 34.39
C LEU D 27 29.43 9.20 34.79
N PRO D 28 28.92 9.29 36.01
CA PRO D 28 28.19 10.49 36.40
C PRO D 28 29.11 11.69 36.47
N ASN D 29 28.57 12.88 36.14
CA ASN D 29 29.25 14.17 35.95
C ASN D 29 30.74 14.06 35.65
N PRO D 30 31.12 13.71 34.43
CA PRO D 30 32.54 13.54 34.12
C PRO D 30 33.32 14.83 34.31
N GLN D 31 34.63 14.69 34.42
CA GLN D 31 35.47 15.85 34.60
C GLN D 31 35.94 16.37 33.26
N GLU D 32 35.97 17.69 33.12
CA GLU D 32 36.43 18.32 31.89
C GLU D 32 37.87 18.82 31.96
N ASN D 33 38.38 19.19 33.12
CA ASN D 33 39.72 19.75 33.16
C ASN D 33 40.73 18.82 33.82
N LEU D 34 41.94 18.83 33.31
CA LEU D 34 43.05 18.21 33.99
C LEU D 34 43.81 19.27 34.77
N PRO D 35 44.72 18.86 35.66
CA PRO D 35 45.64 19.83 36.25
C PRO D 35 46.50 20.49 35.19
N ASP D 36 46.82 21.77 35.41
CA ASP D 36 47.70 22.54 34.51
C ASP D 36 48.82 21.68 33.93
N PHE D 37 49.49 20.92 34.82
CA PHE D 37 50.64 20.06 34.51
C PHE D 37 50.51 19.32 33.18
N TYR D 38 49.26 19.02 32.77
CA TYR D 38 48.97 18.22 31.58
C TYR D 38 48.48 19.04 30.37
N ASN D 39 48.62 20.38 30.42
CA ASN D 39 48.19 21.24 29.33
C ASN D 39 48.63 20.74 27.97
N ASP D 40 49.88 20.28 27.86
CA ASP D 40 50.38 19.80 26.58
C ASP D 40 49.51 18.65 26.05
N TRP D 41 49.13 17.72 26.93
CA TRP D 41 48.19 16.68 26.50
C TRP D 41 46.85 17.30 26.11
N MET D 42 46.29 18.07 27.04
CA MET D 42 44.95 18.56 26.84
C MET D 42 44.83 19.43 25.59
N PHE D 43 45.90 20.15 25.23
CA PHE D 43 45.87 20.95 24.01
C PHE D 43 45.73 20.07 22.78
N ILE D 44 46.51 19.00 22.70
CA ILE D 44 46.46 18.15 21.51
C ILE D 44 45.08 17.52 21.34
N ALA D 45 44.50 16.99 22.43
CA ALA D 45 43.21 16.32 22.29
C ALA D 45 42.09 17.31 21.98
N LYS D 46 42.20 18.53 22.51
CA LYS D 46 41.21 19.56 22.22
C LYS D 46 41.29 20.05 20.78
N HIS D 47 42.37 19.75 20.05
CA HIS D 47 42.54 20.34 18.73
C HIS D 47 42.82 19.30 17.64
N LEU D 48 42.25 18.10 17.77
CA LEU D 48 42.52 17.05 16.78
C LEU D 48 41.98 17.38 15.39
N PRO D 49 40.79 17.96 15.22
CA PRO D 49 40.36 18.35 13.86
C PRO D 49 41.36 19.24 13.12
N ASP D 50 41.84 20.33 13.75
CA ASP D 50 42.84 21.18 13.10
C ASP D 50 44.18 20.48 12.93
N LEU D 51 44.68 19.85 14.00
CA LEU D 51 46.01 19.25 13.95
C LEU D 51 46.10 18.15 12.92
N ILE D 52 45.05 17.33 12.78
CA ILE D 52 45.06 16.29 11.75
C ILE D 52 44.97 16.92 10.37
N GLU D 53 44.07 17.90 10.20
CA GLU D 53 43.94 18.55 8.88
C GLU D 53 45.26 19.17 8.44
N SER D 54 45.91 19.95 9.32
CA SER D 54 47.15 20.62 8.94
C SER D 54 48.35 19.68 8.91
N GLY D 55 48.15 18.38 9.13
CA GLY D 55 49.29 17.48 9.15
C GLY D 55 50.28 17.73 10.26
N GLN D 56 49.87 18.42 11.33
CA GLN D 56 50.76 18.75 12.42
C GLN D 56 50.65 17.79 13.60
N LEU D 57 49.68 16.87 13.61
CA LEU D 57 49.43 16.12 14.83
C LEU D 57 50.62 15.21 15.20
N ARG D 58 51.24 14.57 14.22
CA ARG D 58 52.32 13.65 14.57
C ARG D 58 53.58 14.39 15.04
N GLU D 59 53.82 15.61 14.56
CA GLU D 59 54.93 16.37 15.12
C GLU D 59 54.63 16.79 16.56
N ARG D 60 53.41 17.26 16.83
CA ARG D 60 53.08 17.63 18.20
C ARG D 60 53.24 16.46 19.15
N VAL D 61 52.80 15.27 18.73
CA VAL D 61 52.89 14.14 19.63
C VAL D 61 54.34 13.75 19.84
N GLU D 62 55.11 13.76 18.76
CA GLU D 62 56.48 13.30 18.85
C GLU D 62 57.35 14.28 19.62
N LYS D 63 56.89 15.50 19.84
CA LYS D 63 57.70 16.48 20.56
C LYS D 63 57.23 16.67 21.99
N LEU D 64 56.31 15.84 22.45
CA LEU D 64 55.93 15.87 23.85
C LEU D 64 57.05 15.31 24.74
N ASN D 65 57.22 15.94 25.88
CA ASN D 65 57.99 15.34 26.96
C ASN D 65 57.15 14.27 27.66
N MET D 66 57.82 13.57 28.57
CA MET D 66 57.22 12.54 29.40
C MET D 66 56.57 13.20 30.62
N LEU D 67 55.24 13.10 30.74
CA LEU D 67 54.51 13.73 31.82
C LEU D 67 54.03 12.66 32.79
N SER D 68 54.53 12.72 34.03
CA SER D 68 54.16 11.76 35.06
C SER D 68 52.65 11.71 35.26
N ILE D 69 52.14 10.54 35.63
CA ILE D 69 50.72 10.42 35.93
C ILE D 69 50.46 10.55 37.42
N ASP D 70 51.44 11.03 38.18
CA ASP D 70 51.28 10.97 39.62
C ASP D 70 50.45 12.11 40.17
N HIS D 71 50.15 13.14 39.38
CA HIS D 71 49.26 14.20 39.77
C HIS D 71 47.80 13.92 39.37
N LEU D 72 47.47 12.69 39.06
CA LEU D 72 46.09 12.29 38.83
C LEU D 72 45.70 11.44 40.02
N THR D 73 44.94 12.04 40.94
CA THR D 73 44.74 11.47 42.27
C THR D 73 43.34 10.91 42.49
N ASP D 74 42.39 11.16 41.60
CA ASP D 74 41.03 10.66 41.77
C ASP D 74 40.61 9.92 40.53
N HIS D 75 39.55 9.10 40.67
CA HIS D 75 39.09 8.28 39.54
C HIS D 75 38.61 9.12 38.35
N LYS D 76 37.98 10.27 38.60
CA LYS D 76 37.47 11.03 37.47
C LYS D 76 38.58 11.72 36.68
N SER D 77 39.66 12.14 37.35
CA SER D 77 40.80 12.66 36.59
C SER D 77 41.46 11.57 35.78
N GLN D 78 41.52 10.35 36.32
CA GLN D 78 42.10 9.23 35.58
C GLN D 78 41.28 8.92 34.34
N ARG D 79 39.96 8.82 34.49
CA ARG D 79 39.12 8.60 33.33
C ARG D 79 39.34 9.69 32.27
N LEU D 80 39.35 10.95 32.67
CA LEU D 80 39.55 12.01 31.68
C LEU D 80 40.90 11.87 30.99
N ALA D 81 41.93 11.47 31.74
CA ALA D 81 43.25 11.33 31.12
C ALA D 81 43.34 10.10 30.22
N ARG D 82 42.67 9.02 30.60
CA ARG D 82 42.61 7.88 29.72
C ARG D 82 41.91 8.24 28.40
N LEU D 83 40.86 9.06 28.46
CA LEU D 83 40.14 9.48 27.25
C LEU D 83 40.96 10.46 26.41
N VAL D 84 41.68 11.38 27.07
CA VAL D 84 42.62 12.24 26.39
C VAL D 84 43.70 11.41 25.68
N LEU D 85 44.40 10.54 26.43
CA LEU D 85 45.50 9.78 25.84
C LEU D 85 45.02 8.82 24.76
N GLY D 86 43.84 8.21 24.94
CA GLY D 86 43.29 7.33 23.91
C GLY D 86 42.91 8.04 22.60
N CYS D 87 42.24 9.20 22.69
CA CYS D 87 41.99 9.96 21.46
C CYS D 87 43.29 10.34 20.75
N ILE D 88 44.28 10.84 21.50
CA ILE D 88 45.57 11.16 20.88
C ILE D 88 46.15 9.92 20.18
N THR D 89 45.99 8.74 20.80
CA THR D 89 46.61 7.53 20.24
C THR D 89 45.94 7.10 18.93
N MET D 90 44.60 7.06 18.90
CA MET D 90 43.90 6.80 17.64
C MET D 90 44.33 7.78 16.55
N ALA D 91 44.31 9.07 16.87
CA ALA D 91 44.69 10.05 15.85
C ALA D 91 46.12 9.84 15.38
N TYR D 92 47.03 9.52 16.32
CA TYR D 92 48.44 9.34 15.94
C TYR D 92 48.65 8.13 15.05
N VAL D 93 47.98 7.02 15.36
CA VAL D 93 48.11 5.81 14.55
C VAL D 93 47.56 6.04 13.16
N TRP D 94 46.35 6.57 13.06
CA TRP D 94 45.69 6.60 11.76
C TRP D 94 45.89 7.90 10.98
N GLY D 95 46.31 8.98 11.64
CA GLY D 95 46.49 10.22 10.89
C GLY D 95 45.22 10.66 10.18
N LYS D 96 45.39 11.19 8.97
CA LYS D 96 44.27 11.62 8.12
C LYS D 96 43.39 10.46 7.68
N GLY D 97 43.82 9.22 7.83
CA GLY D 97 42.96 8.10 7.51
C GLY D 97 42.95 7.67 6.06
N HIS D 98 44.13 7.50 5.45
CA HIS D 98 44.16 6.92 4.12
C HIS D 98 45.34 5.96 3.94
N GLY D 99 45.70 5.23 4.99
CA GLY D 99 46.73 4.22 4.91
C GLY D 99 48.13 4.64 5.33
N ASP D 100 48.35 5.89 5.71
CA ASP D 100 49.66 6.30 6.21
C ASP D 100 49.71 6.10 7.73
N VAL D 101 49.76 4.86 8.14
CA VAL D 101 49.64 4.56 9.56
C VAL D 101 51.02 4.62 10.23
N ARG D 102 51.00 4.72 11.54
CA ARG D 102 52.20 4.66 12.39
C ARG D 102 52.10 3.40 13.23
N LYS D 103 53.17 2.58 13.22
CA LYS D 103 53.13 1.31 13.94
C LYS D 103 53.81 1.35 15.30
N VAL D 104 54.52 2.43 15.66
CA VAL D 104 55.09 2.60 16.99
C VAL D 104 54.48 3.83 17.66
N LEU D 105 53.80 3.61 18.77
CA LEU D 105 53.34 4.72 19.60
C LEU D 105 54.51 5.25 20.42
N PRO D 106 54.83 6.54 20.33
CA PRO D 106 56.07 7.04 20.97
C PRO D 106 56.04 6.93 22.49
N ARG D 107 57.25 6.86 23.03
CA ARG D 107 57.49 6.48 24.42
C ARG D 107 56.73 7.39 25.38
N ASN D 108 56.77 8.70 25.15
CA ASN D 108 56.21 9.61 26.15
C ASN D 108 54.69 9.67 26.14
N ILE D 109 54.03 9.04 25.17
CA ILE D 109 52.61 8.74 25.30
C ILE D 109 52.39 7.31 25.77
N ALA D 110 53.12 6.37 25.14
CA ALA D 110 52.90 4.94 25.42
C ALA D 110 53.06 4.63 26.89
N VAL D 111 54.10 5.17 27.53
CA VAL D 111 54.41 4.73 28.89
C VAL D 111 53.34 5.25 29.85
N PRO D 112 53.04 6.55 29.96
CA PRO D 112 52.01 6.96 30.94
C PRO D 112 50.62 6.38 30.63
N TYR D 113 50.29 6.23 29.35
CA TYR D 113 49.02 5.63 28.99
C TYR D 113 48.92 4.19 29.49
N CYS D 114 49.96 3.39 29.24
CA CYS D 114 49.94 1.99 29.70
C CYS D 114 49.89 1.91 31.23
N GLN D 115 50.62 2.77 31.91
CA GLN D 115 50.56 2.81 33.37
C GLN D 115 49.16 3.11 33.86
N LEU D 116 48.49 4.06 33.23
CA LEU D 116 47.14 4.46 33.64
C LEU D 116 46.13 3.35 33.32
N SER D 117 46.31 2.68 32.18
CA SER D 117 45.40 1.62 31.80
C SER D 117 45.50 0.43 32.75
N ALA D 118 46.72 0.11 33.21
CA ALA D 118 46.87 -0.98 34.15
C ALA D 118 46.23 -0.65 35.48
N ALA D 119 46.34 0.60 35.92
CA ALA D 119 45.71 1.01 37.17
C ALA D 119 44.19 1.14 37.05
N LEU D 120 43.67 1.31 35.83
CA LEU D 120 42.23 1.27 35.58
C LEU D 120 41.74 -0.09 35.09
N GLU D 121 42.65 -1.02 34.83
CA GLU D 121 42.31 -2.38 34.39
C GLU D 121 41.56 -2.34 33.04
N LEU D 122 42.06 -1.52 32.13
CA LEU D 122 41.58 -1.47 30.75
C LEU D 122 42.76 -1.58 29.82
N PRO D 123 42.57 -2.13 28.63
CA PRO D 123 43.66 -2.21 27.68
C PRO D 123 43.99 -0.83 27.15
N PRO D 124 45.24 -0.60 26.75
CA PRO D 124 45.64 0.74 26.25
C PRO D 124 45.16 0.96 24.81
N ILE D 125 43.86 1.24 24.70
CA ILE D 125 43.22 1.61 23.44
C ILE D 125 41.93 2.28 23.85
N LEU D 126 41.35 3.06 22.94
CA LEU D 126 40.11 3.77 23.24
C LEU D 126 38.92 2.79 23.19
N VAL D 127 38.13 2.78 24.26
CA VAL D 127 36.98 1.90 24.33
C VAL D 127 35.73 2.74 24.52
N TYR D 128 34.58 2.11 24.27
CA TYR D 128 33.25 2.59 24.59
C TYR D 128 33.24 3.44 25.87
N ALA D 129 33.90 2.95 26.91
CA ALA D 129 33.85 3.60 28.22
C ALA D 129 34.67 4.89 28.29
N ASP D 130 35.61 5.11 27.35
CA ASP D 130 36.19 6.44 27.21
C ASP D 130 35.31 7.36 26.37
N CYS D 131 35.10 6.99 25.09
CA CYS D 131 34.57 7.92 24.12
C CYS D 131 33.07 8.10 24.22
N VAL D 132 32.35 7.28 25.01
CA VAL D 132 30.91 7.47 25.25
C VAL D 132 30.61 7.68 26.74
N LEU D 133 31.08 6.77 27.62
CA LEU D 133 30.59 6.82 29.00
C LEU D 133 31.21 7.94 29.82
N ALA D 134 32.40 8.46 29.45
CA ALA D 134 33.02 9.57 30.16
C ALA D 134 33.25 10.80 29.29
N ASN D 135 32.69 10.84 28.09
CA ASN D 135 33.01 11.85 27.09
C ASN D 135 31.92 12.92 26.97
N TRP D 136 31.45 13.50 28.07
CA TRP D 136 30.25 14.32 27.96
C TRP D 136 30.13 15.34 29.07
N LYS D 137 29.29 16.35 28.83
CA LYS D 137 28.91 17.33 29.85
C LYS D 137 27.51 17.85 29.59
N LYS D 138 26.91 18.42 30.64
CA LYS D 138 25.74 19.26 30.51
C LYS D 138 26.12 20.68 30.10
N LYS D 139 25.35 21.24 29.15
CA LYS D 139 25.47 22.65 28.79
C LYS D 139 25.07 23.55 29.95
N ASP D 140 23.95 23.22 30.61
CA ASP D 140 23.47 23.92 31.79
C ASP D 140 23.25 22.86 32.87
N PRO D 141 23.88 22.99 34.04
CA PRO D 141 23.73 21.94 35.07
C PRO D 141 22.32 21.83 35.65
N ASN D 142 21.48 22.85 35.49
CA ASN D 142 20.14 22.81 36.07
C ASN D 142 19.15 22.07 35.19
N LYS D 143 19.30 22.18 33.87
CA LYS D 143 18.45 21.59 32.86
C LYS D 143 18.81 20.11 32.67
N PRO D 144 17.85 19.29 32.26
CA PRO D 144 18.00 17.83 32.39
C PRO D 144 18.94 17.22 31.35
N LEU D 145 19.05 15.90 31.39
CA LEU D 145 19.95 15.15 30.51
C LEU D 145 19.25 14.89 29.17
N THR D 146 19.16 15.94 28.35
CA THR D 146 18.68 15.82 26.98
C THR D 146 19.79 16.17 26.01
N TYR D 147 19.68 15.63 24.80
CA TYR D 147 20.57 16.02 23.70
C TYR D 147 20.76 17.53 23.62
N GLU D 148 19.66 18.29 23.70
CA GLU D 148 19.73 19.74 23.58
C GLU D 148 20.66 20.36 24.61
N ASN D 149 20.85 19.69 25.74
CA ASN D 149 21.58 20.22 26.86
C ASN D 149 22.94 19.55 27.06
N MET D 150 23.40 18.75 26.11
CA MET D 150 24.59 17.96 26.33
C MET D 150 25.63 18.28 25.26
N ASP D 151 26.86 17.85 25.51
CA ASP D 151 27.93 17.94 24.52
C ASP D 151 29.01 16.92 24.85
N VAL D 152 29.75 16.54 23.82
CA VAL D 152 30.91 15.69 23.96
C VAL D 152 32.11 16.59 24.25
N LEU D 153 33.17 15.98 24.83
CA LEU D 153 34.38 16.74 25.12
C LEU D 153 35.44 16.63 24.04
N PHE D 154 35.44 15.58 23.21
CA PHE D 154 36.46 15.45 22.19
C PHE D 154 35.88 14.89 20.90
N SER D 155 36.42 15.37 19.78
CA SER D 155 36.12 14.95 18.43
C SER D 155 37.42 14.74 17.67
N PHE D 156 37.33 13.98 16.58
CA PHE D 156 38.49 13.71 15.73
C PHE D 156 38.57 14.63 14.52
N ARG D 157 37.48 14.79 13.74
CA ARG D 157 37.52 15.62 12.54
C ARG D 157 36.26 16.48 12.41
N ASP D 158 36.37 17.55 11.64
CA ASP D 158 35.17 18.30 11.27
C ASP D 158 34.23 17.42 10.47
N GLY D 159 32.94 17.50 10.78
CA GLY D 159 31.99 16.67 10.09
C GLY D 159 32.05 15.19 10.40
N ASP D 160 32.72 14.78 11.47
CA ASP D 160 32.81 13.35 11.78
C ASP D 160 31.56 12.81 12.48
N CYS D 161 30.68 13.68 12.94
CA CYS D 161 29.43 13.30 13.60
C CYS D 161 29.65 12.64 14.95
N SER D 162 30.83 12.83 15.53
CA SER D 162 31.09 12.25 16.85
C SER D 162 30.09 12.77 17.89
N LYS D 163 29.63 14.01 17.78
CA LYS D 163 28.66 14.45 18.79
C LYS D 163 27.41 13.61 18.73
N GLY D 164 26.91 13.35 17.51
CA GLY D 164 25.66 12.63 17.38
C GLY D 164 25.77 11.17 17.77
N PHE D 165 26.88 10.52 17.36
CA PHE D 165 27.05 9.10 17.65
C PHE D 165 27.30 8.86 19.14
N PHE D 166 28.23 9.60 19.74
CA PHE D 166 28.54 9.35 21.15
C PHE D 166 27.37 9.74 22.05
N LEU D 167 26.73 10.90 21.79
CA LEU D 167 25.68 11.36 22.70
C LEU D 167 24.43 10.49 22.58
N VAL D 168 24.08 10.03 21.37
CA VAL D 168 22.92 9.18 21.25
C VAL D 168 23.16 7.84 21.95
N SER D 169 24.35 7.26 21.75
CA SER D 169 24.74 6.05 22.50
C SER D 169 24.58 6.25 23.99
N LEU D 170 25.06 7.39 24.48
CA LEU D 170 24.99 7.72 25.90
C LEU D 170 23.56 7.77 26.38
N LEU D 171 22.65 8.35 25.55
CA LEU D 171 21.26 8.48 25.96
C LEU D 171 20.52 7.14 25.87
N VAL D 172 20.90 6.27 24.92
CA VAL D 172 20.39 4.90 24.97
C VAL D 172 20.88 4.20 26.24
N GLU D 173 22.11 4.50 26.66
CA GLU D 173 22.62 3.92 27.90
C GLU D 173 21.86 4.45 29.10
N ILE D 174 21.64 5.76 29.16
CA ILE D 174 20.92 6.36 30.29
C ILE D 174 19.49 5.83 30.35
N ALA D 175 18.87 5.65 29.18
CA ALA D 175 17.55 5.04 29.14
C ALA D 175 17.59 3.63 29.72
N ALA D 176 18.58 2.84 29.33
CA ALA D 176 18.71 1.49 29.85
C ALA D 176 18.89 1.49 31.37
N ALA D 177 19.52 2.55 31.91
CA ALA D 177 19.81 2.63 33.34
C ALA D 177 18.56 2.54 34.20
N SER D 178 17.41 2.96 33.67
CA SER D 178 16.23 2.88 34.52
C SER D 178 15.64 1.47 34.59
N ALA D 179 16.08 0.55 33.72
CA ALA D 179 15.78 -0.86 33.92
C ALA D 179 16.80 -1.56 34.81
N ILE D 180 18.06 -1.15 34.74
CA ILE D 180 19.14 -1.78 35.48
C ILE D 180 18.91 -1.66 36.98
N LYS D 181 18.34 -0.55 37.42
CA LYS D 181 18.13 -0.35 38.85
C LYS D 181 16.95 -1.13 39.40
N VAL D 182 16.17 -1.79 38.55
CA VAL D 182 15.08 -2.66 39.01
C VAL D 182 15.60 -4.07 39.33
N ILE D 183 16.66 -4.49 38.64
CA ILE D 183 17.27 -5.81 38.75
C ILE D 183 17.41 -6.29 40.19
N PRO D 184 17.85 -5.46 41.15
CA PRO D 184 17.91 -5.96 42.53
C PRO D 184 16.55 -6.32 43.09
N THR D 185 15.51 -5.56 42.72
CA THR D 185 14.16 -5.88 43.15
C THR D 185 13.73 -7.24 42.61
N VAL D 186 14.12 -7.58 41.38
CA VAL D 186 13.79 -8.88 40.83
C VAL D 186 14.26 -9.98 41.78
N PHE D 187 15.57 -10.04 42.03
CA PHE D 187 16.16 -11.14 42.79
C PHE D 187 15.59 -11.23 44.21
N LYS D 188 15.47 -10.09 44.89
CA LYS D 188 14.91 -10.06 46.24
C LYS D 188 13.52 -10.68 46.29
N ALA D 189 12.55 -10.03 45.65
CA ALA D 189 11.19 -10.57 45.54
C ALA D 189 11.22 -12.04 45.12
N MET D 190 12.14 -12.39 44.24
CA MET D 190 12.36 -13.75 43.76
C MET D 190 13.02 -14.64 44.80
N GLN D 191 13.60 -14.06 45.86
CA GLN D 191 13.99 -14.86 47.00
C GLN D 191 12.79 -15.23 47.89
N MET D 192 11.74 -14.39 47.96
CA MET D 192 10.64 -14.51 48.93
C MET D 192 9.37 -15.08 48.34
N GLN D 193 9.48 -15.84 47.25
CA GLN D 193 8.33 -16.42 46.59
C GLN D 193 7.30 -15.37 46.21
N GLU D 194 7.67 -14.08 46.32
CA GLU D 194 6.75 -12.95 46.25
C GLU D 194 6.41 -12.61 44.81
N ARG D 195 5.17 -12.89 44.40
CA ARG D 195 4.86 -12.98 42.99
C ARG D 195 4.52 -11.65 42.33
N ASP D 196 3.71 -10.81 42.99
CA ASP D 196 3.31 -9.58 42.31
C ASP D 196 4.47 -8.61 42.20
N THR D 197 5.35 -8.56 43.20
CA THR D 197 6.57 -7.76 43.09
C THR D 197 7.41 -8.22 41.92
N LEU D 198 7.58 -9.53 41.76
CA LEU D 198 8.38 -10.01 40.65
C LEU D 198 7.78 -9.58 39.32
N LEU D 199 6.45 -9.67 39.19
CA LEU D 199 5.79 -9.42 37.90
C LEU D 199 5.80 -7.94 37.53
N LYS D 200 5.56 -7.04 38.50
CA LYS D 200 5.70 -5.60 38.26
C LYS D 200 7.13 -5.25 37.85
N ALA D 201 8.11 -5.84 38.54
CA ALA D 201 9.51 -5.61 38.23
C ALA D 201 9.82 -6.01 36.80
N LEU D 202 9.37 -7.19 36.38
CA LEU D 202 9.65 -7.60 35.02
C LEU D 202 8.97 -6.69 34.01
N LEU D 203 7.73 -6.27 34.30
CA LEU D 203 7.04 -5.40 33.36
C LEU D 203 7.73 -4.04 33.29
N GLU D 204 8.21 -3.53 34.43
CA GLU D 204 8.90 -2.24 34.42
C GLU D 204 10.18 -2.30 33.62
N ILE D 205 10.87 -3.42 33.68
CA ILE D 205 12.08 -3.58 32.89
C ILE D 205 11.74 -3.60 31.40
N ALA D 206 10.74 -4.40 31.02
CA ALA D 206 10.27 -4.40 29.62
C ALA D 206 9.88 -2.98 29.17
N SER D 207 9.22 -2.22 30.05
CA SER D 207 8.83 -0.87 29.71
C SER D 207 10.06 0.00 29.44
N CYS D 208 11.00 0.02 30.39
CA CYS D 208 12.19 0.84 30.25
C CYS D 208 13.03 0.41 29.04
N LEU D 209 13.10 -0.90 28.77
CA LEU D 209 13.83 -1.31 27.57
C LEU D 209 13.17 -0.76 26.31
N GLU D 210 11.85 -0.63 26.31
CA GLU D 210 11.16 -0.12 25.14
C GLU D 210 11.46 1.36 24.94
N LYS D 211 11.45 2.14 26.03
CA LYS D 211 11.79 3.56 25.91
C LYS D 211 13.22 3.75 25.41
N ALA D 212 14.12 2.82 25.77
CA ALA D 212 15.48 2.80 25.21
C ALA D 212 15.46 2.62 23.69
N LEU D 213 14.61 1.73 23.19
CA LEU D 213 14.48 1.60 21.73
C LEU D 213 13.96 2.91 21.11
N GLN D 214 12.99 3.56 21.76
CA GLN D 214 12.56 4.88 21.30
C GLN D 214 13.74 5.84 21.18
N VAL D 215 14.61 5.88 22.22
CA VAL D 215 15.71 6.83 22.23
C VAL D 215 16.65 6.55 21.07
N PHE D 216 16.74 5.27 20.70
CA PHE D 216 17.65 4.79 19.65
C PHE D 216 17.34 5.37 18.27
N HIS D 217 16.07 5.69 17.99
CA HIS D 217 15.69 6.26 16.70
C HIS D 217 16.39 7.60 16.42
N GLN D 218 16.86 8.29 17.47
CA GLN D 218 17.51 9.57 17.31
C GLN D 218 18.81 9.49 16.52
N ILE D 219 19.37 8.29 16.38
CA ILE D 219 20.57 8.11 15.58
C ILE D 219 20.40 8.69 14.18
N HIS D 220 19.20 8.60 13.62
CA HIS D 220 18.96 9.13 12.28
C HIS D 220 19.00 10.65 12.23
N ASP D 221 18.74 11.32 13.35
CA ASP D 221 18.70 12.77 13.40
C ASP D 221 20.07 13.42 13.55
N HIS D 222 21.09 12.66 13.93
CA HIS D 222 22.37 13.26 14.30
C HIS D 222 23.59 12.62 13.64
N VAL D 223 23.44 11.53 12.89
CA VAL D 223 24.60 10.84 12.30
C VAL D 223 24.35 10.63 10.82
N ASN D 224 25.31 10.98 10.04
CA ASN D 224 25.24 10.76 8.61
C ASN D 224 26.03 9.52 8.24
N PRO D 225 25.47 8.61 7.44
CA PRO D 225 26.18 7.34 7.18
C PRO D 225 27.54 7.52 6.54
N LYS D 226 27.62 8.38 5.52
CA LYS D 226 28.92 8.65 4.88
C LYS D 226 29.92 9.16 5.92
N ALA D 227 29.45 9.97 6.87
CA ALA D 227 30.30 10.50 7.92
C ALA D 227 30.75 9.39 8.87
N PHE D 228 29.80 8.63 9.41
CA PHE D 228 30.20 7.58 10.33
C PHE D 228 31.13 6.58 9.64
N PHE D 229 30.70 6.05 8.50
CA PHE D 229 31.41 4.92 7.91
C PHE D 229 32.78 5.31 7.42
N SER D 230 32.94 6.50 6.87
CA SER D 230 34.16 6.81 6.18
C SER D 230 35.06 7.80 6.90
N VAL D 231 34.62 8.43 7.99
CA VAL D 231 35.59 9.21 8.75
C VAL D 231 35.59 8.80 10.21
N LEU D 232 34.43 8.69 10.86
CA LEU D 232 34.44 8.41 12.29
C LEU D 232 34.92 6.98 12.59
N ARG D 233 34.50 6.00 11.79
CA ARG D 233 34.84 4.61 12.09
C ARG D 233 36.35 4.36 12.02
N ILE D 234 37.05 5.14 11.20
CA ILE D 234 38.51 5.18 11.18
C ILE D 234 39.08 5.26 12.59
N TYR D 235 38.69 6.29 13.32
CA TYR D 235 39.32 6.57 14.60
C TYR D 235 38.83 5.66 15.72
N LEU D 236 37.82 4.84 15.48
CA LEU D 236 37.40 3.84 16.46
C LEU D 236 37.97 2.47 16.13
N SER D 237 38.87 2.39 15.15
CA SER D 237 39.34 1.12 14.61
C SER D 237 40.64 0.70 15.30
N GLY D 238 40.71 -0.57 15.69
CA GLY D 238 41.82 -1.09 16.48
C GLY D 238 42.90 -1.78 15.66
N TRP D 239 43.77 -2.52 16.36
CA TRP D 239 44.89 -3.21 15.72
C TRP D 239 44.89 -4.68 16.12
N LYS D 240 43.81 -5.37 15.75
CA LYS D 240 43.65 -6.80 16.02
C LYS D 240 43.05 -7.44 14.79
N GLY D 241 43.80 -8.32 14.14
CA GLY D 241 43.35 -8.82 12.87
C GLY D 241 43.23 -7.75 11.82
N ASN D 242 43.98 -6.66 11.96
CA ASN D 242 43.89 -5.57 11.00
C ASN D 242 45.10 -5.59 10.10
N PRO D 243 44.90 -5.77 8.80
CA PRO D 243 46.05 -5.92 7.88
C PRO D 243 47.01 -4.73 7.89
N GLN D 244 46.54 -3.52 8.20
CA GLN D 244 47.46 -2.38 8.27
C GLN D 244 48.46 -2.51 9.40
N LEU D 245 48.07 -3.17 10.48
CA LEU D 245 48.91 -3.36 11.67
C LEU D 245 48.85 -4.82 12.10
N SER D 246 49.19 -5.72 11.16
CA SER D 246 48.90 -7.15 11.32
C SER D 246 49.62 -7.81 12.50
N ASP D 247 50.63 -7.17 13.08
CA ASP D 247 51.22 -7.69 14.31
C ASP D 247 50.78 -6.91 15.54
N GLY D 248 50.04 -5.83 15.37
CA GLY D 248 49.64 -5.00 16.48
C GLY D 248 50.41 -3.71 16.50
N LEU D 249 50.35 -3.04 17.65
CA LEU D 249 51.03 -1.77 17.84
C LEU D 249 52.16 -1.90 18.85
N VAL D 250 53.26 -1.20 18.60
CA VAL D 250 54.38 -1.18 19.53
C VAL D 250 54.19 0.00 20.48
N TYR D 251 54.05 -0.32 21.78
CA TYR D 251 53.94 0.66 22.84
C TYR D 251 55.36 0.89 23.37
N GLU D 252 56.04 1.88 22.78
CA GLU D 252 57.47 2.05 22.94
C GLU D 252 57.84 2.24 24.40
N GLY D 253 58.80 1.43 24.86
CA GLY D 253 59.33 1.55 26.20
C GLY D 253 58.47 0.97 27.30
N PHE D 254 57.48 0.14 26.94
CA PHE D 254 56.63 -0.58 27.90
C PHE D 254 56.54 -2.07 27.58
N TRP D 255 56.44 -2.44 26.31
CA TRP D 255 56.50 -3.83 25.91
C TRP D 255 57.41 -3.93 24.69
N GLU D 256 58.14 -5.04 24.56
CA GLU D 256 59.04 -5.13 23.40
C GLU D 256 58.29 -5.46 22.12
N ASP D 257 57.31 -6.24 22.21
CA ASP D 257 56.67 -6.74 20.99
C ASP D 257 55.34 -6.05 20.75
N PRO D 258 54.94 -5.92 19.48
CA PRO D 258 53.64 -5.29 19.20
C PRO D 258 52.51 -6.11 19.79
N LYS D 259 51.44 -5.42 20.19
CA LYS D 259 50.28 -6.08 20.76
C LYS D 259 49.02 -5.67 19.99
N GLU D 260 48.05 -6.56 20.03
CA GLU D 260 46.78 -6.41 19.36
C GLU D 260 45.67 -6.12 20.37
N PHE D 261 44.83 -5.16 20.04
CA PHE D 261 43.63 -4.87 20.80
C PHE D 261 42.57 -4.45 19.80
N ALA D 262 41.34 -4.88 20.07
CA ALA D 262 40.25 -4.58 19.17
C ALA D 262 39.81 -3.15 19.35
N GLY D 263 39.62 -2.46 18.25
CA GLY D 263 38.88 -1.23 18.28
C GLY D 263 37.44 -1.65 18.45
N GLY D 264 36.94 -1.52 19.68
CA GLY D 264 35.54 -1.74 19.90
C GLY D 264 34.79 -0.43 19.72
N SER D 265 33.64 -0.54 19.10
CA SER D 265 32.90 0.66 18.79
C SER D 265 31.79 0.74 19.82
N ALA D 266 30.53 0.71 19.39
CA ALA D 266 29.47 0.60 20.38
C ALA D 266 29.35 -0.81 20.96
N GLY D 267 30.09 -1.78 20.41
CA GLY D 267 30.01 -3.18 20.77
C GLY D 267 30.49 -3.52 22.17
N GLN D 268 31.13 -2.59 22.88
CA GLN D 268 31.52 -2.88 24.26
C GLN D 268 30.51 -2.41 25.29
N SER D 269 29.31 -2.03 24.86
CA SER D 269 28.26 -1.71 25.80
C SER D 269 27.98 -2.94 26.66
N SER D 270 27.81 -2.72 27.96
CA SER D 270 27.48 -3.79 28.88
C SER D 270 25.97 -4.01 29.01
N VAL D 271 25.18 -3.46 28.10
CA VAL D 271 23.74 -3.39 28.28
C VAL D 271 23.04 -4.60 27.72
N PHE D 272 23.28 -4.96 26.45
CA PHE D 272 22.61 -6.13 25.92
C PHE D 272 22.99 -7.38 26.72
N GLN D 273 24.27 -7.48 27.12
CA GLN D 273 24.71 -8.60 27.94
C GLN D 273 24.04 -8.60 29.30
N CYS D 274 23.98 -7.42 29.94
CA CYS D 274 23.39 -7.34 31.29
C CYS D 274 21.99 -7.94 31.32
N PHE D 275 21.21 -7.77 30.25
CA PHE D 275 19.87 -8.32 30.21
C PHE D 275 19.83 -9.73 29.64
N ASP D 276 20.77 -10.08 28.77
CA ASP D 276 20.95 -11.47 28.37
C ASP D 276 21.15 -12.36 29.58
N VAL D 277 22.03 -11.94 30.49
CA VAL D 277 22.32 -12.72 31.69
C VAL D 277 21.09 -12.78 32.59
N LEU D 278 20.44 -11.63 32.83
CA LEU D 278 19.30 -11.60 33.73
C LEU D 278 18.23 -12.59 33.30
N LEU D 279 17.87 -12.58 32.02
CA LEU D 279 16.80 -13.43 31.51
C LEU D 279 17.30 -14.81 31.09
N GLY D 280 18.53 -15.15 31.43
CA GLY D 280 19.03 -16.48 31.13
C GLY D 280 19.10 -16.80 29.65
N ILE D 281 19.36 -15.82 28.79
CA ILE D 281 19.68 -16.12 27.40
C ILE D 281 21.13 -16.61 27.35
N GLN D 282 21.30 -17.90 27.15
CA GLN D 282 22.63 -18.43 26.87
C GLN D 282 22.86 -18.29 25.38
N GLN D 283 23.72 -17.36 24.98
CA GLN D 283 24.06 -17.18 23.58
C GLN D 283 24.79 -18.40 23.00
N THR D 284 24.18 -19.57 23.08
CA THR D 284 24.88 -20.83 22.90
C THR D 284 26.22 -20.77 23.66
N ALA D 285 26.11 -20.36 24.93
CA ALA D 285 27.27 -19.96 25.73
C ALA D 285 28.31 -21.08 25.75
N GLY D 286 29.55 -20.75 25.35
CA GLY D 286 30.58 -21.73 25.12
C GLY D 286 30.73 -22.16 23.66
N GLY D 287 29.70 -21.92 22.83
CA GLY D 287 29.73 -22.33 21.43
C GLY D 287 30.49 -21.36 20.54
N GLY D 288 30.69 -21.80 19.30
CA GLY D 288 31.56 -21.10 18.37
C GLY D 288 31.26 -19.64 18.07
N HIS D 289 32.25 -18.80 18.32
CA HIS D 289 32.32 -17.44 17.78
C HIS D 289 31.34 -16.47 18.44
N ALA D 290 30.04 -16.77 18.43
CA ALA D 290 29.06 -15.81 18.94
C ALA D 290 29.27 -15.53 20.42
N ALA D 291 29.17 -16.58 21.25
CA ALA D 291 29.41 -16.40 22.67
C ALA D 291 30.86 -16.04 22.97
N GLN D 292 31.78 -16.32 22.05
CA GLN D 292 33.18 -15.99 22.30
C GLN D 292 33.46 -14.51 22.08
N PHE D 293 33.00 -13.94 20.95
CA PHE D 293 33.14 -12.50 20.79
C PHE D 293 32.57 -11.77 22.00
N LEU D 294 31.43 -12.24 22.49
CA LEU D 294 30.79 -11.56 23.61
C LEU D 294 31.63 -11.63 24.87
N GLN D 295 32.35 -12.74 25.10
CA GLN D 295 33.19 -12.84 26.28
C GLN D 295 34.47 -12.00 26.12
N ASP D 296 35.03 -11.95 24.91
CA ASP D 296 36.20 -11.09 24.69
C ASP D 296 35.85 -9.63 24.91
N MET D 297 34.62 -9.23 24.54
CA MET D 297 34.20 -7.85 24.72
C MET D 297 34.23 -7.43 26.19
N ARG D 298 34.09 -8.37 27.13
CA ARG D 298 34.14 -7.97 28.52
C ARG D 298 35.52 -7.46 28.89
N ARG D 299 36.54 -7.89 28.14
CA ARG D 299 37.89 -7.42 28.39
C ARG D 299 37.96 -5.90 28.28
N TYR D 300 37.09 -5.31 27.47
CA TYR D 300 37.14 -3.88 27.21
C TYR D 300 36.14 -3.08 28.04
N MET D 301 35.45 -3.69 28.94
CA MET D 301 34.53 -3.06 29.86
C MET D 301 35.25 -2.72 31.17
N PRO D 302 34.83 -1.64 31.82
CA PRO D 302 35.43 -1.26 33.12
C PRO D 302 35.33 -2.40 34.10
N PRO D 303 36.35 -2.59 34.96
CA PRO D 303 36.36 -3.76 35.86
C PRO D 303 35.10 -3.93 36.72
N ALA D 304 34.67 -2.86 37.39
CA ALA D 304 33.45 -2.91 38.20
C ALA D 304 32.27 -3.40 37.39
N HIS D 305 32.23 -3.06 36.11
CA HIS D 305 31.16 -3.57 35.27
C HIS D 305 31.42 -5.01 34.87
N ARG D 306 32.67 -5.37 34.62
CA ARG D 306 33.00 -6.79 34.44
C ARG D 306 32.49 -7.58 35.63
N ASN D 307 32.64 -7.02 36.84
CA ASN D 307 32.23 -7.74 38.04
C ASN D 307 30.73 -7.88 38.12
N PHE D 308 30.01 -6.81 37.75
CA PHE D 308 28.55 -6.81 37.78
C PHE D 308 27.98 -7.97 36.96
N LEU D 309 28.45 -8.13 35.73
CA LEU D 309 27.92 -9.20 34.90
C LEU D 309 28.28 -10.58 35.45
N CYS D 310 29.40 -10.68 36.18
CA CYS D 310 29.77 -11.95 36.79
C CYS D 310 28.85 -12.29 37.96
N SER D 311 28.70 -11.35 38.89
CA SER D 311 27.80 -11.55 40.02
C SER D 311 26.39 -11.90 39.58
N LEU D 312 25.91 -11.34 38.47
CA LEU D 312 24.60 -11.72 37.96
C LEU D 312 24.60 -13.17 37.51
N GLU D 313 25.60 -13.56 36.72
CA GLU D 313 25.70 -14.95 36.26
C GLU D 313 25.78 -15.90 37.44
N SER D 314 26.30 -15.43 38.57
CA SER D 314 26.17 -16.21 39.80
C SER D 314 24.70 -16.52 40.08
N ASN D 315 23.97 -15.51 40.55
CA ASN D 315 22.60 -15.54 41.10
C ASN D 315 21.67 -16.53 40.37
N PRO D 316 20.64 -17.04 41.05
CA PRO D 316 19.77 -18.05 40.42
C PRO D 316 19.00 -17.50 39.23
N SER D 317 18.71 -18.40 38.29
CA SER D 317 18.05 -18.05 37.03
C SER D 317 16.63 -17.50 37.22
N VAL D 318 16.36 -16.37 36.56
CA VAL D 318 15.00 -15.83 36.50
C VAL D 318 14.14 -16.65 35.55
N ARG D 319 14.73 -17.10 34.45
CA ARG D 319 14.00 -17.94 33.50
C ARG D 319 13.49 -19.20 34.18
N GLU D 320 14.35 -19.91 34.93
CA GLU D 320 13.91 -21.17 35.50
C GLU D 320 12.86 -20.94 36.59
N PHE D 321 13.06 -19.91 37.42
CA PHE D 321 12.07 -19.56 38.43
C PHE D 321 10.67 -19.40 37.83
N VAL D 322 10.54 -18.47 36.87
CA VAL D 322 9.26 -18.25 36.21
C VAL D 322 8.76 -19.55 35.59
N LEU D 323 9.66 -20.31 34.99
CA LEU D 323 9.25 -21.50 34.27
C LEU D 323 8.78 -22.60 35.22
N SER D 324 9.33 -22.64 36.43
CA SER D 324 8.93 -23.66 37.38
C SER D 324 7.56 -23.39 38.00
N LYS D 325 7.16 -22.12 38.06
CA LYS D 325 6.07 -21.73 38.94
C LYS D 325 4.67 -21.95 38.33
N GLY D 326 4.57 -22.27 37.04
CA GLY D 326 3.26 -22.46 36.42
C GLY D 326 2.37 -21.23 36.51
N ASP D 327 2.76 -20.15 35.84
CA ASP D 327 2.14 -18.85 36.11
C ASP D 327 2.13 -18.05 34.81
N ALA D 328 1.01 -18.13 34.08
CA ALA D 328 0.90 -17.43 32.82
C ALA D 328 1.12 -15.92 32.97
N GLY D 329 0.90 -15.36 34.15
CA GLY D 329 1.23 -13.97 34.37
C GLY D 329 2.74 -13.76 34.40
N LEU D 330 3.46 -14.59 35.15
CA LEU D 330 4.91 -14.47 35.23
C LEU D 330 5.56 -14.74 33.87
N ARG D 331 5.13 -15.80 33.19
CA ARG D 331 5.69 -16.09 31.87
C ARG D 331 5.43 -14.95 30.90
N GLU D 332 4.31 -14.26 31.06
CA GLU D 332 3.97 -13.19 30.13
C GLU D 332 4.84 -11.97 30.36
N ALA D 333 5.02 -11.58 31.62
CA ALA D 333 5.90 -10.46 31.92
C ALA D 333 7.33 -10.74 31.48
N TYR D 334 7.80 -11.98 31.70
CA TYR D 334 9.14 -12.38 31.28
C TYR D 334 9.29 -12.28 29.77
N ASP D 335 8.31 -12.80 29.02
CA ASP D 335 8.35 -12.71 27.57
C ASP D 335 8.33 -11.27 27.08
N ALA D 336 7.80 -10.34 27.90
CA ALA D 336 7.76 -8.94 27.52
C ALA D 336 9.15 -8.31 27.57
N CYS D 337 10.00 -8.75 28.50
CA CYS D 337 11.40 -8.32 28.46
C CYS D 337 12.13 -8.93 27.27
N VAL D 338 11.94 -10.23 27.02
CA VAL D 338 12.64 -10.87 25.93
C VAL D 338 12.28 -10.21 24.61
N LYS D 339 11.03 -9.74 24.47
CA LYS D 339 10.61 -9.10 23.23
C LYS D 339 11.27 -7.73 23.08
N ALA D 340 11.26 -6.91 24.12
CA ALA D 340 11.92 -5.61 24.03
C ALA D 340 13.37 -5.79 23.63
N LEU D 341 13.94 -6.95 23.91
CA LEU D 341 15.33 -7.25 23.61
C LEU D 341 15.52 -7.75 22.18
N VAL D 342 14.55 -8.51 21.64
CA VAL D 342 14.64 -8.85 20.22
C VAL D 342 14.48 -7.59 19.38
N SER D 343 13.59 -6.71 19.81
CA SER D 343 13.31 -5.49 19.05
C SER D 343 14.53 -4.57 19.03
N LEU D 344 15.15 -4.35 20.18
CA LEU D 344 16.38 -3.58 20.23
C LEU D 344 17.42 -4.12 19.26
N ARG D 345 17.85 -5.35 19.47
CA ARG D 345 18.82 -5.96 18.57
C ARG D 345 18.34 -5.94 17.12
N SER D 346 17.04 -6.15 16.90
CA SER D 346 16.50 -6.08 15.53
C SER D 346 16.70 -4.69 14.94
N TYR D 347 16.29 -3.66 15.68
CA TYR D 347 16.53 -2.29 15.22
C TYR D 347 18.01 -1.99 15.10
N HIS D 348 18.83 -2.60 15.96
CA HIS D 348 20.27 -2.46 15.83
C HIS D 348 20.75 -2.99 14.49
N LEU D 349 20.12 -4.06 13.98
CA LEU D 349 20.54 -4.64 12.72
C LEU D 349 20.24 -3.70 11.56
N GLN D 350 19.12 -2.98 11.64
CA GLN D 350 18.83 -1.91 10.67
C GLN D 350 19.96 -0.88 10.65
N ILE D 351 20.36 -0.40 11.83
CA ILE D 351 21.36 0.66 11.90
C ILE D 351 22.68 0.21 11.30
N VAL D 352 23.10 -1.03 11.60
CA VAL D 352 24.35 -1.53 11.05
C VAL D 352 24.23 -1.65 9.53
N THR D 353 23.02 -1.84 9.01
CA THR D 353 22.86 -1.87 7.57
C THR D 353 22.97 -0.47 6.97
N LYS D 354 22.34 0.51 7.62
CA LYS D 354 22.43 1.89 7.12
C LYS D 354 23.85 2.43 7.22
N TYR D 355 24.50 2.27 8.38
CA TYR D 355 25.75 2.96 8.63
C TYR D 355 27.00 2.16 8.30
N ILE D 356 26.90 0.85 8.07
CA ILE D 356 28.08 0.12 7.64
C ILE D 356 27.86 -0.66 6.34
N LEU D 357 26.81 -1.49 6.29
CA LEU D 357 26.66 -2.42 5.17
C LEU D 357 26.52 -1.69 3.84
N ILE D 358 25.69 -0.65 3.80
CA ILE D 358 25.37 0.05 2.56
C ILE D 358 26.54 0.95 2.14
N PRO D 359 27.13 1.77 3.01
CA PRO D 359 28.33 2.51 2.57
C PRO D 359 29.49 1.61 2.24
N ALA D 360 29.62 0.46 2.91
CA ALA D 360 30.67 -0.48 2.52
C ALA D 360 30.45 -0.98 1.12
N SER D 361 29.19 -1.11 0.71
CA SER D 361 28.86 -1.61 -0.63
C SER D 361 29.14 -0.59 -1.72
N GLN D 362 28.99 0.71 -1.43
CA GLN D 362 29.20 1.77 -2.43
C GLN D 362 30.58 2.41 -2.25
N GLN D 363 31.61 1.62 -2.59
CA GLN D 363 32.99 2.12 -2.55
C GLN D 363 33.94 1.46 -3.56
N GLY D 380 36.06 -6.99 3.15
CA GLY D 380 34.92 -6.50 2.39
C GLY D 380 33.67 -7.33 2.61
N THR D 381 33.65 -8.54 2.03
CA THR D 381 32.58 -9.50 2.24
C THR D 381 32.59 -10.09 3.65
N GLY D 382 33.43 -9.56 4.53
CA GLY D 382 33.34 -9.84 5.95
C GLY D 382 32.11 -9.15 6.51
N GLY D 383 31.35 -8.47 5.63
CA GLY D 383 30.01 -8.04 5.97
C GLY D 383 29.03 -9.19 6.13
N THR D 384 29.20 -10.25 5.33
CA THR D 384 28.34 -11.42 5.49
C THR D 384 28.56 -12.11 6.84
N ASP D 385 29.79 -12.11 7.36
CA ASP D 385 29.95 -12.71 8.69
C ASP D 385 29.61 -11.73 9.81
N LEU D 386 29.82 -10.42 9.62
CA LEU D 386 29.39 -9.45 10.61
C LEU D 386 27.87 -9.44 10.76
N MET D 387 27.14 -9.48 9.65
CA MET D 387 25.69 -9.62 9.74
C MET D 387 25.31 -10.94 10.37
N ASN D 388 26.06 -12.01 10.09
CA ASN D 388 25.71 -13.31 10.63
C ASN D 388 25.89 -13.35 12.14
N PHE D 389 26.91 -12.65 12.66
CA PHE D 389 27.06 -12.57 14.11
C PHE D 389 25.83 -11.91 14.71
N LEU D 390 25.58 -10.66 14.32
CA LEU D 390 24.42 -9.94 14.82
C LEU D 390 23.15 -10.77 14.69
N LYS D 391 22.96 -11.39 13.51
CA LYS D 391 21.77 -12.19 13.26
C LYS D 391 21.67 -13.37 14.24
N THR D 392 22.79 -14.08 14.45
CA THR D 392 22.76 -15.23 15.36
C THR D 392 22.30 -14.82 16.75
N VAL D 393 22.87 -13.74 17.29
CA VAL D 393 22.54 -13.33 18.65
C VAL D 393 21.06 -12.99 18.79
N ARG D 394 20.47 -12.36 17.77
CA ARG D 394 19.04 -12.08 17.84
C ARG D 394 18.20 -13.36 17.80
N SER D 395 18.56 -14.32 16.94
CA SER D 395 17.85 -15.59 16.87
C SER D 395 17.88 -16.34 18.21
N THR D 396 19.07 -16.50 18.80
CA THR D 396 19.16 -17.04 20.16
C THR D 396 18.25 -16.27 21.12
N THR D 397 18.22 -14.94 21.01
CA THR D 397 17.34 -14.12 21.85
C THR D 397 15.88 -14.42 21.58
N GLU D 398 15.50 -14.49 20.29
CA GLU D 398 14.11 -14.76 19.95
C GLU D 398 13.69 -16.11 20.50
N LYS D 399 14.46 -17.16 20.23
CA LYS D 399 14.00 -18.50 20.58
C LYS D 399 14.10 -18.77 22.08
N SER D 400 14.23 -17.72 22.89
CA SER D 400 14.17 -17.85 24.34
C SER D 400 12.82 -17.46 24.92
N LEU D 401 11.83 -17.18 24.08
CA LEU D 401 10.48 -16.88 24.55
C LEU D 401 9.79 -18.14 25.07
N LEU D 402 9.19 -18.04 26.26
CA LEU D 402 8.50 -19.19 26.84
C LEU D 402 7.29 -19.60 26.00
N LYS D 403 6.22 -18.80 26.03
CA LYS D 403 5.07 -18.89 25.11
C LYS D 403 4.44 -20.28 25.14
N GLU D 404 3.80 -20.61 26.27
CA GLU D 404 3.18 -21.92 26.39
C GLU D 404 1.73 -21.83 25.92
N GLY D 405 1.45 -22.56 24.84
CA GLY D 405 0.11 -22.84 24.41
C GLY D 405 0.07 -24.20 23.73
CHA HEM E . 3.50 23.04 5.68
CHB HEM E . 5.70 23.57 9.98
CHC HEM E . 10.03 23.20 7.82
CHD HEM E . 7.87 22.93 3.45
C1A HEM E . 3.72 23.27 7.03
C2A HEM E . 2.72 23.61 8.01
C3A HEM E . 3.33 23.77 9.20
C4A HEM E . 4.75 23.52 9.00
CMA HEM E . 2.71 24.14 10.57
CAA HEM E . 1.21 23.78 7.70
CBA HEM E . 0.99 25.24 7.37
CGA HEM E . 0.65 25.88 8.68
O1A HEM E . 1.41 26.79 9.12
O2A HEM E . -0.36 25.44 9.32
C1B HEM E . 7.05 23.45 9.78
C2B HEM E . 8.03 23.37 10.81
C3B HEM E . 9.22 23.26 10.24
C4B HEM E . 9.06 23.28 8.80
CMB HEM E . 7.75 23.38 12.31
CAB HEM E . 10.51 23.16 11.06
CBB HEM E . 11.69 23.02 10.45
C1C HEM E . 9.84 23.11 6.44
C2C HEM E . 10.89 23.05 5.43
C3C HEM E . 10.32 22.99 4.23
C4C HEM E . 8.87 22.98 4.41
CMC HEM E . 12.42 23.05 5.71
CAC HEM E . 11.14 22.91 2.92
CBC HEM E . 10.58 23.12 1.71
C1D HEM E . 6.49 22.92 3.67
C2D HEM E . 5.43 22.84 2.67
C3D HEM E . 4.24 22.86 3.29
C4D HEM E . 4.48 22.98 4.71
CMD HEM E . 5.63 22.73 1.15
CAD HEM E . 2.85 22.81 2.61
CBD HEM E . 2.20 21.48 2.92
CGD HEM E . 2.64 20.52 1.84
O1D HEM E . 2.72 20.93 0.65
O2D HEM E . 2.87 19.34 2.16
NA HEM E . 4.94 23.21 7.67
NB HEM E . 7.72 23.40 8.56
NC HEM E . 8.63 23.06 5.78
ND HEM E . 5.85 23.01 4.90
FE HEM E . 6.73 23.33 6.72
O NFK F . 5.05 43.14 23.70
C NFK F . 5.11 42.51 24.78
OXT NFK F . 4.88 41.26 24.78
CA NFK F . 5.45 43.26 26.06
N NFK F . 6.44 42.52 26.84
CB NFK F . 5.96 44.67 25.79
CG NFK F . 7.22 44.63 24.93
OD1 NFK F . 7.77 43.60 24.80
CD2 NFK F . 7.84 45.81 24.18
CAJ NFK F . 8.95 45.45 23.41
CAH NFK F . 9.62 46.39 22.67
CAG NFK F . 9.18 47.71 22.71
CAI NFK F . 8.09 48.06 23.47
CAO NFK F . 7.39 47.13 24.22
NAL NFK F . 6.24 47.56 25.01
CAF NFK F . 5.91 48.94 25.38
OAB NFK F . 6.54 49.90 25.09
P PO4 G . 24.67 27.19 14.40
O1 PO4 G . 24.47 28.28 15.43
O2 PO4 G . 26.04 26.56 14.45
O3 PO4 G . 24.52 27.86 13.06
O4 PO4 G . 23.66 26.09 14.65
C1 GOL H . 21.19 22.74 19.36
O1 GOL H . 20.50 23.76 18.67
C2 GOL H . 20.65 21.37 18.92
O2 GOL H . 20.50 21.36 17.53
C3 GOL H . 21.66 20.27 19.26
O3 GOL H . 22.77 20.33 18.40
C1 GOL I . 29.71 54.16 2.20
O1 GOL I . 30.37 55.33 1.80
C2 GOL I . 28.71 54.50 3.31
O2 GOL I . 27.94 55.65 2.99
C3 GOL I . 27.86 53.26 3.55
O3 GOL I . 26.91 53.56 4.53
C1 GOL J . 20.25 10.22 -13.41
O1 GOL J . 19.91 9.94 -14.74
C2 GOL J . 19.41 9.35 -12.48
O2 GOL J . 19.55 7.98 -12.83
C3 GOL J . 19.88 9.53 -11.04
O3 GOL J . 19.39 8.44 -10.30
C1 GOL K . 28.63 45.20 2.30
O1 GOL K . 29.06 44.16 1.46
C2 GOL K . 28.66 44.75 3.76
O2 GOL K . 29.79 43.94 4.01
C3 GOL K . 28.74 46.01 4.62
O3 GOL K . 27.56 46.75 4.43
C1 GOL L . 19.51 60.50 10.30
O1 GOL L . 19.80 60.38 11.67
C2 GOL L . 20.18 59.36 9.51
O2 GOL L . 19.94 58.14 10.17
C3 GOL L . 19.68 59.32 8.05
O3 GOL L . 20.59 59.93 7.16
C1 GOL M . -2.68 58.03 0.36
O1 GOL M . -3.14 59.31 0.68
C2 GOL M . -2.43 57.28 1.67
O2 GOL M . -1.95 55.98 1.45
C3 GOL M . -1.46 58.06 2.54
O3 GOL M . -2.18 58.64 3.59
O1 OXY N . 7.31 26.61 8.89
O2 OXY N . 6.69 25.90 8.18
CHA HEM O . -2.84 -20.08 0.52
CHB HEM O . -7.61 -19.21 0.23
CHC HEM O . -7.39 -19.24 -4.64
CHD HEM O . -2.72 -20.56 -4.27
C1A HEM O . -4.17 -19.91 0.84
C2A HEM O . -4.72 -20.06 2.17
C3A HEM O . -6.04 -19.82 2.09
C4A HEM O . -6.36 -19.52 0.71
CMA HEM O . -7.07 -19.85 3.24
CAA HEM O . -3.86 -20.44 3.41
CBA HEM O . -4.00 -21.94 3.63
CGA HEM O . -5.24 -22.18 4.46
O1A HEM O . -6.08 -23.03 4.06
O2A HEM O . -5.42 -21.49 5.50
C1B HEM O . -7.94 -19.07 -1.11
C2B HEM O . -9.21 -18.59 -1.60
C3B HEM O . -9.16 -18.58 -2.93
C4B HEM O . -7.88 -19.08 -3.36
CMB HEM O . -10.40 -18.13 -0.72
CAB HEM O . -10.36 -18.13 -3.81
CBB HEM O . -10.22 -18.03 -5.14
C1C HEM O . -6.12 -19.67 -4.98
C2C HEM O . -5.64 -20.05 -6.30
C3C HEM O . -4.34 -20.40 -6.16
C4C HEM O . -3.98 -20.27 -4.77
CMC HEM O . -6.50 -20.02 -7.58
CAC HEM O . -3.30 -20.93 -7.20
CBC HEM O . -3.64 -21.58 -8.31
C1D HEM O . -2.31 -20.52 -2.96
C2D HEM O . -0.97 -20.76 -2.43
C3D HEM O . -1.00 -20.63 -1.11
C4D HEM O . -2.37 -20.29 -0.74
CMD HEM O . 0.28 -21.13 -3.24
CAD HEM O . 0.19 -20.79 -0.14
CBD HEM O . 0.66 -19.38 0.25
CGD HEM O . 1.59 -18.80 -0.80
O1D HEM O . 2.35 -19.58 -1.44
O2D HEM O . 1.60 -17.55 -1.02
NA HEM O . -5.20 -19.59 -0.02
NB HEM O . -7.16 -19.35 -2.21
NC HEM O . -5.08 -19.81 -4.08
ND HEM O . -3.14 -20.25 -1.88
FE HEM O . -5.24 -19.79 -2.08
C1 GOL P . -20.85 -21.11 -10.82
O1 GOL P . -20.20 -21.85 -9.81
C2 GOL P . -22.31 -21.58 -10.87
O2 GOL P . -22.30 -22.98 -10.85
C3 GOL P . -23.08 -21.06 -9.65
O3 GOL P . -22.51 -19.85 -9.19
C1 GOL Q . -23.37 -43.46 -11.09
O1 GOL Q . -24.19 -42.99 -12.14
C2 GOL Q . -23.39 -44.98 -11.10
O2 GOL Q . -24.68 -45.46 -10.77
C3 GOL Q . -22.99 -45.43 -12.52
O3 GOL Q . -22.05 -44.51 -13.01
C1 GOL R . -3.44 -50.12 -6.02
O1 GOL R . -2.67 -50.92 -5.14
C2 GOL R . -4.77 -50.81 -6.35
O2 GOL R . -5.48 -50.10 -7.33
C3 GOL R . -4.48 -52.23 -6.84
O3 GOL R . -3.75 -52.90 -5.84
C1 GOL S . -7.75 -50.64 13.38
O1 GOL S . -8.99 -50.99 13.94
C2 GOL S . -7.07 -51.88 12.81
O2 GOL S . -5.69 -51.68 12.65
C3 GOL S . -7.33 -53.07 13.73
O3 GOL S . -8.71 -53.37 13.74
C1 GOL T . -20.06 -41.63 16.44
O1 GOL T . -20.07 -42.87 15.79
C2 GOL T . -19.13 -40.73 15.65
O2 GOL T . -19.06 -41.21 14.33
C3 GOL T . -19.73 -39.33 15.67
O3 GOL T . -20.08 -39.05 17.00
C1 GOL U . -27.73 -40.31 10.80
O1 GOL U . -28.44 -40.30 9.58
C2 GOL U . -26.80 -41.52 10.85
O2 GOL U . -25.78 -41.35 11.80
C3 GOL U . -27.60 -42.77 11.18
O3 GOL U . -28.23 -43.22 10.01
O1 OXY V . -10.13 -23.87 3.86
O2 OXY V . -9.32 -24.35 3.17
CHA HEM W . -26.25 0.38 -23.19
CHB HEM W . -25.03 -4.12 -24.42
CHC HEM W . -26.79 -6.05 -20.30
CHD HEM W . -28.59 -1.63 -19.39
C1A HEM W . -25.78 -0.67 -23.94
C2A HEM W . -25.24 -0.62 -25.29
C3A HEM W . -24.88 -1.89 -25.61
C4A HEM W . -25.22 -2.75 -24.49
CMA HEM W . -24.25 -2.38 -26.94
CAA HEM W . -25.06 0.67 -26.14
CBA HEM W . -25.67 0.64 -27.54
CGA HEM W . -26.84 -0.31 -27.56
O1A HEM W . -27.78 -0.10 -26.75
O2A HEM W . -26.83 -1.25 -28.39
C1B HEM W . -25.30 -5.01 -23.39
C2B HEM W . -24.82 -6.37 -23.31
C3B HEM W . -25.29 -6.92 -22.20
C4B HEM W . -26.10 -5.94 -21.51
CMB HEM W . -23.92 -7.06 -24.34
CAB HEM W . -24.97 -8.39 -21.81
CBB HEM W . -25.47 -8.93 -20.71
C1C HEM W . -27.49 -5.03 -19.70
C2C HEM W . -28.37 -5.11 -18.54
C3C HEM W . -28.85 -3.87 -18.31
C4C HEM W . -28.31 -2.97 -19.31
CMC HEM W . -28.65 -6.40 -17.74
CAC HEM W . -29.84 -3.34 -17.23
CBC HEM W . -30.61 -4.14 -16.48
C1D HEM W . -28.12 -0.70 -20.32
C2D HEM W . -28.42 0.72 -20.34
C3D HEM W . -27.78 1.28 -21.38
C4D HEM W . -27.04 0.22 -22.06
CMD HEM W . -29.33 1.50 -19.36
CAD HEM W . -27.83 2.78 -21.77
CBD HEM W . -26.53 3.42 -21.28
CGD HEM W . -26.70 3.86 -19.84
O1D HEM W . -27.81 4.40 -19.52
O2D HEM W . -25.74 3.70 -19.04
NA HEM W . -25.76 -1.98 -23.50
NB HEM W . -26.06 -4.79 -22.27
NC HEM W . -27.48 -3.71 -20.13
ND HEM W . -27.28 -0.97 -21.38
FE HEM W . -26.65 -2.92 -21.85
O NFK X . -15.79 -6.61 -6.84
C NFK X . -17.03 -6.85 -6.92
OXT NFK X . -17.59 -7.53 -6.02
CA NFK X . -17.82 -6.31 -8.13
N NFK X . -18.52 -5.08 -7.85
CB NFK X . -16.90 -6.11 -9.34
CG NFK X . -16.26 -7.44 -9.73
OD1 NFK X . -16.61 -8.41 -9.18
CD2 NFK X . -15.20 -7.58 -10.81
CAJ NFK X . -15.46 -8.39 -11.90
CAH NFK X . -14.50 -8.56 -12.89
CAG NFK X . -13.28 -7.91 -12.78
CAI NFK X . -13.01 -7.09 -11.69
CAO NFK X . -13.97 -6.93 -10.68
NAL NFK X . -13.69 -6.08 -9.52
CAF NFK X . -12.73 -6.43 -8.47
OAB NFK X . -12.10 -7.43 -8.47
N TRP Y . -23.61 -3.52 -30.86
CA TRP Y . -24.55 -4.57 -30.64
C TRP Y . -24.11 -5.84 -31.39
O TRP Y . -23.62 -6.83 -30.75
CB TRP Y . -25.98 -4.10 -31.11
CG TRP Y . -27.18 -4.22 -30.05
CD1 TRP Y . -28.48 -3.77 -30.28
CD2 TRP Y . -27.22 -4.79 -28.73
NE1 TRP Y . -29.24 -4.02 -29.23
CE2 TRP Y . -28.51 -4.63 -28.27
CE3 TRP Y . -26.27 -5.41 -27.90
CZ2 TRP Y . -28.89 -5.08 -27.00
CZ3 TRP Y . -26.65 -5.86 -26.63
CH2 TRP Y . -27.95 -5.69 -26.18
OXT TRP Y . -24.20 -5.94 -32.64
P PO4 Z . -50.85 -4.05 -15.47
O1 PO4 Z . -49.33 -3.99 -15.50
O2 PO4 Z . -51.44 -2.95 -16.33
O3 PO4 Z . -51.22 -3.89 -14.01
O4 PO4 Z . -51.38 -5.37 -16.01
C1 GOL AA . -39.80 -21.77 -25.17
O1 GOL AA . -40.84 -21.28 -25.98
C2 GOL AA . -38.46 -21.31 -25.77
O2 GOL AA . -37.38 -21.80 -24.98
C3 GOL AA . -38.33 -21.78 -27.23
O3 GOL AA . -39.59 -22.14 -27.73
C1 GOL BA . -50.33 -23.58 -20.78
O1 GOL BA . -50.91 -22.90 -21.86
C2 GOL BA . -50.10 -22.65 -19.59
O2 GOL BA . -51.31 -22.04 -19.24
C3 GOL BA . -49.61 -23.44 -18.38
O3 GOL BA . -48.40 -24.10 -18.67
C1 GOL CA . -44.77 4.46 -34.44
O1 GOL CA . -43.93 4.67 -33.32
C2 GOL CA . -45.80 3.35 -34.17
O2 GOL CA . -46.27 3.44 -32.84
C3 GOL CA . -46.99 3.44 -35.16
O3 GOL CA . -47.52 2.14 -35.42
C1 GOL DA . -28.75 -0.81 -33.54
O1 GOL DA . -28.58 -2.09 -32.97
C2 GOL DA . -29.70 -0.95 -34.72
O2 GOL DA . -30.14 0.29 -35.16
C3 GOL DA . -28.96 -1.68 -35.84
O3 GOL DA . -28.50 -2.90 -35.32
C1 GOL EA . -37.96 -8.31 -51.28
O1 GOL EA . -37.16 -7.38 -51.95
C2 GOL EA . -37.43 -8.45 -49.85
O2 GOL EA . -38.29 -9.25 -49.08
C3 GOL EA . -36.02 -9.05 -49.87
O3 GOL EA . -35.11 -8.08 -50.33
C1 GOL FA . -29.03 1.93 5.99
O1 GOL FA . -30.24 2.65 5.88
C2 GOL FA . -28.79 1.15 4.68
O2 GOL FA . -27.76 0.22 4.84
C3 GOL FA . -30.09 0.46 4.25
O3 GOL FA . -30.49 -0.43 5.25
C1 GOL GA . -27.74 -21.41 -19.11
O1 GOL GA . -27.88 -21.72 -17.74
C2 GOL GA . -29.15 -21.15 -19.67
O2 GOL GA . -29.17 -20.94 -21.08
C3 GOL GA . -30.01 -22.33 -19.19
O3 GOL GA . -29.94 -22.39 -17.78
CL CL HA . -13.18 -1.61 -19.16
CHA HEM IA . 27.69 -4.89 18.09
CHB HEM IA . 27.91 -1.16 14.96
CHC HEM IA . 25.13 1.65 17.88
CHD HEM IA . 25.27 -1.98 21.10
C1A HEM IA . 28.09 -4.07 17.05
C2A HEM IA . 29.17 -4.31 16.13
C3A HEM IA . 29.23 -3.28 15.26
C4A HEM IA . 28.18 -2.35 15.60
CMA HEM IA . 30.21 -3.07 14.08
CAA HEM IA . 30.05 -5.58 16.19
CBA HEM IA . 31.45 -5.16 16.62
CGA HEM IA . 32.31 -5.17 15.38
O1A HEM IA . 33.16 -4.26 15.25
O2A HEM IA . 32.11 -6.07 14.52
C1B HEM IA . 27.14 -0.11 15.45
C2B HEM IA . 26.83 1.12 14.74
C3B HEM IA . 26.07 1.90 15.50
C4B HEM IA . 25.85 1.23 16.77
CMB HEM IA . 27.28 1.44 13.30
CAB HEM IA . 25.57 3.29 15.00
CBB HEM IA . 24.65 3.99 15.65
C1C HEM IA . 24.96 0.93 19.05
C2C HEM IA . 24.36 1.37 20.30
C3C HEM IA . 24.39 0.35 21.18
C4C HEM IA . 25.03 -0.76 20.51
CMC HEM IA . 23.76 2.78 20.52
CAC HEM IA . 23.92 0.22 22.64
CBC HEM IA . 23.47 1.23 23.39
C1D HEM IA . 25.93 -3.09 20.59
C2D HEM IA . 26.10 -4.36 21.25
C3D HEM IA . 26.76 -5.20 20.43
C4D HEM IA . 27.02 -4.46 19.21
CMD HEM IA . 25.59 -4.64 22.67
CAD HEM IA . 27.16 -6.67 20.72
CBD HEM IA . 26.17 -7.62 20.06
CGD HEM IA . 24.91 -7.73 20.91
O1D HEM IA . 25.06 -7.73 22.16
O2D HEM IA . 23.78 -7.85 20.37
NA HEM IA . 27.51 -2.85 16.69
NB HEM IA . 26.53 0.01 16.69
NC HEM IA . 25.36 -0.37 19.21
ND HEM IA . 26.51 -3.18 19.34
FE HEM IA . 26.58 -1.54 17.97
O NFK JA . 51.94 21.13 21.23
C NFK JA . 51.55 21.50 22.38
OXT NFK JA . 50.92 20.64 23.10
CA NFK JA . 51.82 22.98 22.84
N NFK JA . 50.77 23.41 23.73
CB NFK JA . 53.07 23.33 23.68
CG NFK JA . 54.50 22.96 23.25
OD1 NFK JA . 54.95 23.47 22.27
CD2 NFK JA . 55.35 22.01 24.14
CAJ NFK JA . 55.61 22.40 25.45
CAH NFK JA . 56.35 21.59 26.31
CAG NFK JA . 56.85 20.37 25.86
CAI NFK JA . 56.60 19.96 24.56
CAO NFK JA . 55.87 20.78 23.71
NAL NFK JA . 55.63 20.30 22.37
CAF NFK JA . 54.41 19.57 22.09
OAB NFK JA . 54.18 19.17 21.00
O NFK KA . 11.98 8.64 9.00
C NFK KA . 13.10 8.32 9.47
OXT NFK KA . 13.27 7.21 10.04
CA NFK KA . 14.25 9.33 9.37
N NFK KA . 14.51 9.88 10.69
CB NFK KA . 15.53 8.74 8.78
CG NFK KA . 15.43 8.46 7.27
OD1 NFK KA . 14.82 9.18 6.54
CD2 NFK KA . 16.14 7.23 6.69
CAJ NFK KA . 15.64 5.95 6.92
CAH NFK KA . 16.28 4.83 6.38
CAG NFK KA . 17.41 5.01 5.60
CAI NFK KA . 17.90 6.29 5.36
CAO NFK KA . 17.27 7.40 5.89
NAL NFK KA . 17.78 8.75 5.67
CAF NFK KA . 17.58 9.40 4.38
OAB NFK KA . 16.99 8.82 3.54
N TRP LA . 61.07 -5.64 28.98
CA TRP LA . 59.73 -5.16 29.16
C TRP LA . 58.75 -5.95 28.26
O TRP LA . 58.72 -5.78 27.00
CB TRP LA . 59.59 -3.58 29.02
CG TRP LA . 60.22 -2.84 27.76
CD1 TRP LA . 59.97 -3.08 26.41
CD2 TRP LA . 61.15 -1.73 27.76
NE1 TRP LA . 60.67 -2.23 25.64
CE2 TRP LA . 61.39 -1.41 26.44
CE3 TRP LA . 61.80 -1.00 28.76
CZ2 TRP LA . 62.28 -0.37 26.10
CZ3 TRP LA . 62.66 0.04 28.43
CH2 TRP LA . 62.91 0.36 27.10
OXT TRP LA . 57.97 -6.80 28.76
N TRP MA . 32.52 16.67 14.97
CA TRP MA . 31.28 17.11 14.43
C TRP MA . 31.47 18.57 13.92
O TRP MA . 32.61 18.93 13.41
CB TRP MA . 30.14 16.88 15.51
CG TRP MA . 28.70 16.42 14.95
CD1 TRP MA . 27.79 15.55 15.57
CD2 TRP MA . 28.04 16.78 13.72
NE1 TRP MA . 26.70 15.37 14.83
CE2 TRP MA . 26.83 16.11 13.71
CE3 TRP MA . 28.39 17.59 12.64
CZ2 TRP MA . 25.96 16.24 12.62
CZ3 TRP MA . 27.52 17.72 11.56
CH2 TRP MA . 26.31 17.05 11.55
OXT TRP MA . 30.56 19.46 13.97
C1 GOL NA . 35.70 20.26 21.48
O1 GOL NA . 37.04 20.15 21.91
C2 GOL NA . 35.47 19.18 20.42
O2 GOL NA . 34.14 19.13 19.98
C3 GOL NA . 36.45 19.44 19.27
O3 GOL NA . 37.64 18.75 19.57
C1 GOL OA . 48.21 13.72 8.46
O1 GOL OA . 47.73 12.98 9.56
C2 GOL OA . 49.07 12.86 7.53
O2 GOL OA . 50.02 12.12 8.27
C3 GOL OA . 48.22 11.95 6.62
O3 GOL OA . 48.73 10.65 6.59
CL CL PA . 50.74 14.22 43.74
O1 OXY QA . 35.02 -0.44 14.35
O2 OXY QA . 33.87 -0.41 14.12
#